data_4RTY
# 
_entry.id   4RTY 
# 
_audit_conform.dict_name       mmcif_pdbx.dic 
_audit_conform.dict_version    5.399 
_audit_conform.dict_location   http://mmcif.pdb.org/dictionaries/ascii/mmcif_pdbx.dic 
# 
loop_
_database_2.database_id 
_database_2.database_code 
_database_2.pdbx_database_accession 
_database_2.pdbx_DOI 
PDB   4RTY         pdb_00004rty 10.2210/pdb4rty/pdb 
RCSB  RCSB087792   ?            ?                   
WWPDB D_1000087792 ?            ?                   
# 
loop_
_pdbx_audit_revision_history.ordinal 
_pdbx_audit_revision_history.data_content_type 
_pdbx_audit_revision_history.major_revision 
_pdbx_audit_revision_history.minor_revision 
_pdbx_audit_revision_history.revision_date 
1 'Structure model' 1 0 2015-10-28 
2 'Structure model' 1 1 2023-09-20 
3 'Structure model' 1 2 2024-11-20 
# 
_pdbx_audit_revision_details.ordinal             1 
_pdbx_audit_revision_details.revision_ordinal    1 
_pdbx_audit_revision_details.data_content_type   'Structure model' 
_pdbx_audit_revision_details.provider            repository 
_pdbx_audit_revision_details.type                'Initial release' 
_pdbx_audit_revision_details.description         ? 
_pdbx_audit_revision_details.details             ? 
# 
loop_
_pdbx_audit_revision_group.ordinal 
_pdbx_audit_revision_group.revision_ordinal 
_pdbx_audit_revision_group.data_content_type 
_pdbx_audit_revision_group.group 
1 2 'Structure model' 'Data collection'        
2 2 'Structure model' 'Database references'    
3 2 'Structure model' 'Derived calculations'   
4 2 'Structure model' 'Refinement description' 
5 3 'Structure model' 'Structure summary'      
# 
loop_
_pdbx_audit_revision_category.ordinal 
_pdbx_audit_revision_category.revision_ordinal 
_pdbx_audit_revision_category.data_content_type 
_pdbx_audit_revision_category.category 
1 2 'Structure model' chem_comp_atom                
2 2 'Structure model' chem_comp_bond                
3 2 'Structure model' database_2                    
4 2 'Structure model' pdbx_initial_refinement_model 
5 2 'Structure model' struct_conn                   
6 2 'Structure model' struct_ref_seq_dif            
7 2 'Structure model' struct_site                   
8 3 'Structure model' pdbx_entry_details            
9 3 'Structure model' pdbx_modification_feature     
# 
loop_
_pdbx_audit_revision_item.ordinal 
_pdbx_audit_revision_item.revision_ordinal 
_pdbx_audit_revision_item.data_content_type 
_pdbx_audit_revision_item.item 
1 2 'Structure model' '_database_2.pdbx_DOI'                
2 2 'Structure model' '_database_2.pdbx_database_accession' 
3 2 'Structure model' '_struct_conn.pdbx_leaving_atom_flag' 
4 2 'Structure model' '_struct_ref_seq_dif.details'         
5 2 'Structure model' '_struct_site.pdbx_auth_asym_id'      
6 2 'Structure model' '_struct_site.pdbx_auth_comp_id'      
7 2 'Structure model' '_struct_site.pdbx_auth_seq_id'       
# 
_pdbx_database_status.entry_id                        4RTY 
_pdbx_database_status.status_code                     REL 
_pdbx_database_status.deposit_site                    RCSB 
_pdbx_database_status.process_site                    RCSB 
_pdbx_database_status.recvd_initial_deposition_date   2014-11-16 
_pdbx_database_status.status_code_sf                  REL 
_pdbx_database_status.status_code_mr                  ? 
_pdbx_database_status.SG_entry                        ? 
_pdbx_database_status.status_code_cs                  ? 
_pdbx_database_status.methods_development_category    ? 
_pdbx_database_status.pdb_format_compatible           Y 
_pdbx_database_status.status_code_nmr_data            ? 
# 
loop_
_pdbx_database_related.db_name 
_pdbx_database_related.db_id 
_pdbx_database_related.details 
_pdbx_database_related.content_type 
PDB 4RTU . unspecified 
PDB 4RTV . unspecified 
PDB 4RTW . unspecified 
PDB 4RTX . unspecified 
PDB 4RTZ . unspecified 
# 
loop_
_audit_author.name 
_audit_author.pdbx_ordinal 
'Camara-Artigas, A.' 1 
'Bacarizo, J.'       2 
# 
_citation.id                        primary 
_citation.title                     'Crystal structure of the c-Src-SH3 domain in complex with the high affinity peptide APP12' 
_citation.journal_abbrev            'To be Published' 
_citation.journal_volume            ? 
_citation.page_first                ? 
_citation.page_last                 ? 
_citation.year                      ? 
_citation.journal_id_ASTM           ? 
_citation.country                   ? 
_citation.journal_id_ISSN           ? 
_citation.journal_id_CSD            0353 
_citation.book_publisher            ? 
_citation.pdbx_database_id_PubMed   ? 
_citation.pdbx_database_id_DOI      ? 
# 
_citation_author.citation_id        primary 
_citation_author.name               'Camara-Artigas, A.' 
_citation_author.ordinal            1 
_citation_author.identifier_ORCID   ? 
# 
loop_
_entity.id 
_entity.type 
_entity.src_method 
_entity.pdbx_description 
_entity.formula_weight 
_entity.pdbx_number_of_molecules 
_entity.pdbx_ec 
_entity.pdbx_mutation 
_entity.pdbx_fragment 
_entity.details 
1 polymer     man 'Proto-oncogene tyrosine-protein kinase Src' 6905.498 1  2.7.10.2 ? 'SH3 domain (UNP residues 85-141)' ? 
2 polymer     syn 'APP12 peptide'                              1412.705 1  ?        ? ?                                  ? 
3 non-polymer syn 'SULFATE ION'                                96.063   1  ?        ? ?                                  ? 
4 water       nat water                                        18.015   96 ?        ? ?                                  ? 
# 
_entity_name_com.entity_id   1 
_entity_name_com.name        'Proto-oncogene c-Src, pp60c-src, p60-Src' 
# 
loop_
_entity_poly.entity_id 
_entity_poly.type 
_entity_poly.nstd_linkage 
_entity_poly.nstd_monomer 
_entity_poly.pdbx_seq_one_letter_code 
_entity_poly.pdbx_seq_one_letter_code_can 
_entity_poly.pdbx_strand_id 
_entity_poly.pdbx_target_identifier 
1 'polypeptide(L)' no no  GSHMTFVALYDYESRTETDLSFKKGERLQIVNNTEGDWWLAHSLTTGQTGYIPSNYVAPSD 
GSHMTFVALYDYESRTETDLSFKKGERLQIVNNTEGDWWLAHSLTTGQTGYIPSNYVAPSD A ? 
2 'polypeptide(L)' no yes '(ACE)APPLPPRNRPRL'                                           XAPPLPPRNRPRL B ? 
# 
loop_
_pdbx_entity_nonpoly.entity_id 
_pdbx_entity_nonpoly.name 
_pdbx_entity_nonpoly.comp_id 
3 'SULFATE ION' SO4 
4 water         HOH 
# 
loop_
_entity_poly_seq.entity_id 
_entity_poly_seq.num 
_entity_poly_seq.mon_id 
_entity_poly_seq.hetero 
1 1  GLY n 
1 2  SER n 
1 3  HIS n 
1 4  MET n 
1 5  THR n 
1 6  PHE n 
1 7  VAL n 
1 8  ALA n 
1 9  LEU n 
1 10 TYR n 
1 11 ASP n 
1 12 TYR n 
1 13 GLU n 
1 14 SER n 
1 15 ARG n 
1 16 THR n 
1 17 GLU n 
1 18 THR n 
1 19 ASP n 
1 20 LEU n 
1 21 SER n 
1 22 PHE n 
1 23 LYS n 
1 24 LYS n 
1 25 GLY n 
1 26 GLU n 
1 27 ARG n 
1 28 LEU n 
1 29 GLN n 
1 30 ILE n 
1 31 VAL n 
1 32 ASN n 
1 33 ASN n 
1 34 THR n 
1 35 GLU n 
1 36 GLY n 
1 37 ASP n 
1 38 TRP n 
1 39 TRP n 
1 40 LEU n 
1 41 ALA n 
1 42 HIS n 
1 43 SER n 
1 44 LEU n 
1 45 THR n 
1 46 THR n 
1 47 GLY n 
1 48 GLN n 
1 49 THR n 
1 50 GLY n 
1 51 TYR n 
1 52 ILE n 
1 53 PRO n 
1 54 SER n 
1 55 ASN n 
1 56 TYR n 
1 57 VAL n 
1 58 ALA n 
1 59 PRO n 
1 60 SER n 
1 61 ASP n 
2 1  ACE n 
2 2  ALA n 
2 3  PRO n 
2 4  PRO n 
2 5  LEU n 
2 6  PRO n 
2 7  PRO n 
2 8  ARG n 
2 9  ASN n 
2 10 ARG n 
2 11 PRO n 
2 12 ARG n 
2 13 LEU n 
# 
_entity_src_gen.entity_id                          1 
_entity_src_gen.pdbx_src_id                        1 
_entity_src_gen.pdbx_alt_source_flag               sample 
_entity_src_gen.pdbx_seq_type                      ? 
_entity_src_gen.pdbx_beg_seq_num                   ? 
_entity_src_gen.pdbx_end_seq_num                   ? 
_entity_src_gen.gene_src_common_name               bantam,chickens 
_entity_src_gen.gene_src_genus                     ? 
_entity_src_gen.pdbx_gene_src_gene                 SRC 
_entity_src_gen.gene_src_species                   ? 
_entity_src_gen.gene_src_strain                    ? 
_entity_src_gen.gene_src_tissue                    ? 
_entity_src_gen.gene_src_tissue_fraction           ? 
_entity_src_gen.gene_src_details                   ? 
_entity_src_gen.pdbx_gene_src_fragment             ? 
_entity_src_gen.pdbx_gene_src_scientific_name      'Gallus gallus' 
_entity_src_gen.pdbx_gene_src_ncbi_taxonomy_id     9031 
_entity_src_gen.pdbx_gene_src_variant              ? 
_entity_src_gen.pdbx_gene_src_cell_line            ? 
_entity_src_gen.pdbx_gene_src_atcc                 ? 
_entity_src_gen.pdbx_gene_src_organ                ? 
_entity_src_gen.pdbx_gene_src_organelle            ? 
_entity_src_gen.pdbx_gene_src_cell                 ? 
_entity_src_gen.pdbx_gene_src_cellular_location    ? 
_entity_src_gen.host_org_common_name               ? 
_entity_src_gen.pdbx_host_org_scientific_name      'Escherichia coli' 
_entity_src_gen.pdbx_host_org_ncbi_taxonomy_id     469008 
_entity_src_gen.host_org_genus                     ? 
_entity_src_gen.pdbx_host_org_gene                 ? 
_entity_src_gen.pdbx_host_org_organ                ? 
_entity_src_gen.host_org_species                   ? 
_entity_src_gen.pdbx_host_org_tissue               ? 
_entity_src_gen.pdbx_host_org_tissue_fraction      ? 
_entity_src_gen.pdbx_host_org_strain               'BL21(DE3)' 
_entity_src_gen.pdbx_host_org_variant              ? 
_entity_src_gen.pdbx_host_org_cell_line            ? 
_entity_src_gen.pdbx_host_org_atcc                 ? 
_entity_src_gen.pdbx_host_org_culture_collection   ? 
_entity_src_gen.pdbx_host_org_cell                 ? 
_entity_src_gen.pdbx_host_org_organelle            ? 
_entity_src_gen.pdbx_host_org_cellular_location    ? 
_entity_src_gen.pdbx_host_org_vector_type          plasmid 
_entity_src_gen.pdbx_host_org_vector               ? 
_entity_src_gen.host_org_details                   ? 
_entity_src_gen.expression_system_id               ? 
_entity_src_gen.plasmid_name                       pET15b 
_entity_src_gen.plasmid_details                    ? 
_entity_src_gen.pdbx_description                   ? 
# 
_pdbx_entity_src_syn.entity_id              2 
_pdbx_entity_src_syn.pdbx_src_id            1 
_pdbx_entity_src_syn.pdbx_alt_source_flag   sample 
_pdbx_entity_src_syn.pdbx_beg_seq_num       ? 
_pdbx_entity_src_syn.pdbx_end_seq_num       ? 
_pdbx_entity_src_syn.organism_scientific    ? 
_pdbx_entity_src_syn.organism_common_name   ? 
_pdbx_entity_src_syn.ncbi_taxonomy_id       32630 
_pdbx_entity_src_syn.details                'Synthetic high affinity peptide' 
# 
loop_
_chem_comp.id 
_chem_comp.type 
_chem_comp.mon_nstd_flag 
_chem_comp.name 
_chem_comp.pdbx_synonyms 
_chem_comp.formula 
_chem_comp.formula_weight 
ACE non-polymer         . 'ACETYL GROUP'  ? 'C2 H4 O'        44.053  
ALA 'L-peptide linking' y ALANINE         ? 'C3 H7 N O2'     89.093  
ARG 'L-peptide linking' y ARGININE        ? 'C6 H15 N4 O2 1' 175.209 
ASN 'L-peptide linking' y ASPARAGINE      ? 'C4 H8 N2 O3'    132.118 
ASP 'L-peptide linking' y 'ASPARTIC ACID' ? 'C4 H7 N O4'     133.103 
GLN 'L-peptide linking' y GLUTAMINE       ? 'C5 H10 N2 O3'   146.144 
GLU 'L-peptide linking' y 'GLUTAMIC ACID' ? 'C5 H9 N O4'     147.129 
GLY 'peptide linking'   y GLYCINE         ? 'C2 H5 N O2'     75.067  
HIS 'L-peptide linking' y HISTIDINE       ? 'C6 H10 N3 O2 1' 156.162 
HOH non-polymer         . WATER           ? 'H2 O'           18.015  
ILE 'L-peptide linking' y ISOLEUCINE      ? 'C6 H13 N O2'    131.173 
LEU 'L-peptide linking' y LEUCINE         ? 'C6 H13 N O2'    131.173 
LYS 'L-peptide linking' y LYSINE          ? 'C6 H15 N2 O2 1' 147.195 
MET 'L-peptide linking' y METHIONINE      ? 'C5 H11 N O2 S'  149.211 
PHE 'L-peptide linking' y PHENYLALANINE   ? 'C9 H11 N O2'    165.189 
PRO 'L-peptide linking' y PROLINE         ? 'C5 H9 N O2'     115.130 
SER 'L-peptide linking' y SERINE          ? 'C3 H7 N O3'     105.093 
SO4 non-polymer         . 'SULFATE ION'   ? 'O4 S -2'        96.063  
THR 'L-peptide linking' y THREONINE       ? 'C4 H9 N O3'     119.119 
TRP 'L-peptide linking' y TRYPTOPHAN      ? 'C11 H12 N2 O2'  204.225 
TYR 'L-peptide linking' y TYROSINE        ? 'C9 H11 N O3'    181.189 
VAL 'L-peptide linking' y VALINE          ? 'C5 H11 N O2'    117.146 
# 
loop_
_pdbx_poly_seq_scheme.asym_id 
_pdbx_poly_seq_scheme.entity_id 
_pdbx_poly_seq_scheme.seq_id 
_pdbx_poly_seq_scheme.mon_id 
_pdbx_poly_seq_scheme.ndb_seq_num 
_pdbx_poly_seq_scheme.pdb_seq_num 
_pdbx_poly_seq_scheme.auth_seq_num 
_pdbx_poly_seq_scheme.pdb_mon_id 
_pdbx_poly_seq_scheme.auth_mon_id 
_pdbx_poly_seq_scheme.pdb_strand_id 
_pdbx_poly_seq_scheme.pdb_ins_code 
_pdbx_poly_seq_scheme.hetero 
A 1 1  GLY 1  81  ?   ?   ?   A . n 
A 1 2  SER 2  82  ?   ?   ?   A . n 
A 1 3  HIS 3  83  ?   ?   ?   A . n 
A 1 4  MET 4  84  84  MET MET A . n 
A 1 5  THR 5  85  85  THR THR A . n 
A 1 6  PHE 6  86  86  PHE PHE A . n 
A 1 7  VAL 7  87  87  VAL VAL A . n 
A 1 8  ALA 8  88  88  ALA ALA A . n 
A 1 9  LEU 9  89  89  LEU LEU A . n 
A 1 10 TYR 10 90  90  TYR TYR A . n 
A 1 11 ASP 11 91  91  ASP ASP A . n 
A 1 12 TYR 12 92  92  TYR TYR A . n 
A 1 13 GLU 13 93  93  GLU GLU A . n 
A 1 14 SER 14 94  94  SER SER A . n 
A 1 15 ARG 15 95  95  ARG ARG A . n 
A 1 16 THR 16 96  96  THR THR A . n 
A 1 17 GLU 17 97  97  GLU GLU A . n 
A 1 18 THR 18 98  98  THR THR A . n 
A 1 19 ASP 19 99  99  ASP ASP A . n 
A 1 20 LEU 20 100 100 LEU LEU A . n 
A 1 21 SER 21 101 101 SER SER A . n 
A 1 22 PHE 22 102 102 PHE PHE A . n 
A 1 23 LYS 23 103 103 LYS LYS A . n 
A 1 24 LYS 24 104 104 LYS LYS A . n 
A 1 25 GLY 25 105 105 GLY GLY A . n 
A 1 26 GLU 26 106 106 GLU GLU A . n 
A 1 27 ARG 27 107 107 ARG ARG A . n 
A 1 28 LEU 28 108 108 LEU LEU A . n 
A 1 29 GLN 29 109 109 GLN GLN A . n 
A 1 30 ILE 30 110 110 ILE ILE A . n 
A 1 31 VAL 31 111 111 VAL VAL A . n 
A 1 32 ASN 32 112 112 ASN ASN A . n 
A 1 33 ASN 33 113 113 ASN ASN A . n 
A 1 34 THR 34 114 114 THR THR A . n 
A 1 35 GLU 35 115 115 GLU GLU A . n 
A 1 36 GLY 36 116 116 GLY GLY A . n 
A 1 37 ASP 37 117 117 ASP ASP A . n 
A 1 38 TRP 38 118 118 TRP TRP A . n 
A 1 39 TRP 39 119 119 TRP TRP A . n 
A 1 40 LEU 40 120 120 LEU LEU A . n 
A 1 41 ALA 41 121 121 ALA ALA A . n 
A 1 42 HIS 42 122 122 HIS HIS A . n 
A 1 43 SER 43 123 123 SER SER A . n 
A 1 44 LEU 44 124 124 LEU LEU A . n 
A 1 45 THR 45 125 125 THR THR A . n 
A 1 46 THR 46 126 126 THR THR A . n 
A 1 47 GLY 47 127 127 GLY GLY A . n 
A 1 48 GLN 48 128 128 GLN GLN A . n 
A 1 49 THR 49 129 129 THR THR A . n 
A 1 50 GLY 50 130 130 GLY GLY A . n 
A 1 51 TYR 51 131 131 TYR TYR A . n 
A 1 52 ILE 52 132 132 ILE ILE A . n 
A 1 53 PRO 53 133 133 PRO PRO A . n 
A 1 54 SER 54 134 134 SER SER A . n 
A 1 55 ASN 55 135 135 ASN ASN A . n 
A 1 56 TYR 56 136 136 TYR TYR A . n 
A 1 57 VAL 57 137 137 VAL VAL A . n 
A 1 58 ALA 58 138 138 ALA ALA A . n 
A 1 59 PRO 59 139 139 PRO PRO A . n 
A 1 60 SER 60 140 140 SER SER A . n 
A 1 61 ASP 61 141 141 ASP ASP A . n 
B 2 1  ACE 1  0   0   ACE ACE B . n 
B 2 2  ALA 2  1   1   ALA ALA B . n 
B 2 3  PRO 3  2   2   PRO PRO B . n 
B 2 4  PRO 4  3   3   PRO PRO B . n 
B 2 5  LEU 5  4   4   LEU LEU B . n 
B 2 6  PRO 6  5   5   PRO PRO B . n 
B 2 7  PRO 7  6   6   PRO PRO B . n 
B 2 8  ARG 8  7   7   ARG ARG B . n 
B 2 9  ASN 9  8   8   ASN ASN B . n 
B 2 10 ARG 10 9   9   ARG ARG B . n 
B 2 11 PRO 11 10  10  PRO PRO B . n 
B 2 12 ARG 12 11  11  ARG ARG B . n 
B 2 13 LEU 13 12  12  LEU LEU B . n 
# 
loop_
_pdbx_nonpoly_scheme.asym_id 
_pdbx_nonpoly_scheme.entity_id 
_pdbx_nonpoly_scheme.mon_id 
_pdbx_nonpoly_scheme.ndb_seq_num 
_pdbx_nonpoly_scheme.pdb_seq_num 
_pdbx_nonpoly_scheme.auth_seq_num 
_pdbx_nonpoly_scheme.pdb_mon_id 
_pdbx_nonpoly_scheme.auth_mon_id 
_pdbx_nonpoly_scheme.pdb_strand_id 
_pdbx_nonpoly_scheme.pdb_ins_code 
C 3 SO4 1  201 1  SO4 SO4 A . 
D 4 HOH 1  301 1  HOH HOH A . 
D 4 HOH 2  302 2  HOH HOH A . 
D 4 HOH 3  303 3  HOH HOH A . 
D 4 HOH 4  304 4  HOH HOH A . 
D 4 HOH 5  305 5  HOH HOH A . 
D 4 HOH 6  306 6  HOH HOH A . 
D 4 HOH 7  307 7  HOH HOH A . 
D 4 HOH 8  308 8  HOH HOH A . 
D 4 HOH 9  309 9  HOH HOH A . 
D 4 HOH 10 310 11 HOH HOH A . 
D 4 HOH 11 311 12 HOH HOH A . 
D 4 HOH 12 312 14 HOH HOH A . 
D 4 HOH 13 313 15 HOH HOH A . 
D 4 HOH 14 314 16 HOH HOH A . 
D 4 HOH 15 315 19 HOH HOH A . 
D 4 HOH 16 316 20 HOH HOH A . 
D 4 HOH 17 317 21 HOH HOH A . 
D 4 HOH 18 318 22 HOH HOH A . 
D 4 HOH 19 319 23 HOH HOH A . 
D 4 HOH 20 320 24 HOH HOH A . 
D 4 HOH 21 321 26 HOH HOH A . 
D 4 HOH 22 322 27 HOH HOH A . 
D 4 HOH 23 323 28 HOH HOH A . 
D 4 HOH 24 324 29 HOH HOH A . 
D 4 HOH 25 325 30 HOH HOH A . 
D 4 HOH 26 326 32 HOH HOH A . 
D 4 HOH 27 327 35 HOH HOH A . 
D 4 HOH 28 328 36 HOH HOH A . 
D 4 HOH 29 329 37 HOH HOH A . 
D 4 HOH 30 330 39 HOH HOH A . 
D 4 HOH 31 331 40 HOH HOH A . 
D 4 HOH 32 332 41 HOH HOH A . 
D 4 HOH 33 333 42 HOH HOH A . 
D 4 HOH 34 334 44 HOH HOH A . 
D 4 HOH 35 335 45 HOH HOH A . 
D 4 HOH 36 336 46 HOH HOH A . 
D 4 HOH 37 337 47 HOH HOH A . 
D 4 HOH 38 338 48 HOH HOH A . 
D 4 HOH 39 339 49 HOH HOH A . 
D 4 HOH 40 340 51 HOH HOH A . 
D 4 HOH 41 341 53 HOH HOH A . 
D 4 HOH 42 342 54 HOH HOH A . 
D 4 HOH 43 343 56 HOH HOH A . 
D 4 HOH 44 344 57 HOH HOH A . 
D 4 HOH 45 345 59 HOH HOH A . 
D 4 HOH 46 346 60 HOH HOH A . 
D 4 HOH 47 347 63 HOH HOH A . 
D 4 HOH 48 348 64 HOH HOH A . 
D 4 HOH 49 349 65 HOH HOH A . 
D 4 HOH 50 350 67 HOH HOH A . 
D 4 HOH 51 351 68 HOH HOH A . 
D 4 HOH 52 352 69 HOH HOH A . 
D 4 HOH 53 353 70 HOH HOH A . 
D 4 HOH 54 354 71 HOH HOH A . 
D 4 HOH 55 355 73 HOH HOH A . 
D 4 HOH 56 356 74 HOH HOH A . 
D 4 HOH 57 357 76 HOH HOH A . 
D 4 HOH 58 358 77 HOH HOH A . 
D 4 HOH 59 359 78 HOH HOH A . 
D 4 HOH 60 360 79 HOH HOH A . 
D 4 HOH 61 361 82 HOH HOH A . 
D 4 HOH 62 362 84 HOH HOH A . 
D 4 HOH 63 363 85 HOH HOH A . 
D 4 HOH 64 364 87 HOH HOH A . 
D 4 HOH 65 365 90 HOH HOH A . 
D 4 HOH 66 366 91 HOH HOH A . 
D 4 HOH 67 367 92 HOH HOH A . 
D 4 HOH 68 368 93 HOH HOH A . 
D 4 HOH 69 369 94 HOH HOH A . 
D 4 HOH 70 370 95 HOH HOH A . 
D 4 HOH 71 371 96 HOH HOH A . 
E 4 HOH 1  101 80 HOH HOH B . 
E 4 HOH 2  102 66 HOH HOH B . 
E 4 HOH 3  103 86 HOH HOH B . 
E 4 HOH 4  104 10 HOH HOH B . 
E 4 HOH 5  105 13 HOH HOH B . 
E 4 HOH 6  106 17 HOH HOH B . 
E 4 HOH 7  107 18 HOH HOH B . 
E 4 HOH 8  108 25 HOH HOH B . 
E 4 HOH 9  109 31 HOH HOH B . 
E 4 HOH 10 110 33 HOH HOH B . 
E 4 HOH 11 111 34 HOH HOH B . 
E 4 HOH 12 112 38 HOH HOH B . 
E 4 HOH 13 113 43 HOH HOH B . 
E 4 HOH 14 114 50 HOH HOH B . 
E 4 HOH 15 115 52 HOH HOH B . 
E 4 HOH 16 116 55 HOH HOH B . 
E 4 HOH 17 117 58 HOH HOH B . 
E 4 HOH 18 118 61 HOH HOH B . 
E 4 HOH 19 119 62 HOH HOH B . 
E 4 HOH 20 120 72 HOH HOH B . 
E 4 HOH 21 121 75 HOH HOH B . 
E 4 HOH 22 122 81 HOH HOH B . 
E 4 HOH 23 123 83 HOH HOH B . 
E 4 HOH 24 124 88 HOH HOH B . 
E 4 HOH 25 125 89 HOH HOH B . 
# 
loop_
_software.pdbx_ordinal 
_software.name 
_software.version 
_software.date 
_software.type 
_software.contact_author 
_software.contact_author_email 
_software.classification 
_software.location 
_software.language 
_software.citation_id 
1 Aimless     0.3.6      21/05/14         program 'Phil Evans'    ?                        'data scaling'    
http://www.mrc-lmb.cam.ac.uk/harry/pre/aimless.html ?   ? 
2 PHENIX      1.8.4_1496 ?                package 'Paul D. Adams' PDAdams@lbl.gov          refinement        
http://www.phenix-online.org/                       C++ ? 
3 PDB_EXTRACT 3.15       'July. 29, 2014' package PDB             deposit@deposit.rcsb.org 'data extraction' 
http://sw-tools.pdb.org/apps/PDB_EXTRACT/           C++ ? 
4 ADSC        Quantum    ?                ?       ?               ?                        'data collection' ? ?   ? 
5 XDS         .          ?                ?       ?               ?                        'data reduction'  ? ?   ? 
6 PHASER      .          ?                ?       ?               ?                        phasing           ? ?   ? 
# 
_cell.entry_id           4RTY 
_cell.length_a           65.910 
_cell.length_b           32.850 
_cell.length_c           31.640 
_cell.angle_alpha        90.00 
_cell.angle_beta         104.45 
_cell.angle_gamma        90.00 
_cell.Z_PDB              4 
_cell.pdbx_unique_axis   ? 
# 
_symmetry.entry_id                         4RTY 
_symmetry.space_group_name_H-M             'C 1 2 1' 
_symmetry.pdbx_full_space_group_name_H-M   ? 
_symmetry.cell_setting                     ? 
_symmetry.Int_Tables_number                5 
# 
_exptl.crystals_number   1 
_exptl.entry_id          4RTY 
_exptl.method            'X-RAY DIFFRACTION' 
# 
_exptl_crystal.id                    1 
_exptl_crystal.density_Matthews      1.99 
_exptl_crystal.density_meas          ? 
_exptl_crystal.density_percent_sol   38.31 
_exptl_crystal.description           ? 
_exptl_crystal.F_000                 ? 
_exptl_crystal.preparation           ? 
# 
_exptl_crystal_grow.crystal_id      1 
_exptl_crystal_grow.method          'VAPOR DIFFUSION, HANGING DROP' 
_exptl_crystal_grow.pH              4.0 
_exptl_crystal_grow.temp            298 
_exptl_crystal_grow.pdbx_details    
'1.6M Ammonium sulphate, 0.1M sodium acetate and 10% Glycerol, pH 4.0, vapor diffusion, hanging drop, temperature 298K' 
_exptl_crystal_grow.temp_details    ? 
_exptl_crystal_grow.pdbx_pH_range   ? 
# 
_diffrn.id                     1 
_diffrn.ambient_temp           100 
_diffrn.ambient_temp_details   ? 
_diffrn.crystal_id             1 
# 
_diffrn_detector.diffrn_id              1 
_diffrn_detector.detector               CCD 
_diffrn_detector.type                   'ADSC QUANTUM 315r' 
_diffrn_detector.pdbx_collection_date   2012-11-04 
_diffrn_detector.details                
'vertical focusing mirror (VFM) and a horizontal focusing mirror (HFM), manufactured by IRELEC.' 
# 
_diffrn_radiation.diffrn_id                        1 
_diffrn_radiation.pdbx_diffrn_protocol             'SINGLE WAVELENGTH' 
_diffrn_radiation.monochromator                    'Si(111) channel-cut crystal monochromator and a pair of KB mirrors' 
_diffrn_radiation.wavelength_id                    1 
_diffrn_radiation.pdbx_monochromatic_or_laue_m_l   M 
_diffrn_radiation.pdbx_scattering_type             x-ray 
# 
_diffrn_radiation_wavelength.id           1 
_diffrn_radiation_wavelength.wavelength   0.9334 
_diffrn_radiation_wavelength.wt           1.0 
# 
_diffrn_source.diffrn_id                   1 
_diffrn_source.source                      SYNCHROTRON 
_diffrn_source.type                        'ESRF BEAMLINE ID14-4' 
_diffrn_source.pdbx_wavelength_list        0.9334 
_diffrn_source.pdbx_wavelength             ? 
_diffrn_source.pdbx_synchrotron_site       ESRF 
_diffrn_source.pdbx_synchrotron_beamline   ID14-4 
# 
_reflns.d_resolution_high            1.280 
_reflns.d_resolution_low             20.030 
_reflns.number_obs                   17055 
_reflns.pdbx_scaling_rejects         1 
_reflns.pdbx_Rmerge_I_obs            0.049 
_reflns.pdbx_netI_over_sigmaI        20.800 
_reflns.pdbx_redundancy              4.400 
_reflns.percent_possible_obs         99.800 
_reflns.B_iso_Wilson_estimate        7.190 
_reflns.entry_id                     4RTY 
_reflns.observed_criterion_sigma_F   0 
_reflns.observed_criterion_sigma_I   0 
_reflns.number_all                   17089 
_reflns.pdbx_Rsym_value              ? 
_reflns.R_free_details               ? 
_reflns.limit_h_max                  ? 
_reflns.limit_h_min                  ? 
_reflns.limit_k_max                  ? 
_reflns.limit_k_min                  ? 
_reflns.limit_l_max                  ? 
_reflns.limit_l_min                  ? 
_reflns.observed_criterion_F_max     ? 
_reflns.observed_criterion_F_min     ? 
_reflns.pdbx_chi_squared             ? 
_reflns.pdbx_ordinal                 1 
_reflns.pdbx_diffrn_id               1 
# 
loop_
_reflns_shell.d_res_high 
_reflns_shell.d_res_low 
_reflns_shell.number_measured_obs 
_reflns_shell.number_measured_all 
_reflns_shell.number_unique_obs 
_reflns_shell.Rmerge_I_obs 
_reflns_shell.meanI_over_sigI_obs 
_reflns_shell.pdbx_Rsym_value 
_reflns_shell.pdbx_chi_squared 
_reflns_shell.pdbx_redundancy 
_reflns_shell.percent_possible_obs 
_reflns_shell.number_unique_all 
_reflns_shell.percent_possible_all 
_reflns_shell.pdbx_ordinal 
_reflns_shell.pdbx_diffrn_id 
1.280 1.300  ? 3387 ? 0.181 7.200  ? ? 3.900 ? 876 96.100 1 1 
6.770 20.030 ? 454  ? 0.052 34.800 ? ? 3.600 ? 125 95.600 2 1 
# 
_refine.entry_id                                 4RTY 
_refine.ls_d_res_high                            1.2790 
_refine.ls_d_res_low                             20.0300 
_refine.pdbx_ls_sigma_F                          0.180 
_refine.pdbx_data_cutoff_high_absF               ? 
_refine.pdbx_data_cutoff_low_absF                ? 
_refine.ls_percent_reflns_obs                    99.7900 
_refine.ls_number_reflns_obs                     33153 
_refine.ls_number_reflns_all                     33223 
_refine.pdbx_ls_cross_valid_method               0.1170 
_refine.pdbx_R_Free_selection_details            random 
_refine.details                                  ? 
_refine.ls_R_factor_all                          ? 
_refine.ls_R_factor_obs                          0.1170 
_refine.ls_R_factor_R_work                       0.1160 
_refine.ls_wR_factor_R_work                      ? 
_refine.ls_R_factor_R_free                       0.1371 
_refine.ls_wR_factor_R_free                      ? 
_refine.ls_percent_reflns_R_free                 4.7800 
_refine.ls_number_reflns_R_free                  1584 
_refine.ls_R_factor_R_free_error                 ? 
_refine.B_iso_mean                               10.6406 
_refine.solvent_model_param_bsol                 ? 
_refine.solvent_model_param_ksol                 ? 
_refine.pdbx_isotropic_thermal_model             anisotropic 
_refine.aniso_B[1][1]                            ? 
_refine.aniso_B[2][2]                            ? 
_refine.aniso_B[3][3]                            ? 
_refine.aniso_B[1][2]                            ? 
_refine.aniso_B[1][3]                            ? 
_refine.aniso_B[2][3]                            ? 
_refine.correlation_coeff_Fo_to_Fc               ? 
_refine.correlation_coeff_Fo_to_Fc_free          ? 
_refine.overall_SU_R_Cruickshank_DPI             ? 
_refine.overall_SU_R_free                        ? 
_refine.pdbx_overall_ESU_R                       ? 
_refine.pdbx_overall_ESU_R_Free                  ? 
_refine.overall_SU_ML                            0.0600 
_refine.overall_SU_B                             ? 
_refine.solvent_model_details                    'FLAT BULK SOLVENT MODEL' 
_refine.pdbx_solvent_vdw_probe_radii             1.1100 
_refine.pdbx_solvent_ion_probe_radii             ? 
_refine.pdbx_solvent_shrinkage_radii             0.9000 
_refine.ls_number_parameters                     ? 
_refine.ls_number_restraints                     ? 
_refine.pdbx_starting_model                      4JZ4 
_refine.pdbx_method_to_determine_struct          'MOLECULAR REPLACEMENT' 
_refine.pdbx_stereochemistry_target_values       ML 
_refine.pdbx_stereochem_target_val_spec_case     ? 
_refine.overall_FOM_work_R_set                   ? 
_refine.B_iso_max                                43.760 
_refine.B_iso_min                                3.360 
_refine.pdbx_overall_phase_error                 11.9400 
_refine.occupancy_max                            ? 
_refine.occupancy_min                            ? 
_refine.pdbx_ls_sigma_I                          ? 
_refine.ls_redundancy_reflns_obs                 ? 
_refine.ls_R_factor_R_free_error_details         ? 
_refine.pdbx_data_cutoff_high_rms_absF           ? 
_refine.overall_FOM_free_R_set                   ? 
_refine.pdbx_diffrn_id                           1 
_refine.pdbx_refine_id                           'X-RAY DIFFRACTION' 
_refine.pdbx_TLS_residual_ADP_flag               ? 
_refine.pdbx_overall_SU_R_free_Cruickshank_DPI   ? 
_refine.pdbx_overall_SU_R_Blow_DPI               ? 
_refine.pdbx_overall_SU_R_free_Blow_DPI          ? 
# 
_refine_hist.pdbx_refine_id                   'X-RAY DIFFRACTION' 
_refine_hist.cycle_id                         LAST 
_refine_hist.pdbx_number_atoms_protein        569 
_refine_hist.pdbx_number_atoms_nucleic_acid   0 
_refine_hist.pdbx_number_atoms_ligand         5 
_refine_hist.number_atoms_solvent             96 
_refine_hist.number_atoms_total               670 
_refine_hist.d_res_high                       1.2790 
_refine_hist.d_res_low                        20.0300 
# 
loop_
_refine_ls_restr.type 
_refine_ls_restr.number 
_refine_ls_restr.dev_ideal 
_refine_ls_restr.dev_ideal_target 
_refine_ls_restr.weight 
_refine_ls_restr.pdbx_restraint_function 
_refine_ls_restr.pdbx_refine_id 
f_bond_d           607 0.010  ? ? ? 'X-RAY DIFFRACTION' 
f_angle_d          834 1.287  ? ? ? 'X-RAY DIFFRACTION' 
f_chiral_restr     88  0.070  ? ? ? 'X-RAY DIFFRACTION' 
f_plane_restr      110 0.009  ? ? ? 'X-RAY DIFFRACTION' 
f_dihedral_angle_d 226 11.088 ? ? ? 'X-RAY DIFFRACTION' 
# 
loop_
_refine_ls_shell.d_res_high 
_refine_ls_shell.d_res_low 
_refine_ls_shell.pdbx_total_number_of_bins_used 
_refine_ls_shell.percent_reflns_obs 
_refine_ls_shell.number_reflns_R_work 
_refine_ls_shell.R_factor_all 
_refine_ls_shell.R_factor_R_work 
_refine_ls_shell.R_factor_R_free 
_refine_ls_shell.percent_reflns_R_free 
_refine_ls_shell.number_reflns_R_free 
_refine_ls_shell.R_factor_R_free_error 
_refine_ls_shell.number_reflns_all 
_refine_ls_shell.number_reflns_obs 
_refine_ls_shell.redundancy_reflns_obs 
_refine_ls_shell.pdbx_refine_id 
1.2791 1.3204  11 98.0000  2855 . 0.1284 0.1528 . 128 . 2983 . . 'X-RAY DIFFRACTION' 
1.3204 1.3675  11 100.0000 2896 . 0.1190 0.1714 . 128 . 3024 . . 'X-RAY DIFFRACTION' 
1.3675 1.4223  11 100.0000 2847 . 0.1105 0.1377 . 161 . 3008 . . 'X-RAY DIFFRACTION' 
1.4223 1.4870  11 100.0000 2854 . 0.1057 0.1441 . 165 . 3019 . . 'X-RAY DIFFRACTION' 
1.4870 1.5654  11 100.0000 2866 . 0.1008 0.1477 . 150 . 3016 . . 'X-RAY DIFFRACTION' 
1.5654 1.6634  11 100.0000 2861 . 0.0994 0.1320 . 160 . 3021 . . 'X-RAY DIFFRACTION' 
1.6634 1.7918  11 100.0000 2890 . 0.1009 0.1224 . 119 . 3009 . . 'X-RAY DIFFRACTION' 
1.7918 1.9719  11 100.0000 2857 . 0.1006 0.1388 . 173 . 3030 . . 'X-RAY DIFFRACTION' 
1.9719 2.2569  11 100.0000 2880 . 0.0976 0.1158 . 136 . 3016 . . 'X-RAY DIFFRACTION' 
2.2569 2.8422  11 100.0000 2888 . 0.1283 0.1625 . 146 . 3034 . . 'X-RAY DIFFRACTION' 
2.8422 20.0321 11 100.0000 2875 . 0.1397 0.1248 . 118 . 2993 . . 'X-RAY DIFFRACTION' 
# 
_struct.entry_id                  4RTY 
_struct.title                     'Crystal structure of the c-Src-SH3 domain in complex with the high affinity peptide APP12' 
_struct.pdbx_model_details        ? 
_struct.pdbx_CASP_flag            ? 
_struct.pdbx_model_type_details   ? 
# 
_struct_keywords.entry_id        4RTY 
_struct_keywords.text            'beta shandwich, SH3 domain, PROTEIN BINDING' 
_struct_keywords.pdbx_keywords   'PROTEIN BINDING' 
# 
loop_
_struct_asym.id 
_struct_asym.pdbx_blank_PDB_chainid_flag 
_struct_asym.pdbx_modified 
_struct_asym.entity_id 
_struct_asym.details 
A N N 1 ? 
B N N 2 ? 
C N N 3 ? 
D N N 4 ? 
E N N 4 ? 
# 
loop_
_struct_ref.id 
_struct_ref.db_name 
_struct_ref.db_code 
_struct_ref.pdbx_db_accession 
_struct_ref.entity_id 
_struct_ref.pdbx_seq_one_letter_code 
_struct_ref.pdbx_align_begin 
_struct_ref.pdbx_db_isoform 
1 UNP SRC_CHICK P00523 1 TFVALYDYESRTETDLSFKKGERLQIVNNTEGDWWLAHSLTTGQTGYIPSNYVAPSD 85 ? 
2 PDB 4RTY      4RTY   2 ?                                                         ?  ? 
# 
loop_
_struct_ref_seq.align_id 
_struct_ref_seq.ref_id 
_struct_ref_seq.pdbx_PDB_id_code 
_struct_ref_seq.pdbx_strand_id 
_struct_ref_seq.seq_align_beg 
_struct_ref_seq.pdbx_seq_align_beg_ins_code 
_struct_ref_seq.seq_align_end 
_struct_ref_seq.pdbx_seq_align_end_ins_code 
_struct_ref_seq.pdbx_db_accession 
_struct_ref_seq.db_align_beg 
_struct_ref_seq.pdbx_db_align_beg_ins_code 
_struct_ref_seq.db_align_end 
_struct_ref_seq.pdbx_db_align_end_ins_code 
_struct_ref_seq.pdbx_auth_seq_align_beg 
_struct_ref_seq.pdbx_auth_seq_align_end 
1 1 4RTY A 5 ? 61 ? P00523 85 ? 141 ? 85 141 
2 2 4RTY B 1 ? 13 ? 4RTY   0  ? 12  ? 0  12  
# 
loop_
_struct_ref_seq_dif.align_id 
_struct_ref_seq_dif.pdbx_pdb_id_code 
_struct_ref_seq_dif.mon_id 
_struct_ref_seq_dif.pdbx_pdb_strand_id 
_struct_ref_seq_dif.seq_num 
_struct_ref_seq_dif.pdbx_pdb_ins_code 
_struct_ref_seq_dif.pdbx_seq_db_name 
_struct_ref_seq_dif.pdbx_seq_db_accession_code 
_struct_ref_seq_dif.db_mon_id 
_struct_ref_seq_dif.pdbx_seq_db_seq_num 
_struct_ref_seq_dif.details 
_struct_ref_seq_dif.pdbx_auth_seq_num 
_struct_ref_seq_dif.pdbx_ordinal 
1 4RTY GLY A 1 ? UNP P00523 ? ? 'expression tag' 81 1 
1 4RTY SER A 2 ? UNP P00523 ? ? 'expression tag' 82 2 
1 4RTY HIS A 3 ? UNP P00523 ? ? 'expression tag' 83 3 
1 4RTY MET A 4 ? UNP P00523 ? ? 'expression tag' 84 4 
# 
_pdbx_struct_assembly.id                   1 
_pdbx_struct_assembly.details              author_and_software_defined_assembly 
_pdbx_struct_assembly.method_details       PISA 
_pdbx_struct_assembly.oligomeric_details   dimeric 
_pdbx_struct_assembly.oligomeric_count     2 
# 
loop_
_pdbx_struct_assembly_prop.biol_id 
_pdbx_struct_assembly_prop.type 
_pdbx_struct_assembly_prop.value 
_pdbx_struct_assembly_prop.details 
1 'ABSA (A^2)' 1290 ? 
1 MORE         -12  ? 
1 'SSA (A^2)'  4780 ? 
# 
_pdbx_struct_assembly_gen.assembly_id       1 
_pdbx_struct_assembly_gen.oper_expression   1 
_pdbx_struct_assembly_gen.asym_id_list      A,B,C,D,E 
# 
_pdbx_struct_oper_list.id                   1 
_pdbx_struct_oper_list.type                 'identity operation' 
_pdbx_struct_oper_list.name                 1_555 
_pdbx_struct_oper_list.symmetry_operation   x,y,z 
_pdbx_struct_oper_list.matrix[1][1]         1.0000000000 
_pdbx_struct_oper_list.matrix[1][2]         0.0000000000 
_pdbx_struct_oper_list.matrix[1][3]         0.0000000000 
_pdbx_struct_oper_list.vector[1]            0.0000000000 
_pdbx_struct_oper_list.matrix[2][1]         0.0000000000 
_pdbx_struct_oper_list.matrix[2][2]         1.0000000000 
_pdbx_struct_oper_list.matrix[2][3]         0.0000000000 
_pdbx_struct_oper_list.vector[2]            0.0000000000 
_pdbx_struct_oper_list.matrix[3][1]         0.0000000000 
_pdbx_struct_oper_list.matrix[3][2]         0.0000000000 
_pdbx_struct_oper_list.matrix[3][3]         1.0000000000 
_pdbx_struct_oper_list.vector[3]            0.0000000000 
# 
_struct_biol.id        1 
_struct_biol.details   ? 
# 
_struct_conf.conf_type_id            HELX_P 
_struct_conf.id                      HELX_P1 
_struct_conf.pdbx_PDB_helix_id       1 
_struct_conf.beg_label_comp_id       SER 
_struct_conf.beg_label_asym_id       A 
_struct_conf.beg_label_seq_id        54 
_struct_conf.pdbx_beg_PDB_ins_code   ? 
_struct_conf.end_label_comp_id       TYR 
_struct_conf.end_label_asym_id       A 
_struct_conf.end_label_seq_id        56 
_struct_conf.pdbx_end_PDB_ins_code   ? 
_struct_conf.beg_auth_comp_id        SER 
_struct_conf.beg_auth_asym_id        A 
_struct_conf.beg_auth_seq_id         134 
_struct_conf.end_auth_comp_id        TYR 
_struct_conf.end_auth_asym_id        A 
_struct_conf.end_auth_seq_id         136 
_struct_conf.pdbx_PDB_helix_class    5 
_struct_conf.details                 ? 
_struct_conf.pdbx_PDB_helix_length   3 
# 
_struct_conf_type.id          HELX_P 
_struct_conf_type.criteria    ? 
_struct_conf_type.reference   ? 
# 
_struct_conn.id                            covale1 
_struct_conn.conn_type_id                  covale 
_struct_conn.pdbx_leaving_atom_flag        both 
_struct_conn.pdbx_PDB_id                   ? 
_struct_conn.ptnr1_label_asym_id           B 
_struct_conn.ptnr1_label_comp_id           ACE 
_struct_conn.ptnr1_label_seq_id            1 
_struct_conn.ptnr1_label_atom_id           C 
_struct_conn.pdbx_ptnr1_label_alt_id       ? 
_struct_conn.pdbx_ptnr1_PDB_ins_code       ? 
_struct_conn.pdbx_ptnr1_standard_comp_id   ? 
_struct_conn.ptnr1_symmetry                1_555 
_struct_conn.ptnr2_label_asym_id           B 
_struct_conn.ptnr2_label_comp_id           ALA 
_struct_conn.ptnr2_label_seq_id            2 
_struct_conn.ptnr2_label_atom_id           N 
_struct_conn.pdbx_ptnr2_label_alt_id       ? 
_struct_conn.pdbx_ptnr2_PDB_ins_code       ? 
_struct_conn.ptnr1_auth_asym_id            B 
_struct_conn.ptnr1_auth_comp_id            ACE 
_struct_conn.ptnr1_auth_seq_id             0 
_struct_conn.ptnr2_auth_asym_id            B 
_struct_conn.ptnr2_auth_comp_id            ALA 
_struct_conn.ptnr2_auth_seq_id             1 
_struct_conn.ptnr2_symmetry                1_555 
_struct_conn.pdbx_ptnr3_label_atom_id      ? 
_struct_conn.pdbx_ptnr3_label_seq_id       ? 
_struct_conn.pdbx_ptnr3_label_comp_id      ? 
_struct_conn.pdbx_ptnr3_label_asym_id      ? 
_struct_conn.pdbx_ptnr3_label_alt_id       ? 
_struct_conn.pdbx_ptnr3_PDB_ins_code       ? 
_struct_conn.details                       ? 
_struct_conn.pdbx_dist_value               1.327 
_struct_conn.pdbx_value_order              ? 
_struct_conn.pdbx_role                     ? 
# 
_struct_conn_type.id          covale 
_struct_conn_type.criteria    ? 
_struct_conn_type.reference   ? 
# 
_pdbx_modification_feature.ordinal                            1 
_pdbx_modification_feature.label_comp_id                      ACE 
_pdbx_modification_feature.label_asym_id                      B 
_pdbx_modification_feature.label_seq_id                       1 
_pdbx_modification_feature.label_alt_id                       ? 
_pdbx_modification_feature.modified_residue_label_comp_id     ALA 
_pdbx_modification_feature.modified_residue_label_asym_id     B 
_pdbx_modification_feature.modified_residue_label_seq_id      2 
_pdbx_modification_feature.modified_residue_label_alt_id      ? 
_pdbx_modification_feature.auth_comp_id                       ACE 
_pdbx_modification_feature.auth_asym_id                       B 
_pdbx_modification_feature.auth_seq_id                        0 
_pdbx_modification_feature.PDB_ins_code                       ? 
_pdbx_modification_feature.symmetry                           1_555 
_pdbx_modification_feature.modified_residue_auth_comp_id      ALA 
_pdbx_modification_feature.modified_residue_auth_asym_id      B 
_pdbx_modification_feature.modified_residue_auth_seq_id       1 
_pdbx_modification_feature.modified_residue_PDB_ins_code      ? 
_pdbx_modification_feature.modified_residue_symmetry          1_555 
_pdbx_modification_feature.comp_id_linking_atom               . 
_pdbx_modification_feature.modified_residue_id_linking_atom   . 
_pdbx_modification_feature.modified_residue_id                ALA 
_pdbx_modification_feature.ref_pcm_id                         1 
_pdbx_modification_feature.ref_comp_id                        ACE 
_pdbx_modification_feature.type                               None 
_pdbx_modification_feature.category                           'Terminal acetylation' 
# 
_struct_sheet.id               A 
_struct_sheet.type             ? 
_struct_sheet.number_strands   5 
_struct_sheet.details          ? 
# 
loop_
_struct_sheet_order.sheet_id 
_struct_sheet_order.range_id_1 
_struct_sheet_order.range_id_2 
_struct_sheet_order.offset 
_struct_sheet_order.sense 
A 1 2 ? anti-parallel 
A 2 3 ? anti-parallel 
A 3 4 ? anti-parallel 
A 4 5 ? anti-parallel 
# 
loop_
_struct_sheet_range.sheet_id 
_struct_sheet_range.id 
_struct_sheet_range.beg_label_comp_id 
_struct_sheet_range.beg_label_asym_id 
_struct_sheet_range.beg_label_seq_id 
_struct_sheet_range.pdbx_beg_PDB_ins_code 
_struct_sheet_range.end_label_comp_id 
_struct_sheet_range.end_label_asym_id 
_struct_sheet_range.end_label_seq_id 
_struct_sheet_range.pdbx_end_PDB_ins_code 
_struct_sheet_range.beg_auth_comp_id 
_struct_sheet_range.beg_auth_asym_id 
_struct_sheet_range.beg_auth_seq_id 
_struct_sheet_range.end_auth_comp_id 
_struct_sheet_range.end_auth_asym_id 
_struct_sheet_range.end_auth_seq_id 
A 1 THR A 49 ? PRO A 53 ? THR A 129 PRO A 133 
A 2 TRP A 38 ? SER A 43 ? TRP A 118 SER A 123 
A 3 ARG A 27 ? ASN A 32 ? ARG A 107 ASN A 112 
A 4 PHE A 6  ? ALA A 8  ? PHE A 86  ALA A 88  
A 5 VAL A 57 ? PRO A 59 ? VAL A 137 PRO A 139 
# 
loop_
_pdbx_struct_sheet_hbond.sheet_id 
_pdbx_struct_sheet_hbond.range_id_1 
_pdbx_struct_sheet_hbond.range_id_2 
_pdbx_struct_sheet_hbond.range_1_label_atom_id 
_pdbx_struct_sheet_hbond.range_1_label_comp_id 
_pdbx_struct_sheet_hbond.range_1_label_asym_id 
_pdbx_struct_sheet_hbond.range_1_label_seq_id 
_pdbx_struct_sheet_hbond.range_1_PDB_ins_code 
_pdbx_struct_sheet_hbond.range_1_auth_atom_id 
_pdbx_struct_sheet_hbond.range_1_auth_comp_id 
_pdbx_struct_sheet_hbond.range_1_auth_asym_id 
_pdbx_struct_sheet_hbond.range_1_auth_seq_id 
_pdbx_struct_sheet_hbond.range_2_label_atom_id 
_pdbx_struct_sheet_hbond.range_2_label_comp_id 
_pdbx_struct_sheet_hbond.range_2_label_asym_id 
_pdbx_struct_sheet_hbond.range_2_label_seq_id 
_pdbx_struct_sheet_hbond.range_2_PDB_ins_code 
_pdbx_struct_sheet_hbond.range_2_auth_atom_id 
_pdbx_struct_sheet_hbond.range_2_auth_comp_id 
_pdbx_struct_sheet_hbond.range_2_auth_asym_id 
_pdbx_struct_sheet_hbond.range_2_auth_seq_id 
A 1 2 O GLY A 50 ? O GLY A 130 N ALA A 41 ? N ALA A 121 
A 2 3 O HIS A 42 ? O HIS A 122 N GLN A 29 ? N GLN A 109 
A 3 4 O LEU A 28 ? O LEU A 108 N PHE A 6  ? N PHE A 86  
A 4 5 N VAL A 7  ? N VAL A 87  O ALA A 58 ? O ALA A 138 
# 
_struct_site.id                   AC1 
_struct_site.pdbx_evidence_code   Software 
_struct_site.pdbx_auth_asym_id    A 
_struct_site.pdbx_auth_comp_id    SO4 
_struct_site.pdbx_auth_seq_id     201 
_struct_site.pdbx_auth_ins_code   ? 
_struct_site.pdbx_num_residues    7 
_struct_site.details              'BINDING SITE FOR RESIDUE SO4 A 201' 
# 
loop_
_struct_site_gen.id 
_struct_site_gen.site_id 
_struct_site_gen.pdbx_num_res 
_struct_site_gen.label_comp_id 
_struct_site_gen.label_asym_id 
_struct_site_gen.label_seq_id 
_struct_site_gen.pdbx_auth_ins_code 
_struct_site_gen.auth_comp_id 
_struct_site_gen.auth_asym_id 
_struct_site_gen.auth_seq_id 
_struct_site_gen.label_atom_id 
_struct_site_gen.label_alt_id 
_struct_site_gen.symmetry 
_struct_site_gen.details 
1 AC1 7 SER A 14 ? SER A 94  . ? 1_555 ? 
2 AC1 7 SER A 21 ? SER A 101 . ? 1_555 ? 
3 AC1 7 HOH D .  ? HOH A 312 . ? 1_555 ? 
4 AC1 7 HOH D .  ? HOH A 314 . ? 1_555 ? 
5 AC1 7 HOH D .  ? HOH A 330 . ? 1_555 ? 
6 AC1 7 HOH D .  ? HOH A 334 . ? 1_555 ? 
7 AC1 7 HOH D .  ? HOH A 343 . ? 1_555 ? 
# 
_pdbx_entry_details.entry_id                   4RTY 
_pdbx_entry_details.compound_details           ? 
_pdbx_entry_details.source_details             ? 
_pdbx_entry_details.nonpolymer_details         ? 
_pdbx_entry_details.sequence_details           ? 
_pdbx_entry_details.has_ligand_of_interest     ? 
_pdbx_entry_details.has_protein_modification   Y 
# 
_pdbx_validate_torsion.id              1 
_pdbx_validate_torsion.PDB_model_num   1 
_pdbx_validate_torsion.auth_comp_id    SER 
_pdbx_validate_torsion.auth_asym_id    A 
_pdbx_validate_torsion.auth_seq_id     140 
_pdbx_validate_torsion.PDB_ins_code    ? 
_pdbx_validate_torsion.label_alt_id    ? 
_pdbx_validate_torsion.phi             -114.09 
_pdbx_validate_torsion.psi             -164.51 
# 
_pdbx_struct_special_symmetry.id              1 
_pdbx_struct_special_symmetry.PDB_model_num   1 
_pdbx_struct_special_symmetry.auth_asym_id    A 
_pdbx_struct_special_symmetry.auth_comp_id    GLU 
_pdbx_struct_special_symmetry.auth_seq_id     93 
_pdbx_struct_special_symmetry.PDB_ins_code    ? 
_pdbx_struct_special_symmetry.label_asym_id   A 
_pdbx_struct_special_symmetry.label_comp_id   GLU 
_pdbx_struct_special_symmetry.label_seq_id    13 
# 
_pdbx_database_remark.id     650 
_pdbx_database_remark.text   
;HELIX
DETERMINATION METHOD: AUTHOR
;
# 
loop_
_pdbx_unobs_or_zero_occ_residues.id 
_pdbx_unobs_or_zero_occ_residues.PDB_model_num 
_pdbx_unobs_or_zero_occ_residues.polymer_flag 
_pdbx_unobs_or_zero_occ_residues.occupancy_flag 
_pdbx_unobs_or_zero_occ_residues.auth_asym_id 
_pdbx_unobs_or_zero_occ_residues.auth_comp_id 
_pdbx_unobs_or_zero_occ_residues.auth_seq_id 
_pdbx_unobs_or_zero_occ_residues.PDB_ins_code 
_pdbx_unobs_or_zero_occ_residues.label_asym_id 
_pdbx_unobs_or_zero_occ_residues.label_comp_id 
_pdbx_unobs_or_zero_occ_residues.label_seq_id 
1 1 Y 1 A GLY 81 ? A GLY 1 
2 1 Y 1 A SER 82 ? A SER 2 
3 1 Y 1 A HIS 83 ? A HIS 3 
# 
loop_
_chem_comp_atom.comp_id 
_chem_comp_atom.atom_id 
_chem_comp_atom.type_symbol 
_chem_comp_atom.pdbx_aromatic_flag 
_chem_comp_atom.pdbx_stereo_config 
_chem_comp_atom.pdbx_ordinal 
ACE C    C N N 1   
ACE O    O N N 2   
ACE CH3  C N N 3   
ACE H    H N N 4   
ACE H1   H N N 5   
ACE H2   H N N 6   
ACE H3   H N N 7   
ALA N    N N N 8   
ALA CA   C N S 9   
ALA C    C N N 10  
ALA O    O N N 11  
ALA CB   C N N 12  
ALA OXT  O N N 13  
ALA H    H N N 14  
ALA H2   H N N 15  
ALA HA   H N N 16  
ALA HB1  H N N 17  
ALA HB2  H N N 18  
ALA HB3  H N N 19  
ALA HXT  H N N 20  
ARG N    N N N 21  
ARG CA   C N S 22  
ARG C    C N N 23  
ARG O    O N N 24  
ARG CB   C N N 25  
ARG CG   C N N 26  
ARG CD   C N N 27  
ARG NE   N N N 28  
ARG CZ   C N N 29  
ARG NH1  N N N 30  
ARG NH2  N N N 31  
ARG OXT  O N N 32  
ARG H    H N N 33  
ARG H2   H N N 34  
ARG HA   H N N 35  
ARG HB2  H N N 36  
ARG HB3  H N N 37  
ARG HG2  H N N 38  
ARG HG3  H N N 39  
ARG HD2  H N N 40  
ARG HD3  H N N 41  
ARG HE   H N N 42  
ARG HH11 H N N 43  
ARG HH12 H N N 44  
ARG HH21 H N N 45  
ARG HH22 H N N 46  
ARG HXT  H N N 47  
ASN N    N N N 48  
ASN CA   C N S 49  
ASN C    C N N 50  
ASN O    O N N 51  
ASN CB   C N N 52  
ASN CG   C N N 53  
ASN OD1  O N N 54  
ASN ND2  N N N 55  
ASN OXT  O N N 56  
ASN H    H N N 57  
ASN H2   H N N 58  
ASN HA   H N N 59  
ASN HB2  H N N 60  
ASN HB3  H N N 61  
ASN HD21 H N N 62  
ASN HD22 H N N 63  
ASN HXT  H N N 64  
ASP N    N N N 65  
ASP CA   C N S 66  
ASP C    C N N 67  
ASP O    O N N 68  
ASP CB   C N N 69  
ASP CG   C N N 70  
ASP OD1  O N N 71  
ASP OD2  O N N 72  
ASP OXT  O N N 73  
ASP H    H N N 74  
ASP H2   H N N 75  
ASP HA   H N N 76  
ASP HB2  H N N 77  
ASP HB3  H N N 78  
ASP HD2  H N N 79  
ASP HXT  H N N 80  
GLN N    N N N 81  
GLN CA   C N S 82  
GLN C    C N N 83  
GLN O    O N N 84  
GLN CB   C N N 85  
GLN CG   C N N 86  
GLN CD   C N N 87  
GLN OE1  O N N 88  
GLN NE2  N N N 89  
GLN OXT  O N N 90  
GLN H    H N N 91  
GLN H2   H N N 92  
GLN HA   H N N 93  
GLN HB2  H N N 94  
GLN HB3  H N N 95  
GLN HG2  H N N 96  
GLN HG3  H N N 97  
GLN HE21 H N N 98  
GLN HE22 H N N 99  
GLN HXT  H N N 100 
GLU N    N N N 101 
GLU CA   C N S 102 
GLU C    C N N 103 
GLU O    O N N 104 
GLU CB   C N N 105 
GLU CG   C N N 106 
GLU CD   C N N 107 
GLU OE1  O N N 108 
GLU OE2  O N N 109 
GLU OXT  O N N 110 
GLU H    H N N 111 
GLU H2   H N N 112 
GLU HA   H N N 113 
GLU HB2  H N N 114 
GLU HB3  H N N 115 
GLU HG2  H N N 116 
GLU HG3  H N N 117 
GLU HE2  H N N 118 
GLU HXT  H N N 119 
GLY N    N N N 120 
GLY CA   C N N 121 
GLY C    C N N 122 
GLY O    O N N 123 
GLY OXT  O N N 124 
GLY H    H N N 125 
GLY H2   H N N 126 
GLY HA2  H N N 127 
GLY HA3  H N N 128 
GLY HXT  H N N 129 
HIS N    N N N 130 
HIS CA   C N S 131 
HIS C    C N N 132 
HIS O    O N N 133 
HIS CB   C N N 134 
HIS CG   C Y N 135 
HIS ND1  N Y N 136 
HIS CD2  C Y N 137 
HIS CE1  C Y N 138 
HIS NE2  N Y N 139 
HIS OXT  O N N 140 
HIS H    H N N 141 
HIS H2   H N N 142 
HIS HA   H N N 143 
HIS HB2  H N N 144 
HIS HB3  H N N 145 
HIS HD1  H N N 146 
HIS HD2  H N N 147 
HIS HE1  H N N 148 
HIS HE2  H N N 149 
HIS HXT  H N N 150 
HOH O    O N N 151 
HOH H1   H N N 152 
HOH H2   H N N 153 
ILE N    N N N 154 
ILE CA   C N S 155 
ILE C    C N N 156 
ILE O    O N N 157 
ILE CB   C N S 158 
ILE CG1  C N N 159 
ILE CG2  C N N 160 
ILE CD1  C N N 161 
ILE OXT  O N N 162 
ILE H    H N N 163 
ILE H2   H N N 164 
ILE HA   H N N 165 
ILE HB   H N N 166 
ILE HG12 H N N 167 
ILE HG13 H N N 168 
ILE HG21 H N N 169 
ILE HG22 H N N 170 
ILE HG23 H N N 171 
ILE HD11 H N N 172 
ILE HD12 H N N 173 
ILE HD13 H N N 174 
ILE HXT  H N N 175 
LEU N    N N N 176 
LEU CA   C N S 177 
LEU C    C N N 178 
LEU O    O N N 179 
LEU CB   C N N 180 
LEU CG   C N N 181 
LEU CD1  C N N 182 
LEU CD2  C N N 183 
LEU OXT  O N N 184 
LEU H    H N N 185 
LEU H2   H N N 186 
LEU HA   H N N 187 
LEU HB2  H N N 188 
LEU HB3  H N N 189 
LEU HG   H N N 190 
LEU HD11 H N N 191 
LEU HD12 H N N 192 
LEU HD13 H N N 193 
LEU HD21 H N N 194 
LEU HD22 H N N 195 
LEU HD23 H N N 196 
LEU HXT  H N N 197 
LYS N    N N N 198 
LYS CA   C N S 199 
LYS C    C N N 200 
LYS O    O N N 201 
LYS CB   C N N 202 
LYS CG   C N N 203 
LYS CD   C N N 204 
LYS CE   C N N 205 
LYS NZ   N N N 206 
LYS OXT  O N N 207 
LYS H    H N N 208 
LYS H2   H N N 209 
LYS HA   H N N 210 
LYS HB2  H N N 211 
LYS HB3  H N N 212 
LYS HG2  H N N 213 
LYS HG3  H N N 214 
LYS HD2  H N N 215 
LYS HD3  H N N 216 
LYS HE2  H N N 217 
LYS HE3  H N N 218 
LYS HZ1  H N N 219 
LYS HZ2  H N N 220 
LYS HZ3  H N N 221 
LYS HXT  H N N 222 
MET N    N N N 223 
MET CA   C N S 224 
MET C    C N N 225 
MET O    O N N 226 
MET CB   C N N 227 
MET CG   C N N 228 
MET SD   S N N 229 
MET CE   C N N 230 
MET OXT  O N N 231 
MET H    H N N 232 
MET H2   H N N 233 
MET HA   H N N 234 
MET HB2  H N N 235 
MET HB3  H N N 236 
MET HG2  H N N 237 
MET HG3  H N N 238 
MET HE1  H N N 239 
MET HE2  H N N 240 
MET HE3  H N N 241 
MET HXT  H N N 242 
PHE N    N N N 243 
PHE CA   C N S 244 
PHE C    C N N 245 
PHE O    O N N 246 
PHE CB   C N N 247 
PHE CG   C Y N 248 
PHE CD1  C Y N 249 
PHE CD2  C Y N 250 
PHE CE1  C Y N 251 
PHE CE2  C Y N 252 
PHE CZ   C Y N 253 
PHE OXT  O N N 254 
PHE H    H N N 255 
PHE H2   H N N 256 
PHE HA   H N N 257 
PHE HB2  H N N 258 
PHE HB3  H N N 259 
PHE HD1  H N N 260 
PHE HD2  H N N 261 
PHE HE1  H N N 262 
PHE HE2  H N N 263 
PHE HZ   H N N 264 
PHE HXT  H N N 265 
PRO N    N N N 266 
PRO CA   C N S 267 
PRO C    C N N 268 
PRO O    O N N 269 
PRO CB   C N N 270 
PRO CG   C N N 271 
PRO CD   C N N 272 
PRO OXT  O N N 273 
PRO H    H N N 274 
PRO HA   H N N 275 
PRO HB2  H N N 276 
PRO HB3  H N N 277 
PRO HG2  H N N 278 
PRO HG3  H N N 279 
PRO HD2  H N N 280 
PRO HD3  H N N 281 
PRO HXT  H N N 282 
SER N    N N N 283 
SER CA   C N S 284 
SER C    C N N 285 
SER O    O N N 286 
SER CB   C N N 287 
SER OG   O N N 288 
SER OXT  O N N 289 
SER H    H N N 290 
SER H2   H N N 291 
SER HA   H N N 292 
SER HB2  H N N 293 
SER HB3  H N N 294 
SER HG   H N N 295 
SER HXT  H N N 296 
SO4 S    S N N 297 
SO4 O1   O N N 298 
SO4 O2   O N N 299 
SO4 O3   O N N 300 
SO4 O4   O N N 301 
THR N    N N N 302 
THR CA   C N S 303 
THR C    C N N 304 
THR O    O N N 305 
THR CB   C N R 306 
THR OG1  O N N 307 
THR CG2  C N N 308 
THR OXT  O N N 309 
THR H    H N N 310 
THR H2   H N N 311 
THR HA   H N N 312 
THR HB   H N N 313 
THR HG1  H N N 314 
THR HG21 H N N 315 
THR HG22 H N N 316 
THR HG23 H N N 317 
THR HXT  H N N 318 
TRP N    N N N 319 
TRP CA   C N S 320 
TRP C    C N N 321 
TRP O    O N N 322 
TRP CB   C N N 323 
TRP CG   C Y N 324 
TRP CD1  C Y N 325 
TRP CD2  C Y N 326 
TRP NE1  N Y N 327 
TRP CE2  C Y N 328 
TRP CE3  C Y N 329 
TRP CZ2  C Y N 330 
TRP CZ3  C Y N 331 
TRP CH2  C Y N 332 
TRP OXT  O N N 333 
TRP H    H N N 334 
TRP H2   H N N 335 
TRP HA   H N N 336 
TRP HB2  H N N 337 
TRP HB3  H N N 338 
TRP HD1  H N N 339 
TRP HE1  H N N 340 
TRP HE3  H N N 341 
TRP HZ2  H N N 342 
TRP HZ3  H N N 343 
TRP HH2  H N N 344 
TRP HXT  H N N 345 
TYR N    N N N 346 
TYR CA   C N S 347 
TYR C    C N N 348 
TYR O    O N N 349 
TYR CB   C N N 350 
TYR CG   C Y N 351 
TYR CD1  C Y N 352 
TYR CD2  C Y N 353 
TYR CE1  C Y N 354 
TYR CE2  C Y N 355 
TYR CZ   C Y N 356 
TYR OH   O N N 357 
TYR OXT  O N N 358 
TYR H    H N N 359 
TYR H2   H N N 360 
TYR HA   H N N 361 
TYR HB2  H N N 362 
TYR HB3  H N N 363 
TYR HD1  H N N 364 
TYR HD2  H N N 365 
TYR HE1  H N N 366 
TYR HE2  H N N 367 
TYR HH   H N N 368 
TYR HXT  H N N 369 
VAL N    N N N 370 
VAL CA   C N S 371 
VAL C    C N N 372 
VAL O    O N N 373 
VAL CB   C N N 374 
VAL CG1  C N N 375 
VAL CG2  C N N 376 
VAL OXT  O N N 377 
VAL H    H N N 378 
VAL H2   H N N 379 
VAL HA   H N N 380 
VAL HB   H N N 381 
VAL HG11 H N N 382 
VAL HG12 H N N 383 
VAL HG13 H N N 384 
VAL HG21 H N N 385 
VAL HG22 H N N 386 
VAL HG23 H N N 387 
VAL HXT  H N N 388 
# 
loop_
_chem_comp_bond.comp_id 
_chem_comp_bond.atom_id_1 
_chem_comp_bond.atom_id_2 
_chem_comp_bond.value_order 
_chem_comp_bond.pdbx_aromatic_flag 
_chem_comp_bond.pdbx_stereo_config 
_chem_comp_bond.pdbx_ordinal 
ACE C   O    doub N N 1   
ACE C   CH3  sing N N 2   
ACE C   H    sing N N 3   
ACE CH3 H1   sing N N 4   
ACE CH3 H2   sing N N 5   
ACE CH3 H3   sing N N 6   
ALA N   CA   sing N N 7   
ALA N   H    sing N N 8   
ALA N   H2   sing N N 9   
ALA CA  C    sing N N 10  
ALA CA  CB   sing N N 11  
ALA CA  HA   sing N N 12  
ALA C   O    doub N N 13  
ALA C   OXT  sing N N 14  
ALA CB  HB1  sing N N 15  
ALA CB  HB2  sing N N 16  
ALA CB  HB3  sing N N 17  
ALA OXT HXT  sing N N 18  
ARG N   CA   sing N N 19  
ARG N   H    sing N N 20  
ARG N   H2   sing N N 21  
ARG CA  C    sing N N 22  
ARG CA  CB   sing N N 23  
ARG CA  HA   sing N N 24  
ARG C   O    doub N N 25  
ARG C   OXT  sing N N 26  
ARG CB  CG   sing N N 27  
ARG CB  HB2  sing N N 28  
ARG CB  HB3  sing N N 29  
ARG CG  CD   sing N N 30  
ARG CG  HG2  sing N N 31  
ARG CG  HG3  sing N N 32  
ARG CD  NE   sing N N 33  
ARG CD  HD2  sing N N 34  
ARG CD  HD3  sing N N 35  
ARG NE  CZ   sing N N 36  
ARG NE  HE   sing N N 37  
ARG CZ  NH1  sing N N 38  
ARG CZ  NH2  doub N N 39  
ARG NH1 HH11 sing N N 40  
ARG NH1 HH12 sing N N 41  
ARG NH2 HH21 sing N N 42  
ARG NH2 HH22 sing N N 43  
ARG OXT HXT  sing N N 44  
ASN N   CA   sing N N 45  
ASN N   H    sing N N 46  
ASN N   H2   sing N N 47  
ASN CA  C    sing N N 48  
ASN CA  CB   sing N N 49  
ASN CA  HA   sing N N 50  
ASN C   O    doub N N 51  
ASN C   OXT  sing N N 52  
ASN CB  CG   sing N N 53  
ASN CB  HB2  sing N N 54  
ASN CB  HB3  sing N N 55  
ASN CG  OD1  doub N N 56  
ASN CG  ND2  sing N N 57  
ASN ND2 HD21 sing N N 58  
ASN ND2 HD22 sing N N 59  
ASN OXT HXT  sing N N 60  
ASP N   CA   sing N N 61  
ASP N   H    sing N N 62  
ASP N   H2   sing N N 63  
ASP CA  C    sing N N 64  
ASP CA  CB   sing N N 65  
ASP CA  HA   sing N N 66  
ASP C   O    doub N N 67  
ASP C   OXT  sing N N 68  
ASP CB  CG   sing N N 69  
ASP CB  HB2  sing N N 70  
ASP CB  HB3  sing N N 71  
ASP CG  OD1  doub N N 72  
ASP CG  OD2  sing N N 73  
ASP OD2 HD2  sing N N 74  
ASP OXT HXT  sing N N 75  
GLN N   CA   sing N N 76  
GLN N   H    sing N N 77  
GLN N   H2   sing N N 78  
GLN CA  C    sing N N 79  
GLN CA  CB   sing N N 80  
GLN CA  HA   sing N N 81  
GLN C   O    doub N N 82  
GLN C   OXT  sing N N 83  
GLN CB  CG   sing N N 84  
GLN CB  HB2  sing N N 85  
GLN CB  HB3  sing N N 86  
GLN CG  CD   sing N N 87  
GLN CG  HG2  sing N N 88  
GLN CG  HG3  sing N N 89  
GLN CD  OE1  doub N N 90  
GLN CD  NE2  sing N N 91  
GLN NE2 HE21 sing N N 92  
GLN NE2 HE22 sing N N 93  
GLN OXT HXT  sing N N 94  
GLU N   CA   sing N N 95  
GLU N   H    sing N N 96  
GLU N   H2   sing N N 97  
GLU CA  C    sing N N 98  
GLU CA  CB   sing N N 99  
GLU CA  HA   sing N N 100 
GLU C   O    doub N N 101 
GLU C   OXT  sing N N 102 
GLU CB  CG   sing N N 103 
GLU CB  HB2  sing N N 104 
GLU CB  HB3  sing N N 105 
GLU CG  CD   sing N N 106 
GLU CG  HG2  sing N N 107 
GLU CG  HG3  sing N N 108 
GLU CD  OE1  doub N N 109 
GLU CD  OE2  sing N N 110 
GLU OE2 HE2  sing N N 111 
GLU OXT HXT  sing N N 112 
GLY N   CA   sing N N 113 
GLY N   H    sing N N 114 
GLY N   H2   sing N N 115 
GLY CA  C    sing N N 116 
GLY CA  HA2  sing N N 117 
GLY CA  HA3  sing N N 118 
GLY C   O    doub N N 119 
GLY C   OXT  sing N N 120 
GLY OXT HXT  sing N N 121 
HIS N   CA   sing N N 122 
HIS N   H    sing N N 123 
HIS N   H2   sing N N 124 
HIS CA  C    sing N N 125 
HIS CA  CB   sing N N 126 
HIS CA  HA   sing N N 127 
HIS C   O    doub N N 128 
HIS C   OXT  sing N N 129 
HIS CB  CG   sing N N 130 
HIS CB  HB2  sing N N 131 
HIS CB  HB3  sing N N 132 
HIS CG  ND1  sing Y N 133 
HIS CG  CD2  doub Y N 134 
HIS ND1 CE1  doub Y N 135 
HIS ND1 HD1  sing N N 136 
HIS CD2 NE2  sing Y N 137 
HIS CD2 HD2  sing N N 138 
HIS CE1 NE2  sing Y N 139 
HIS CE1 HE1  sing N N 140 
HIS NE2 HE2  sing N N 141 
HIS OXT HXT  sing N N 142 
HOH O   H1   sing N N 143 
HOH O   H2   sing N N 144 
ILE N   CA   sing N N 145 
ILE N   H    sing N N 146 
ILE N   H2   sing N N 147 
ILE CA  C    sing N N 148 
ILE CA  CB   sing N N 149 
ILE CA  HA   sing N N 150 
ILE C   O    doub N N 151 
ILE C   OXT  sing N N 152 
ILE CB  CG1  sing N N 153 
ILE CB  CG2  sing N N 154 
ILE CB  HB   sing N N 155 
ILE CG1 CD1  sing N N 156 
ILE CG1 HG12 sing N N 157 
ILE CG1 HG13 sing N N 158 
ILE CG2 HG21 sing N N 159 
ILE CG2 HG22 sing N N 160 
ILE CG2 HG23 sing N N 161 
ILE CD1 HD11 sing N N 162 
ILE CD1 HD12 sing N N 163 
ILE CD1 HD13 sing N N 164 
ILE OXT HXT  sing N N 165 
LEU N   CA   sing N N 166 
LEU N   H    sing N N 167 
LEU N   H2   sing N N 168 
LEU CA  C    sing N N 169 
LEU CA  CB   sing N N 170 
LEU CA  HA   sing N N 171 
LEU C   O    doub N N 172 
LEU C   OXT  sing N N 173 
LEU CB  CG   sing N N 174 
LEU CB  HB2  sing N N 175 
LEU CB  HB3  sing N N 176 
LEU CG  CD1  sing N N 177 
LEU CG  CD2  sing N N 178 
LEU CG  HG   sing N N 179 
LEU CD1 HD11 sing N N 180 
LEU CD1 HD12 sing N N 181 
LEU CD1 HD13 sing N N 182 
LEU CD2 HD21 sing N N 183 
LEU CD2 HD22 sing N N 184 
LEU CD2 HD23 sing N N 185 
LEU OXT HXT  sing N N 186 
LYS N   CA   sing N N 187 
LYS N   H    sing N N 188 
LYS N   H2   sing N N 189 
LYS CA  C    sing N N 190 
LYS CA  CB   sing N N 191 
LYS CA  HA   sing N N 192 
LYS C   O    doub N N 193 
LYS C   OXT  sing N N 194 
LYS CB  CG   sing N N 195 
LYS CB  HB2  sing N N 196 
LYS CB  HB3  sing N N 197 
LYS CG  CD   sing N N 198 
LYS CG  HG2  sing N N 199 
LYS CG  HG3  sing N N 200 
LYS CD  CE   sing N N 201 
LYS CD  HD2  sing N N 202 
LYS CD  HD3  sing N N 203 
LYS CE  NZ   sing N N 204 
LYS CE  HE2  sing N N 205 
LYS CE  HE3  sing N N 206 
LYS NZ  HZ1  sing N N 207 
LYS NZ  HZ2  sing N N 208 
LYS NZ  HZ3  sing N N 209 
LYS OXT HXT  sing N N 210 
MET N   CA   sing N N 211 
MET N   H    sing N N 212 
MET N   H2   sing N N 213 
MET CA  C    sing N N 214 
MET CA  CB   sing N N 215 
MET CA  HA   sing N N 216 
MET C   O    doub N N 217 
MET C   OXT  sing N N 218 
MET CB  CG   sing N N 219 
MET CB  HB2  sing N N 220 
MET CB  HB3  sing N N 221 
MET CG  SD   sing N N 222 
MET CG  HG2  sing N N 223 
MET CG  HG3  sing N N 224 
MET SD  CE   sing N N 225 
MET CE  HE1  sing N N 226 
MET CE  HE2  sing N N 227 
MET CE  HE3  sing N N 228 
MET OXT HXT  sing N N 229 
PHE N   CA   sing N N 230 
PHE N   H    sing N N 231 
PHE N   H2   sing N N 232 
PHE CA  C    sing N N 233 
PHE CA  CB   sing N N 234 
PHE CA  HA   sing N N 235 
PHE C   O    doub N N 236 
PHE C   OXT  sing N N 237 
PHE CB  CG   sing N N 238 
PHE CB  HB2  sing N N 239 
PHE CB  HB3  sing N N 240 
PHE CG  CD1  doub Y N 241 
PHE CG  CD2  sing Y N 242 
PHE CD1 CE1  sing Y N 243 
PHE CD1 HD1  sing N N 244 
PHE CD2 CE2  doub Y N 245 
PHE CD2 HD2  sing N N 246 
PHE CE1 CZ   doub Y N 247 
PHE CE1 HE1  sing N N 248 
PHE CE2 CZ   sing Y N 249 
PHE CE2 HE2  sing N N 250 
PHE CZ  HZ   sing N N 251 
PHE OXT HXT  sing N N 252 
PRO N   CA   sing N N 253 
PRO N   CD   sing N N 254 
PRO N   H    sing N N 255 
PRO CA  C    sing N N 256 
PRO CA  CB   sing N N 257 
PRO CA  HA   sing N N 258 
PRO C   O    doub N N 259 
PRO C   OXT  sing N N 260 
PRO CB  CG   sing N N 261 
PRO CB  HB2  sing N N 262 
PRO CB  HB3  sing N N 263 
PRO CG  CD   sing N N 264 
PRO CG  HG2  sing N N 265 
PRO CG  HG3  sing N N 266 
PRO CD  HD2  sing N N 267 
PRO CD  HD3  sing N N 268 
PRO OXT HXT  sing N N 269 
SER N   CA   sing N N 270 
SER N   H    sing N N 271 
SER N   H2   sing N N 272 
SER CA  C    sing N N 273 
SER CA  CB   sing N N 274 
SER CA  HA   sing N N 275 
SER C   O    doub N N 276 
SER C   OXT  sing N N 277 
SER CB  OG   sing N N 278 
SER CB  HB2  sing N N 279 
SER CB  HB3  sing N N 280 
SER OG  HG   sing N N 281 
SER OXT HXT  sing N N 282 
SO4 S   O1   doub N N 283 
SO4 S   O2   doub N N 284 
SO4 S   O3   sing N N 285 
SO4 S   O4   sing N N 286 
THR N   CA   sing N N 287 
THR N   H    sing N N 288 
THR N   H2   sing N N 289 
THR CA  C    sing N N 290 
THR CA  CB   sing N N 291 
THR CA  HA   sing N N 292 
THR C   O    doub N N 293 
THR C   OXT  sing N N 294 
THR CB  OG1  sing N N 295 
THR CB  CG2  sing N N 296 
THR CB  HB   sing N N 297 
THR OG1 HG1  sing N N 298 
THR CG2 HG21 sing N N 299 
THR CG2 HG22 sing N N 300 
THR CG2 HG23 sing N N 301 
THR OXT HXT  sing N N 302 
TRP N   CA   sing N N 303 
TRP N   H    sing N N 304 
TRP N   H2   sing N N 305 
TRP CA  C    sing N N 306 
TRP CA  CB   sing N N 307 
TRP CA  HA   sing N N 308 
TRP C   O    doub N N 309 
TRP C   OXT  sing N N 310 
TRP CB  CG   sing N N 311 
TRP CB  HB2  sing N N 312 
TRP CB  HB3  sing N N 313 
TRP CG  CD1  doub Y N 314 
TRP CG  CD2  sing Y N 315 
TRP CD1 NE1  sing Y N 316 
TRP CD1 HD1  sing N N 317 
TRP CD2 CE2  doub Y N 318 
TRP CD2 CE3  sing Y N 319 
TRP NE1 CE2  sing Y N 320 
TRP NE1 HE1  sing N N 321 
TRP CE2 CZ2  sing Y N 322 
TRP CE3 CZ3  doub Y N 323 
TRP CE3 HE3  sing N N 324 
TRP CZ2 CH2  doub Y N 325 
TRP CZ2 HZ2  sing N N 326 
TRP CZ3 CH2  sing Y N 327 
TRP CZ3 HZ3  sing N N 328 
TRP CH2 HH2  sing N N 329 
TRP OXT HXT  sing N N 330 
TYR N   CA   sing N N 331 
TYR N   H    sing N N 332 
TYR N   H2   sing N N 333 
TYR CA  C    sing N N 334 
TYR CA  CB   sing N N 335 
TYR CA  HA   sing N N 336 
TYR C   O    doub N N 337 
TYR C   OXT  sing N N 338 
TYR CB  CG   sing N N 339 
TYR CB  HB2  sing N N 340 
TYR CB  HB3  sing N N 341 
TYR CG  CD1  doub Y N 342 
TYR CG  CD2  sing Y N 343 
TYR CD1 CE1  sing Y N 344 
TYR CD1 HD1  sing N N 345 
TYR CD2 CE2  doub Y N 346 
TYR CD2 HD2  sing N N 347 
TYR CE1 CZ   doub Y N 348 
TYR CE1 HE1  sing N N 349 
TYR CE2 CZ   sing Y N 350 
TYR CE2 HE2  sing N N 351 
TYR CZ  OH   sing N N 352 
TYR OH  HH   sing N N 353 
TYR OXT HXT  sing N N 354 
VAL N   CA   sing N N 355 
VAL N   H    sing N N 356 
VAL N   H2   sing N N 357 
VAL CA  C    sing N N 358 
VAL CA  CB   sing N N 359 
VAL CA  HA   sing N N 360 
VAL C   O    doub N N 361 
VAL C   OXT  sing N N 362 
VAL CB  CG1  sing N N 363 
VAL CB  CG2  sing N N 364 
VAL CB  HB   sing N N 365 
VAL CG1 HG11 sing N N 366 
VAL CG1 HG12 sing N N 367 
VAL CG1 HG13 sing N N 368 
VAL CG2 HG21 sing N N 369 
VAL CG2 HG22 sing N N 370 
VAL CG2 HG23 sing N N 371 
VAL OXT HXT  sing N N 372 
# 
_pdbx_initial_refinement_model.id               1 
_pdbx_initial_refinement_model.entity_id_list   ? 
_pdbx_initial_refinement_model.type             'experimental model' 
_pdbx_initial_refinement_model.source_name      PDB 
_pdbx_initial_refinement_model.accession_code   4JZ4 
_pdbx_initial_refinement_model.details          ? 
# 
_atom_sites.entry_id                    4RTY 
_atom_sites.fract_transf_matrix[1][1]   0.00516232 
_atom_sites.fract_transf_matrix[1][2]   0.00877323 
_atom_sites.fract_transf_matrix[1][3]   -0.01191044 
_atom_sites.fract_transf_matrix[2][1]   -0.01330384 
_atom_sites.fract_transf_matrix[2][2]   -0.01897225 
_atom_sites.fract_transf_matrix[2][3]   -0.01974123 
_atom_sites.fract_transf_matrix[3][1]   -0.02376747 
_atom_sites.fract_transf_matrix[3][2]   0.02181442 
_atom_sites.fract_transf_matrix[3][3]   -0.00494751 
_atom_sites.fract_transf_vector[1]      1.323907 
_atom_sites.fract_transf_vector[2]      0.002213 
_atom_sites.fract_transf_vector[3]      0.472049 
# 
loop_
_atom_type.symbol 
C 
H 
N 
O 
S 
# 
loop_
_atom_site.group_PDB 
_atom_site.id 
_atom_site.type_symbol 
_atom_site.label_atom_id 
_atom_site.label_alt_id 
_atom_site.label_comp_id 
_atom_site.label_asym_id 
_atom_site.label_entity_id 
_atom_site.label_seq_id 
_atom_site.pdbx_PDB_ins_code 
_atom_site.Cartn_x 
_atom_site.Cartn_y 
_atom_site.Cartn_z 
_atom_site.occupancy 
_atom_site.B_iso_or_equiv 
_atom_site.pdbx_formal_charge 
_atom_site.auth_seq_id 
_atom_site.auth_comp_id 
_atom_site.auth_asym_id 
_atom_site.auth_atom_id 
_atom_site.pdbx_PDB_model_num 
ATOM   1    N N    . MET A 1 4  ? 2.255   -13.825 5.724   1.00 29.86 ? 84  MET A N    1 
ATOM   2    C CA   . MET A 1 4  ? 2.580   -13.819 4.297   1.00 24.45 ? 84  MET A CA   1 
ATOM   3    C C    . MET A 1 4  ? 2.804   -12.401 3.799   1.00 23.37 ? 84  MET A C    1 
ATOM   4    O O    . MET A 1 4  ? 1.966   -11.509 4.004   1.00 26.51 ? 84  MET A O    1 
ATOM   5    C CB   . MET A 1 4  ? 1.457   -14.472 3.496   1.00 22.62 ? 84  MET A CB   1 
ATOM   6    C CG   . MET A 1 4  ? 1.658   -14.444 1.989   1.00 18.06 ? 84  MET A CG   1 
ATOM   7    S SD   . MET A 1 4  ? 0.269   -15.185 1.095   1.00 19.50 ? 84  MET A SD   1 
ATOM   8    C CE   . MET A 1 4  ? -1.070  -14.075 1.539   1.00 21.09 ? 84  MET A CE   1 
ATOM   9    H HA   . MET A 1 4  ? 3.388   -14.334 4.155   1.00 29.34 ? 84  MET A HA   1 
ATOM   10   H HB2  . MET A 1 4  ? 1.385   -15.401 3.766   1.00 27.15 ? 84  MET A HB2  1 
ATOM   11   H HB3  . MET A 1 4  ? 0.628   -14.009 3.691   1.00 27.15 ? 84  MET A HB3  1 
ATOM   12   H HG2  . MET A 1 4  ? 1.746   -13.524 1.697   1.00 21.67 ? 84  MET A HG2  1 
ATOM   13   H HG3  . MET A 1 4  ? 2.459   -14.943 1.766   1.00 21.67 ? 84  MET A HG3  1 
ATOM   14   H HE1  . MET A 1 4  ? -1.886  -14.377 1.110   1.00 25.31 ? 84  MET A HE1  1 
ATOM   15   H HE2  . MET A 1 4  ? -1.179  -14.083 2.503   1.00 25.31 ? 84  MET A HE2  1 
ATOM   16   H HE3  . MET A 1 4  ? -0.849  -13.179 1.239   1.00 25.31 ? 84  MET A HE3  1 
ATOM   17   N N    . THR A 1 5  ? 3.911   -12.199 3.093   1.00 15.41 ? 85  THR A N    1 
ATOM   18   C CA   . THR A 1 5  ? 4.241   -10.856 2.625   1.00 11.07 ? 85  THR A CA   1 
ATOM   19   C C    . THR A 1 5  ? 3.674   -10.647 1.236   1.00 6.86  ? 85  THR A C    1 
ATOM   20   O O    . THR A 1 5  ? 3.227   -11.588 0.588   1.00 7.37  ? 85  THR A O    1 
ATOM   21   C CB   . THR A 1 5  ? 5.758   -10.584 2.663   1.00 13.50 ? 85  THR A CB   1 
ATOM   22   O OG1  . THR A 1 5  ? 6.434   -11.473 1.759   1.00 16.46 ? 85  THR A OG1  1 
ATOM   23   C CG2  . THR A 1 5  ? 6.262   -10.741 4.095   1.00 16.85 ? 85  THR A CG2  1 
ATOM   24   H H    . THR A 1 5  ? 4.477   -12.808 2.874   1.00 18.49 ? 85  THR A H    1 
ATOM   25   H HA   . THR A 1 5  ? 3.816   -10.213 3.213   1.00 13.29 ? 85  THR A HA   1 
ATOM   26   H HB   . THR A 1 5  ? 5.922   -9.669  2.386   1.00 16.20 ? 85  THR A HB   1 
ATOM   27   H HG1  . THR A 1 5  ? 6.293   -12.270 1.981   1.00 19.76 ? 85  THR A HG1  1 
ATOM   28   H HG21 . THR A 1 5  ? 6.089   -11.642 4.410   1.00 20.22 ? 85  THR A HG21 1 
ATOM   29   H HG22 . THR A 1 5  ? 7.216   -10.572 4.130   1.00 20.22 ? 85  THR A HG22 1 
ATOM   30   H HG23 . THR A 1 5  ? 5.808   -10.112 4.676   1.00 20.22 ? 85  THR A HG23 1 
ATOM   31   N N    . PHE A 1 6  ? 3.672   -9.385  0.815   1.00 6.32  ? 86  PHE A N    1 
ATOM   32   C CA   . PHE A 1 6  ? 3.169   -8.983  -0.486  1.00 5.35  ? 86  PHE A CA   1 
ATOM   33   C C    . PHE A 1 6  ? 4.294   -8.338  -1.280  1.00 5.22  ? 86  PHE A C    1 
ATOM   34   O O    . PHE A 1 6  ? 5.293   -7.895  -0.714  1.00 6.41  ? 86  PHE A O    1 
ATOM   35   C CB   . PHE A 1 6  ? 2.007   -7.991  -0.329  1.00 5.14  ? 86  PHE A CB   1 
ATOM   36   C CG   . PHE A 1 6  ? 0.678   -8.654  -0.080  1.00 4.83  ? 86  PHE A CG   1 
ATOM   37   C CD1  . PHE A 1 6  ? 0.460   -9.435  1.043   1.00 6.11  ? 86  PHE A CD1  1 
ATOM   38   C CD2  . PHE A 1 6  ? -0.372  -8.488  -0.963  1.00 5.40  ? 86  PHE A CD2  1 
ATOM   39   C CE1  . PHE A 1 6  ? -0.759  -10.074 1.233   1.00 6.67  ? 86  PHE A CE1  1 
ATOM   40   C CE2  . PHE A 1 6  ? -1.585  -9.106  -0.750  1.00 6.59  ? 86  PHE A CE2  1 
ATOM   41   C CZ   . PHE A 1 6  ? -1.767  -9.900  0.336   1.00 6.32  ? 86  PHE A CZ   1 
ATOM   42   H H    . PHE A 1 6  ? 3.967   -8.727  1.284   1.00 7.59  ? 86  PHE A H    1 
ATOM   43   H HA   . PHE A 1 6  ? 2.852   -9.761  -0.969  1.00 6.42  ? 86  PHE A HA   1 
ATOM   44   H HB2  . PHE A 1 6  ? 2.194   -7.406  0.422   1.00 6.17  ? 86  PHE A HB2  1 
ATOM   45   H HB3  . PHE A 1 6  ? 1.931   -7.468  -1.142  1.00 6.17  ? 86  PHE A HB3  1 
ATOM   46   H HD1  . PHE A 1 6  ? 1.153   -9.576  1.647   1.00 7.33  ? 86  PHE A HD1  1 
ATOM   47   H HD2  . PHE A 1 6  ? -0.252  -7.965  -1.722  1.00 6.47  ? 86  PHE A HD2  1 
ATOM   48   H HE1  . PHE A 1 6  ? -0.895  -10.601 1.987   1.00 8.00  ? 86  PHE A HE1  1 
ATOM   49   H HE2  . PHE A 1 6  ? -2.277  -8.993  -1.361  1.00 7.91  ? 86  PHE A HE2  1 
ATOM   50   H HZ   . PHE A 1 6  ? -2.592  -10.305 0.481   1.00 7.59  ? 86  PHE A HZ   1 
ATOM   51   N N    . VAL A 1 7  ? 4.138   -8.290  -2.599  1.00 5.28  ? 87  VAL A N    1 
ATOM   52   C CA   . VAL A 1 7  ? 5.087   -7.602  -3.465  1.00 5.43  ? 87  VAL A CA   1 
ATOM   53   C C    . VAL A 1 7  ? 4.330   -6.583  -4.308  1.00 4.43  ? 87  VAL A C    1 
ATOM   54   O O    . VAL A 1 7  ? 3.207   -6.814  -4.747  1.00 5.31  ? 87  VAL A O    1 
ATOM   55   C CB   . VAL A 1 7  ? 5.854   -8.603  -4.366  1.00 7.47  ? 87  VAL A CB   1 
ATOM   56   C CG1  . VAL A 1 7  ? 4.932   -9.327  -5.344  1.00 9.91  ? 87  VAL A CG1  1 
ATOM   57   C CG2  . VAL A 1 7  ? 6.951   -7.924  -5.128  1.00 9.98  ? 87  VAL A CG2  1 
ATOM   58   H H    . VAL A 1 7  ? 3.482   -8.653  -3.021  1.00 6.34  ? 87  VAL A H    1 
ATOM   59   H HA   . VAL A 1 7  ? 5.732   -7.128  -2.919  1.00 6.51  ? 87  VAL A HA   1 
ATOM   60   H HB   . VAL A 1 7  ? 6.265   -9.275  -3.799  1.00 8.97  ? 87  VAL A HB   1 
ATOM   61   H HG11 . VAL A 1 7  ? 4.024   -9.015  -5.211  1.00 11.89 ? 87  VAL A HG11 1 
ATOM   62   H HG12 . VAL A 1 7  ? 5.220   -9.133  -6.250  1.00 11.89 ? 87  VAL A HG12 1 
ATOM   63   H HG13 . VAL A 1 7  ? 4.982   -10.281 -5.178  1.00 11.89 ? 87  VAL A HG13 1 
ATOM   64   H HG21 . VAL A 1 7  ? 7.407   -8.582  -5.677  1.00 11.97 ? 87  VAL A HG21 1 
ATOM   65   H HG22 . VAL A 1 7  ? 6.565   -7.233  -5.688  1.00 11.97 ? 87  VAL A HG22 1 
ATOM   66   H HG23 . VAL A 1 7  ? 7.575   -7.530  -4.498  1.00 11.97 ? 87  VAL A HG23 1 
ATOM   67   N N    . ALA A 1 8  ? 4.958   -5.439  -4.538  1.00 4.46  ? 88  ALA A N    1 
ATOM   68   C CA   . ALA A 1 8  ? 4.389   -4.432  -5.414  1.00 4.47  ? 88  ALA A CA   1 
ATOM   69   C C    . ALA A 1 8  ? 4.474   -4.845  -6.872  1.00 5.42  ? 88  ALA A C    1 
ATOM   70   O O    . ALA A 1 8  ? 5.519   -5.272  -7.336  1.00 6.20  ? 88  ALA A O    1 
ATOM   71   C CB   . ALA A 1 8  ? 5.139   -3.140  -5.200  1.00 4.92  ? 88  ALA A CB   1 
ATOM   72   H H    . ALA A 1 8  ? 5.718   -5.222  -4.198  1.00 5.35  ? 88  ALA A H    1 
ATOM   73   H HA   . ALA A 1 8  ? 3.456   -4.290  -5.186  1.00 5.36  ? 88  ALA A HA   1 
ATOM   74   H HB1  . ALA A 1 8  ? 4.767   -2.459  -5.781  1.00 5.90  ? 88  ALA A HB1  1 
ATOM   75   H HB2  . ALA A 1 8  ? 5.048   -2.871  -4.273  1.00 5.90  ? 88  ALA A HB2  1 
ATOM   76   H HB3  . ALA A 1 8  ? 6.076   -3.280  -5.413  1.00 5.90  ? 88  ALA A HB3  1 
ATOM   77   N N    . LEU A 1 9  ? 3.365   -4.686  -7.582  1.00 5.03  ? 89  LEU A N    1 
ATOM   78   C CA   . LEU A 1 9  ? 3.303   -4.943  -9.018  1.00 6.49  ? 89  LEU A CA   1 
ATOM   79   C C    . LEU A 1 9  ? 3.603   -3.704  -9.864  1.00 4.98  ? 89  LEU A C    1 
ATOM   80   O O    . LEU A 1 9  ? 3.908   -3.824  -11.056 1.00 6.10  ? 89  LEU A O    1 
ATOM   81   C CB   . LEU A 1 9  ? 1.905   -5.461  -9.385  1.00 9.11  ? 89  LEU A CB   1 
ATOM   82   C CG   . LEU A 1 9  ? 1.436   -6.710  -8.655  1.00 12.12 ? 89  LEU A CG   1 
ATOM   83   C CD1  . LEU A 1 9  ? -0.015  -7.019  -9.045  1.00 17.50 ? 89  LEU A CD1  1 
ATOM   84   C CD2  . LEU A 1 9  ? 2.370   -7.850  -8.985  1.00 16.20 ? 89  LEU A CD2  1 
ATOM   85   H H    . LEU A 1 9  ? 2.617   -4.425  -7.249  1.00 6.04  ? 89  LEU A H    1 
ATOM   86   H HA   . LEU A 1 9  ? 3.951   -5.629  -9.247  1.00 7.79  ? 89  LEU A HA   1 
ATOM   87   H HB2  . LEU A 1 9  ? 1.261   -4.759  -9.197  1.00 10.93 ? 89  LEU A HB2  1 
ATOM   88   H HB3  . LEU A 1 9  ? 1.893   -5.660  -10.334 1.00 10.93 ? 89  LEU A HB3  1 
ATOM   89   H HG   . LEU A 1 9  ? 1.469   -6.555  -7.699  1.00 14.54 ? 89  LEU A HG   1 
ATOM   90   H HD11 . LEU A 1 9  ? -0.576  -6.267  -8.797  1.00 21.00 ? 89  LEU A HD11 1 
ATOM   91   H HD12 . LEU A 1 9  ? -0.062  -7.164  -10.003 1.00 21.00 ? 89  LEU A HD12 1 
ATOM   92   H HD13 . LEU A 1 9  ? -0.306  -7.817  -8.575  1.00 21.00 ? 89  LEU A HD13 1 
ATOM   93   H HD21 . LEU A 1 9  ? 2.356   -8.001  -9.942  1.00 19.44 ? 89  LEU A HD21 1 
ATOM   94   H HD22 . LEU A 1 9  ? 3.266   -7.614  -8.698  1.00 19.44 ? 89  LEU A HD22 1 
ATOM   95   H HD23 . LEU A 1 9  ? 2.071   -8.646  -8.520  1.00 19.44 ? 89  LEU A HD23 1 
ATOM   96   N N    . TYR A 1 10 ? 3.461   -2.531  -9.247  1.00 4.85  ? 90  TYR A N    1 
ATOM   97   C CA   . TYR A 1 10 ? 3.635   -1.238  -9.884  1.00 4.91  ? 90  TYR A CA   1 
ATOM   98   C C    . TYR A 1 10 ? 4.368   -0.359  -8.876  1.00 5.30  ? 90  TYR A C    1 
ATOM   99   O O    . TYR A 1 10 ? 4.323   -0.633  -7.673  1.00 6.31  ? 90  TYR A O    1 
ATOM   100  C CB   . TYR A 1 10 ? 2.280   -0.579  -10.223 1.00 6.88  ? 90  TYR A CB   1 
ATOM   101  C CG   . TYR A 1 10 ? 1.362   -1.431  -11.060 1.00 6.22  ? 90  TYR A CG   1 
ATOM   102  C CD1  . TYR A 1 10 ? 0.509   -2.339  -10.459 1.00 8.04  ? 90  TYR A CD1  1 
ATOM   103  C CD2  . TYR A 1 10 ? 1.349   -1.335  -12.445 1.00 8.02  ? 90  TYR A CD2  1 
ATOM   104  C CE1  . TYR A 1 10 ? -0.333  -3.135  -11.214 1.00 10.01 ? 90  TYR A CE1  1 
ATOM   105  C CE2  . TYR A 1 10 ? 0.522   -2.152  -13.211 1.00 9.79  ? 90  TYR A CE2  1 
ATOM   106  C CZ   . TYR A 1 10 ? -0.321  -3.039  -12.583 1.00 10.68 ? 90  TYR A CZ   1 
ATOM   107  O OH   . TYR A 1 10 ? -1.150  -3.830  -13.335 1.00 14.65 ? 90  TYR A OH   1 
ATOM   108  H H    . TYR A 1 10 ? 3.254   -2.463  -8.415  1.00 5.82  ? 90  TYR A H    1 
ATOM   109  H HA   . TYR A 1 10 ? 4.167   -1.323  -10.691 1.00 5.90  ? 90  TYR A HA   1 
ATOM   110  H HB2  . TYR A 1 10 ? 1.817   -0.376  -9.394  1.00 8.26  ? 90  TYR A HB2  1 
ATOM   111  H HB3  . TYR A 1 10 ? 2.448   0.241   -10.713 1.00 8.26  ? 90  TYR A HB3  1 
ATOM   112  H HD1  . TYR A 1 10 ? 0.501   -2.414  -9.533  1.00 9.65  ? 90  TYR A HD1  1 
ATOM   113  H HD2  . TYR A 1 10 ? 1.925   -0.740  -12.869 1.00 9.63  ? 90  TYR A HD2  1 
ATOM   114  H HE1  . TYR A 1 10 ? -0.897  -3.743  -10.794 1.00 12.01 ? 90  TYR A HE1  1 
ATOM   115  H HE2  . TYR A 1 10 ? 0.520   -2.079  -14.138 1.00 11.75 ? 90  TYR A HE2  1 
ATOM   116  H HH   . TYR A 1 10 ? -1.607  -4.324  -12.832 1.00 17.58 ? 90  TYR A HH   1 
ATOM   117  N N    . ASP A 1 11 ? 4.986   0.721   -9.348  1.00 4.64  ? 91  ASP A N    1 
ATOM   118  C CA   . ASP A 1 11 ? 5.402   1.771   -8.442  1.00 4.92  ? 91  ASP A CA   1 
ATOM   119  C C    . ASP A 1 11 ? 4.157   2.534   -7.982  1.00 4.33  ? 91  ASP A C    1 
ATOM   120  O O    . ASP A 1 11 ? 3.146   2.565   -8.660  1.00 5.16  ? 91  ASP A O    1 
ATOM   121  C CB   . ASP A 1 11 ? 6.334   2.791   -9.105  1.00 5.80  ? 91  ASP A CB   1 
ATOM   122  C CG   . ASP A 1 11 ? 7.716   2.266   -9.492  1.00 6.04  ? 91  ASP A CG   1 
ATOM   123  O OD1  . ASP A 1 11 ? 7.984   1.054   -9.505  1.00 6.34  ? 91  ASP A OD1  1 
ATOM   124  O OD2  . ASP A 1 11 ? 8.542   3.152   -9.818  1.00 6.61  ? 91  ASP A OD2  1 
ATOM   125  H H    . ASP A 1 11 ? 5.173   0.862   -10.176 1.00 5.57  ? 91  ASP A H    1 
ATOM   126  H HA   . ASP A 1 11 ? 5.846   1.390   -7.669  1.00 5.91  ? 91  ASP A HA   1 
ATOM   127  H HB2  . ASP A 1 11 ? 5.908   3.112   -9.916  1.00 6.96  ? 91  ASP A HB2  1 
ATOM   128  H HB3  . ASP A 1 11 ? 6.465   3.531   -8.492  1.00 6.96  ? 91  ASP A HB3  1 
ATOM   129  N N    . TYR A 1 12 ? 4.259   3.170   -6.814  1.00 4.82  ? 92  TYR A N    1 
ATOM   130  C CA   . TYR A 1 12 ? 3.202   4.021   -6.296  1.00 5.35  ? 92  TYR A CA   1 
ATOM   131  C C    . TYR A 1 12 ? 3.829   5.224   -5.620  1.00 5.43  ? 92  TYR A C    1 
ATOM   132  O O    . TYR A 1 12 ? 4.664   5.079   -4.735  1.00 5.36  ? 92  TYR A O    1 
ATOM   133  C CB   . TYR A 1 12 ? 2.285   3.258   -5.286  1.00 5.81  ? 92  TYR A CB   1 
ATOM   134  C CG   . TYR A 1 12 ? 1.252   4.179   -4.693  1.00 5.38  ? 92  TYR A CG   1 
ATOM   135  C CD1  . TYR A 1 12 ? 0.239   4.674   -5.481  1.00 5.42  ? 92  TYR A CD1  1 
ATOM   136  C CD2  . TYR A 1 12 ? 1.341   4.615   -3.391  1.00 5.19  ? 92  TYR A CD2  1 
ATOM   137  C CE1  . TYR A 1 12 ? -0.665  5.594   -5.004  1.00 5.45  ? 92  TYR A CE1  1 
ATOM   138  C CE2  . TYR A 1 12 ? 0.441   5.531   -2.885  1.00 5.07  ? 92  TYR A CE2  1 
ATOM   139  C CZ   . TYR A 1 12 ? -0.552  6.025   -3.702  1.00 5.24  ? 92  TYR A CZ   1 
ATOM   140  O OH   . TYR A 1 12 ? -1.454  6.975   -3.283  1.00 5.85  ? 92  TYR A OH   1 
ATOM   141  H H    . TYR A 1 12 ? 4.945   3.118   -6.298  1.00 5.78  ? 92  TYR A H    1 
ATOM   142  H HA   . TYR A 1 12 ? 2.652   4.335   -7.030  1.00 6.42  ? 92  TYR A HA   1 
ATOM   143  H HB2  . TYR A 1 12 ? 1.825   2.540   -5.749  1.00 6.97  ? 92  TYR A HB2  1 
ATOM   144  H HB3  . TYR A 1 12 ? 2.827   2.902   -4.565  1.00 6.97  ? 92  TYR A HB3  1 
ATOM   145  H HD1  . TYR A 1 12 ? 0.187   4.408   -6.370  1.00 6.51  ? 92  TYR A HD1  1 
ATOM   146  H HD2  . TYR A 1 12 ? 2.032   4.305   -2.851  1.00 6.23  ? 92  TYR A HD2  1 
ATOM   147  H HE1  . TYR A 1 12 ? -1.334  5.930   -5.556  1.00 6.54  ? 92  TYR A HE1  1 
ATOM   148  H HE2  . TYR A 1 12 ? 0.518   5.830   -2.008  1.00 6.08  ? 92  TYR A HE2  1 
ATOM   149  H HH   . TYR A 1 12 ? -1.309  7.175   -2.481  1.00 7.02  ? 92  TYR A HH   1 
ATOM   150  N N    A GLU A 1 13 ? 3.397   6.395   -6.055  0.45 4.96  ? 93  GLU A N    1 
ATOM   151  N N    B GLU A 1 13 ? 3.456   6.412   -6.088  0.55 5.64  ? 93  GLU A N    1 
ATOM   152  C CA   A GLU A 1 13 ? 3.806   7.659   -5.476  0.45 4.20  ? 93  GLU A CA   1 
ATOM   153  C CA   B GLU A 1 13 ? 3.862   7.690   -5.494  0.55 5.94  ? 93  GLU A CA   1 
ATOM   154  C C    A GLU A 1 13 ? 2.718   8.182   -4.553  0.45 5.16  ? 93  GLU A C    1 
ATOM   155  C C    B GLU A 1 13 ? 2.758   8.230   -4.578  0.55 5.20  ? 93  GLU A C    1 
ATOM   156  O O    A GLU A 1 13 ? 1.556   8.313   -4.940  0.45 6.92  ? 93  GLU A O    1 
ATOM   157  O O    B GLU A 1 13 ? 1.629   8.443   -5.005  0.55 5.78  ? 93  GLU A O    1 
ATOM   158  C CB   A GLU A 1 13 ? 4.120   8.654   -6.585  0.45 4.39  ? 93  GLU A CB   1 
ATOM   159  C CB   B GLU A 1 13 ? 4.206   8.730   -6.582  0.55 9.04  ? 93  GLU A CB   1 
ATOM   160  C CG   A GLU A 1 13 ? 5.504   8.461   -7.151  0.45 6.94  ? 93  GLU A CG   1 
ATOM   161  C CG   B GLU A 1 13 ? 4.639   10.097  -6.006  0.55 12.11 ? 93  GLU A CG   1 
ATOM   162  C CD   A GLU A 1 13 ? 6.579   8.919   -6.203  0.45 8.77  ? 93  GLU A CD   1 
ATOM   163  C CD   B GLU A 1 13 ? 5.113   11.105  -7.040  0.55 20.38 ? 93  GLU A CD   1 
ATOM   164  O OE1  A GLU A 1 13 ? 7.371   8.082   -5.725  0.45 12.14 ? 93  GLU A OE1  1 
ATOM   165  O OE1  B GLU A 1 13 ? 5.505   12.216  -6.648  0.55 23.35 ? 93  GLU A OE1  1 
ATOM   166  O OE2  A GLU A 1 13 ? 6.646   10.133  -5.961  0.45 12.00 ? 93  GLU A OE2  1 
ATOM   167  O OE2  B GLU A 1 13 ? 5.113   10.795  -8.232  0.55 24.71 ? 93  GLU A OE2  1 
ATOM   168  H H    A GLU A 1 13 ? 2.846   6.484   -6.708  0.45 5.95  ? 93  GLU A H    1 
ATOM   169  H H    B GLU A 1 13 ? 2.948   6.509   -6.776  0.55 6.76  ? 93  GLU A H    1 
ATOM   170  H HA   A GLU A 1 13 ? 4.611   7.526   -4.951  0.45 5.04  ? 93  GLU A HA   1 
ATOM   171  H HA   B GLU A 1 13 ? 4.655   7.549   -4.955  0.55 7.13  ? 93  GLU A HA   1 
ATOM   172  H HB2  A GLU A 1 13 ? 3.481   8.539   -7.305  0.45 5.26  ? 93  GLU A HB2  1 
ATOM   173  H HB2  B GLU A 1 13 ? 4.936   8.390   -7.122  0.55 10.84 ? 93  GLU A HB2  1 
ATOM   174  H HB3  A GLU A 1 13 ? 4.063   9.554   -6.229  0.45 5.26  ? 93  GLU A HB3  1 
ATOM   175  H HB3  B GLU A 1 13 ? 3.424   8.875   -7.136  0.55 10.84 ? 93  GLU A HB3  1 
ATOM   176  H HG2  A GLU A 1 13 ? 5.644   7.518   -7.333  0.45 8.32  ? 93  GLU A HG2  1 
ATOM   177  H HG2  B GLU A 1 13 ? 3.885   10.488  -5.538  0.55 14.53 ? 93  GLU A HG2  1 
ATOM   178  H HG3  A GLU A 1 13 ? 5.586   8.974   -7.971  0.45 8.32  ? 93  GLU A HG3  1 
ATOM   179  H HG3  B GLU A 1 13 ? 5.368   9.952   -5.383  0.55 14.53 ? 93  GLU A HG3  1 
ATOM   180  N N    . SER A 1 14 ? 3.111   8.452   -3.318  1.00 4.95  ? 94  SER A N    1 
ATOM   181  C CA   . SER A 1 14 ? 2.175   8.940   -2.319  1.00 5.39  ? 94  SER A CA   1 
ATOM   182  C C    . SER A 1 14 ? 1.386   10.141  -2.804  1.00 5.17  ? 94  SER A C    1 
ATOM   183  O O    . SER A 1 14 ? 1.938   11.083  -3.356  1.00 6.20  ? 94  SER A O    1 
ATOM   184  C CB   . SER A 1 14 ? 2.933   9.336   -1.054  1.00 5.75  ? 94  SER A CB   1 
ATOM   185  O OG   . SER A 1 14 ? 3.346   8.195   -0.327  1.00 6.53  ? 94  SER A OG   1 
ATOM   186  H H    . SER A 1 14 ? 3.911   8.342   -3.020  1.00 5.94  ? 94  SER A H    1 
ATOM   187  H HA   . SER A 1 14 ? 1.549   8.235   -2.092  1.00 6.47  ? 94  SER A HA   1 
ATOM   188  H HB2  . SER A 1 14 ? 3.716   9.850   -1.304  1.00 6.90  ? 94  SER A HB2  1 
ATOM   189  H HB3  . SER A 1 14 ? 2.351   9.872   -0.492  1.00 6.90  ? 94  SER A HB3  1 
ATOM   190  H HG   . SER A 1 14 ? 3.761   8.429   0.365   1.00 7.84  ? 94  SER A HG   1 
ATOM   191  N N    . ARG A 1 15 ? 0.099   10.136  -2.492  1.00 7.50  ? 95  ARG A N    1 
ATOM   192  C CA   . ARG A 1 15 ? -0.788  11.244  -2.813  1.00 7.82  ? 95  ARG A CA   1 
ATOM   193  C C    . ARG A 1 15 ? -1.272  11.992  -1.585  1.00 8.87  ? 95  ARG A C    1 
ATOM   194  O O    . ARG A 1 15 ? -1.915  13.028  -1.706  1.00 10.54 ? 95  ARG A O    1 
ATOM   195  C CB   . ARG A 1 15 ? -1.918  10.750  -3.682  1.00 8.89  ? 95  ARG A CB   1 
ATOM   196  C CG   . ARG A 1 15 ? -1.387  10.487  -5.110  1.00 10.31 ? 95  ARG A CG   1 
ATOM   197  C CD   . ARG A 1 15 ? -2.320  9.634   -5.848  1.00 10.46 ? 95  ARG A CD   1 
ATOM   198  N NE   . ARG A 1 15 ? -2.064  9.484   -7.284  1.00 8.35  ? 95  ARG A NE   1 
ATOM   199  C CZ   . ARG A 1 15 ? -1.170  8.678   -7.831  1.00 6.62  ? 95  ARG A CZ   1 
ATOM   200  N NH1  . ARG A 1 15 ? -0.265  8.050   -7.113  1.00 6.78  ? 95  ARG A NH1  1 
ATOM   201  N NH2  . ARG A 1 15 ? -1.166  8.524   -9.134  1.00 9.01  ? 95  ARG A NH2  1 
ATOM   202  H H    . ARG A 1 15 ? -0.292  9.489   -2.084  1.00 9.00  ? 95  ARG A H    1 
ATOM   203  H HA   . ARG A 1 15 ? -0.286  11.880  -3.346  1.00 9.39  ? 95  ARG A HA   1 
ATOM   204  H HB2  . ARG A 1 15 ? -2.268  9.920   -3.322  1.00 10.67 ? 95  ARG A HB2  1 
ATOM   205  H HB3  . ARG A 1 15 ? -2.614  11.424  -3.728  1.00 10.67 ? 95  ARG A HB3  1 
ATOM   206  H HG2  . ARG A 1 15 ? -1.299  11.329  -5.583  1.00 12.37 ? 95  ARG A HG2  1 
ATOM   207  H HG3  . ARG A 1 15 ? -0.530  10.034  -5.058  1.00 12.37 ? 95  ARG A HG3  1 
ATOM   208  H HD2  . ARG A 1 15 ? -2.297  8.747   -5.457  1.00 12.55 ? 95  ARG A HD2  1 
ATOM   209  H HD3  . ARG A 1 15 ? -3.211  10.004  -5.751  1.00 12.55 ? 95  ARG A HD3  1 
ATOM   210  H HE   . ARG A 1 15 ? -2.537  9.964   -7.819  1.00 10.02 ? 95  ARG A HE   1 
ATOM   211  H HH11 . ARG A 1 15 ? -0.280  8.109   -6.254  1.00 8.14  ? 95  ARG A HH11 1 
ATOM   212  H HH12 . ARG A 1 15 ? 0.323   7.555   -7.499  1.00 8.14  ? 95  ARG A HH12 1 
ATOM   213  H HH21 . ARG A 1 15 ? -1.724  8.963   -9.619  1.00 10.82 ? 95  ARG A HH21 1 
ATOM   214  H HH22 . ARG A 1 15 ? -0.542  8.066   -9.508  1.00 10.82 ? 95  ARG A HH22 1 
ATOM   215  N N    A THR A 1 16 ? -0.960  11.448  -0.409  0.49 8.38  ? 96  THR A N    1 
ATOM   216  N N    B THR A 1 16 ? -0.959  11.475  -0.402  0.51 8.83  ? 96  THR A N    1 
ATOM   217  C CA   A THR A 1 16 ? -1.192  12.118  0.868   0.49 8.51  ? 96  THR A CA   1 
ATOM   218  C CA   B THR A 1 16 ? -1.136  12.235  0.830   0.51 9.77  ? 96  THR A CA   1 
ATOM   219  C C    A THR A 1 16 ? 0.032   11.853  1.740   0.49 7.91  ? 96  THR A C    1 
ATOM   220  C C    B THR A 1 16 ? -0.018  11.825  1.771   0.51 8.81  ? 96  THR A C    1 
ATOM   221  O O    A THR A 1 16 ? 0.830   10.962  1.443   0.49 8.15  ? 96  THR A O    1 
ATOM   222  O O    B THR A 1 16 ? 0.647   10.812  1.551   0.51 9.39  ? 96  THR A O    1 
ATOM   223  C CB   A THR A 1 16 ? -2.434  11.584  1.605   0.49 10.55 ? 96  THR A CB   1 
ATOM   224  C CB   B THR A 1 16 ? -2.520  12.018  1.485   0.51 12.85 ? 96  THR A CB   1 
ATOM   225  O OG1  A THR A 1 16 ? -2.107  10.356  2.264   0.49 13.16 ? 96  THR A OG1  1 
ATOM   226  O OG1  B THR A 1 16 ? -2.766  13.033  2.473   0.51 12.49 ? 96  THR A OG1  1 
ATOM   227  C CG2  A THR A 1 16 ? -3.621  11.378  0.644   0.49 10.26 ? 96  THR A CG2  1 
ATOM   228  C CG2  B THR A 1 16 ? -2.620  10.641  2.126   0.51 14.19 ? 96  THR A CG2  1 
ATOM   229  H HA   A THR A 1 16 ? -1.287  13.073  0.733   0.49 10.22 ? 96  THR A HA   1 
ATOM   230  H HA   B THR A 1 16 ? -1.038  13.181  0.639   0.51 11.73 ? 96  THR A HA   1 
ATOM   231  H HB   A THR A 1 16 ? -2.705  12.234  2.273   0.49 12.66 ? 96  THR A HB   1 
ATOM   232  H HB   B THR A 1 16 ? -3.204  12.077  0.798   0.51 15.42 ? 96  THR A HB   1 
ATOM   233  H HG1  A THR A 1 16 ? -1.853  9.787   1.701   0.49 15.79 ? 96  THR A HG1  1 
ATOM   234  H HG1  B THR A 1 16 ? -2.175  13.002  3.070   0.51 14.99 ? 96  THR A HG1  1 
ATOM   235  H HG21 A THR A 1 16 ? -4.389  11.043  1.133   0.49 12.31 ? 96  THR A HG21 1 
ATOM   236  H HG21 B THR A 1 16 ? -3.495  10.526  2.529   0.51 17.03 ? 96  THR A HG21 1 
ATOM   237  H HG22 A THR A 1 16 ? -3.857  12.221  0.225   0.49 12.31 ? 96  THR A HG22 1 
ATOM   238  H HG22 B THR A 1 16 ? -2.490  9.953   1.455   0.51 17.03 ? 96  THR A HG22 1 
ATOM   239  H HG23 A THR A 1 16 ? -3.382  10.740  -0.046  0.49 12.31 ? 96  THR A HG23 1 
ATOM   240  H HG23 B THR A 1 16 ? -1.941  10.546  2.812   0.51 17.03 ? 96  THR A HG23 1 
ATOM   241  N N    . GLU A 1 17 ? 0.185   12.600  2.824   1.00 8.99  ? 97  GLU A N    1 
ATOM   242  C CA   . GLU A 1 17 ? 1.366   12.460  3.657   1.00 10.05 ? 97  GLU A CA   1 
ATOM   243  C C    . GLU A 1 17 ? 1.502   11.079  4.264   1.00 7.00  ? 97  GLU A C    1 
ATOM   244  O O    . GLU A 1 17 ? 2.619   10.572  4.401   1.00 7.82  ? 97  GLU A O    1 
ATOM   245  C CB   . GLU A 1 17 ? 1.349   13.508  4.775   1.00 16.83 ? 97  GLU A CB   1 
ATOM   246  C CG   . GLU A 1 17 ? 2.626   13.555  5.579   1.00 26.69 ? 97  GLU A CG   1 
ATOM   247  C CD   . GLU A 1 17 ? 2.670   14.709  6.589   1.00 34.40 ? 97  GLU A CD   1 
ATOM   248  O OE1  . GLU A 1 17 ? 1.733   15.538  6.611   1.00 35.57 ? 97  GLU A OE1  1 
ATOM   249  O OE2  . GLU A 1 17 ? 3.646   14.772  7.377   1.00 38.34 ? 97  GLU A OE2  1 
ATOM   250  H H    A GLU A 1 17 ? -0.378  13.190  3.098   0.49 10.79 ? 97  GLU A H    1 
ATOM   251  H H    B GLU A 1 17 ? -0.353  13.220  3.081   0.51 10.79 ? 97  GLU A H    1 
ATOM   252  H HA   . GLU A 1 17 ? 2.153   12.622  3.111   1.00 12.06 ? 97  GLU A HA   1 
ATOM   253  H HB2  . GLU A 1 17 ? 1.212   14.384  4.381   1.00 20.20 ? 97  GLU A HB2  1 
ATOM   254  H HB3  . GLU A 1 17 ? 0.623   13.303  5.384   1.00 20.20 ? 97  GLU A HB3  1 
ATOM   255  H HG2  . GLU A 1 17 ? 2.719   12.725  6.070   1.00 32.03 ? 97  GLU A HG2  1 
ATOM   256  H HG3  . GLU A 1 17 ? 3.376   13.664  4.971   1.00 32.03 ? 97  GLU A HG3  1 
ATOM   257  N N    . THR A 1 18 ? 0.381   10.467  4.633   1.00 5.96  ? 98  THR A N    1 
ATOM   258  C CA   . THR A 1 18 ? 0.428   9.183   5.308   1.00 4.87  ? 98  THR A CA   1 
ATOM   259  C C    . THR A 1 18 ? 0.316   7.989   4.377   1.00 4.31  ? 98  THR A C    1 
ATOM   260  O O    . THR A 1 18 ? 0.250   6.861   4.835   1.00 5.05  ? 98  THR A O    1 
ATOM   261  C CB   . THR A 1 18 ? -0.637  9.101   6.411   1.00 5.95  ? 98  THR A CB   1 
ATOM   262  O OG1  . THR A 1 18 ? -1.937  9.367   5.866   1.00 7.06  ? 98  THR A OG1  1 
ATOM   263  C CG2  . THR A 1 18 ? -0.345  10.077  7.540   1.00 7.16  ? 98  THR A CG2  1 
ATOM   264  H H    . THR A 1 18 ? -0.412  10.775  4.505   1.00 7.15  ? 98  THR A H    1 
ATOM   265  H HA   . THR A 1 18 ? 1.291   9.113   5.747   1.00 5.85  ? 98  THR A HA   1 
ATOM   266  H HB   . THR A 1 18 ? -0.633  8.206   6.785   1.00 7.14  ? 98  THR A HB   1 
ATOM   267  H HG1  . THR A 1 18 ? -2.517  9.321   6.471   1.00 8.47  ? 98  THR A HG1  1 
ATOM   268  H HG21 . THR A 1 18 ? -0.332  10.985  7.198   1.00 8.59  ? 98  THR A HG21 1 
ATOM   269  H HG22 . THR A 1 18 ? -1.030  10.008  8.223   1.00 8.59  ? 98  THR A HG22 1 
ATOM   270  H HG23 . THR A 1 18 ? 0.517   9.878   7.936   1.00 8.59  ? 98  THR A HG23 1 
ATOM   271  N N    . ASP A 1 19 ? 0.313   8.224   3.067   1.00 4.54  ? 99  ASP A N    1 
ATOM   272  C CA   . ASP A 1 19 ? 0.514   7.128   2.139   1.00 4.60  ? 99  ASP A CA   1 
ATOM   273  C C    . ASP A 1 19 ? 1.945   6.605   2.263   1.00 4.67  ? 99  ASP A C    1 
ATOM   274  O O    . ASP A 1 19 ? 2.811   7.275   2.809   1.00 4.73  ? 99  ASP A O    1 
ATOM   275  C CB   . ASP A 1 19 ? 0.304   7.560   0.677   1.00 4.91  ? 99  ASP A CB   1 
ATOM   276  C CG   . ASP A 1 19 ? -1.148  7.748   0.287   1.00 5.76  ? 99  ASP A CG   1 
ATOM   277  O OD1  . ASP A 1 19 ? -2.039  7.499   1.124   1.00 7.80  ? 99  ASP A OD1  1 
ATOM   278  O OD2  . ASP A 1 19 ? -1.376  8.187   -0.870  1.00 6.10  ? 99  ASP A OD2  1 
ATOM   279  H H    . ASP A 1 19 ? 0.199   8.994   2.700   1.00 5.45  ? 99  ASP A H    1 
ATOM   280  H HA   . ASP A 1 19 ? -0.102  6.407   2.344   1.00 5.52  ? 99  ASP A HA   1 
ATOM   281  H HB2  . ASP A 1 19 ? 0.760   8.404   0.533   1.00 5.89  ? 99  ASP A HB2  1 
ATOM   282  H HB3  . ASP A 1 19 ? 0.679   6.881   0.095   1.00 5.89  ? 99  ASP A HB3  1 
ATOM   283  N N    . LEU A 1 20 ? 2.156   5.394   1.754   1.00 4.26  ? 100 LEU A N    1 
ATOM   284  C CA   . LEU A 1 20 ? 3.481   4.829   1.587   1.00 4.52  ? 100 LEU A CA   1 
ATOM   285  C C    . LEU A 1 20 ? 3.804   4.763   0.098   1.00 4.20  ? 100 LEU A C    1 
ATOM   286  O O    . LEU A 1 20 ? 3.092   4.110   -0.659  1.00 5.33  ? 100 LEU A O    1 
ATOM   287  C CB   . LEU A 1 20 ? 3.531   3.433   2.175   1.00 4.86  ? 100 LEU A CB   1 
ATOM   288  C CG   . LEU A 1 20 ? 4.834   2.659   2.003   1.00 5.53  ? 100 LEU A CG   1 
ATOM   289  C CD1  . LEU A 1 20 ? 5.977   3.288   2.776   1.00 7.42  ? 100 LEU A CD1  1 
ATOM   290  C CD2  . LEU A 1 20 ? 4.689   1.211   2.426   1.00 7.53  ? 100 LEU A CD2  1 
ATOM   291  H H    . LEU A 1 20 ? 1.527   4.870   1.493   1.00 5.12  ? 100 LEU A H    1 
ATOM   292  H HA   . LEU A 1 20 ? 4.141   5.385   2.031   1.00 5.42  ? 100 LEU A HA   1 
ATOM   293  H HB2  . LEU A 1 20 ? 3.361   3.500   3.128   1.00 5.84  ? 100 LEU A HB2  1 
ATOM   294  H HB3  . LEU A 1 20 ? 2.828   2.906   1.762   1.00 5.84  ? 100 LEU A HB3  1 
ATOM   295  H HG   . LEU A 1 20 ? 5.077   2.666   1.063   1.00 6.64  ? 100 LEU A HG   1 
ATOM   296  H HD11 . LEU A 1 20 ? 5.750   3.299   3.720   1.00 8.91  ? 100 LEU A HD11 1 
ATOM   297  H HD12 . LEU A 1 20 ? 6.780   2.762   2.636   1.00 8.91  ? 100 LEU A HD12 1 
ATOM   298  H HD13 . LEU A 1 20 ? 6.114   4.193   2.457   1.00 8.91  ? 100 LEU A HD13 1 
ATOM   299  H HD21 . LEU A 1 20 ? 4.006   0.791   1.881   1.00 9.04  ? 100 LEU A HD21 1 
ATOM   300  H HD22 . LEU A 1 20 ? 5.539   0.760   2.300   1.00 9.04  ? 100 LEU A HD22 1 
ATOM   301  H HD23 . LEU A 1 20 ? 4.433   1.181   3.361   1.00 9.04  ? 100 LEU A HD23 1 
ATOM   302  N N    . SER A 1 21 ? 4.881   5.432   -0.315  1.00 4.70  ? 101 SER A N    1 
ATOM   303  C CA   . SER A 1 21 ? 5.395   5.272   -1.667  1.00 4.83  ? 101 SER A CA   1 
ATOM   304  C C    . SER A 1 21 ? 6.202   3.985   -1.760  1.00 5.13  ? 101 SER A C    1 
ATOM   305  O O    . SER A 1 21 ? 6.839   3.576   -0.795  1.00 6.86  ? 101 SER A O    1 
ATOM   306  C CB   . SER A 1 21 ? 6.290   6.450   -2.050  1.00 5.99  ? 101 SER A CB   1 
ATOM   307  O OG   . SER A 1 21 ? 5.545   7.666   -2.017  1.00 6.29  ? 101 SER A OG   1 
ATOM   308  H H    . SER A 1 21 ? 5.330   5.983   0.171   1.00 5.64  ? 101 SER A H    1 
ATOM   309  H HA   . SER A 1 21 ? 4.658   5.224   -2.294  1.00 5.80  ? 101 SER A HA   1 
ATOM   310  H HB2  . SER A 1 21 ? 7.024   6.510   -1.419  1.00 7.19  ? 101 SER A HB2  1 
ATOM   311  H HB3  . SER A 1 21 ? 6.631   6.311   -2.947  1.00 7.19  ? 101 SER A HB3  1 
ATOM   312  H HG   . SER A 1 21 ? 6.039   8.312   -2.229  1.00 7.55  ? 101 SER A HG   1 
ATOM   313  N N    . PHE A 1 22 ? 6.179   3.341   -2.910  1.00 4.29  ? 102 PHE A N    1 
ATOM   314  C CA   . PHE A 1 22 ? 6.918   2.100   -3.088  1.00 4.48  ? 102 PHE A CA   1 
ATOM   315  C C    . PHE A 1 22 ? 7.241   1.871   -4.555  1.00 4.58  ? 102 PHE A C    1 
ATOM   316  O O    . PHE A 1 22 ? 6.684   2.510   -5.428  1.00 4.60  ? 102 PHE A O    1 
ATOM   317  C CB   . PHE A 1 22 ? 6.170   0.885   -2.492  1.00 4.22  ? 102 PHE A CB   1 
ATOM   318  C CG   . PHE A 1 22 ? 4.770   0.707   -2.982  1.00 4.55  ? 102 PHE A CG   1 
ATOM   319  C CD1  . PHE A 1 22 ? 4.507   0.053   -4.166  1.00 4.73  ? 102 PHE A CD1  1 
ATOM   320  C CD2  . PHE A 1 22 ? 3.698   1.154   -2.236  1.00 4.93  ? 102 PHE A CD2  1 
ATOM   321  C CE1  . PHE A 1 22 ? 3.189   -0.138  -4.597  1.00 5.63  ? 102 PHE A CE1  1 
ATOM   322  C CE2  . PHE A 1 22 ? 2.399   0.969   -2.672  1.00 5.46  ? 102 PHE A CE2  1 
ATOM   323  C CZ   . PHE A 1 22 ? 2.147   0.312   -3.830  1.00 5.45  ? 102 PHE A CZ   1 
ATOM   324  H H    . PHE A 1 22 ? 5.745   3.599   -3.607  1.00 5.15  ? 102 PHE A H    1 
ATOM   325  H HA   . PHE A 1 22 ? 7.762   2.178   -2.616  1.00 5.38  ? 102 PHE A HA   1 
ATOM   326  H HB2  . PHE A 1 22 ? 6.662   0.079   -2.715  1.00 5.07  ? 102 PHE A HB2  1 
ATOM   327  H HB3  . PHE A 1 22 ? 6.133   0.988   -1.528  1.00 5.07  ? 102 PHE A HB3  1 
ATOM   328  H HD1  . PHE A 1 22 ? 5.210   -0.270  -4.680  1.00 5.68  ? 102 PHE A HD1  1 
ATOM   329  H HD2  . PHE A 1 22 ? 3.851   1.593   -1.430  1.00 5.92  ? 102 PHE A HD2  1 
ATOM   330  H HE1  . PHE A 1 22 ? 3.021   -0.578  -5.399  1.00 6.76  ? 102 PHE A HE1  1 
ATOM   331  H HE2  . PHE A 1 22 ? 1.690   1.279   -2.155  1.00 6.55  ? 102 PHE A HE2  1 
ATOM   332  H HZ   . PHE A 1 22 ? 1.271   0.202   -4.123  1.00 6.54  ? 102 PHE A HZ   1 
ATOM   333  N N    . LYS A 1 23 ? 8.115   0.910   -4.794  1.00 5.06  ? 103 LYS A N    1 
ATOM   334  C CA   . LYS A 1 23 ? 8.571   0.541   -6.128  1.00 5.97  ? 103 LYS A CA   1 
ATOM   335  C C    . LYS A 1 23 ? 8.127   -0.870  -6.464  1.00 5.49  ? 103 LYS A C    1 
ATOM   336  O O    . LYS A 1 23 ? 8.028   -1.733  -5.588  1.00 5.84  ? 103 LYS A O    1 
ATOM   337  C CB   . LYS A 1 23 ? 10.109  0.580   -6.179  1.00 8.41  ? 103 LYS A CB   1 
ATOM   338  C CG   . LYS A 1 23 ? 10.706  1.958   -5.951  1.00 11.41 ? 103 LYS A CG   1 
ATOM   339  C CD   . LYS A 1 23 ? 12.232  1.934   -5.696  1.00 13.19 ? 103 LYS A CD   1 
ATOM   340  C CE   . LYS A 1 23 ? 12.785  3.352   -5.527  1.00 15.64 ? 103 LYS A CE   1 
ATOM   341  N NZ   . LYS A 1 23 ? 14.143  3.381   -4.909  1.00 20.76 ? 103 LYS A NZ   1 
ATOM   342  H H    . LYS A 1 23 ? 8.474   0.436   -4.173  1.00 6.07  ? 103 LYS A H    1 
ATOM   343  H HA   . LYS A 1 23 ? 8.212   1.155   -6.787  1.00 7.17  ? 103 LYS A HA   1 
ATOM   344  H HB2  . LYS A 1 23 ? 10.458  -0.009  -5.491  1.00 10.09 ? 103 LYS A HB2  1 
ATOM   345  H HB3  . LYS A 1 23 ? 10.400  0.274   -7.051  1.00 10.09 ? 103 LYS A HB3  1 
ATOM   346  H HG2  . LYS A 1 23 ? 10.545  2.503   -6.738  1.00 13.69 ? 103 LYS A HG2  1 
ATOM   347  H HG3  . LYS A 1 23 ? 10.281  2.360   -5.179  1.00 13.69 ? 103 LYS A HG3  1 
ATOM   348  H HD2  . LYS A 1 23 ? 12.414  1.437   -4.883  1.00 15.83 ? 103 LYS A HD2  1 
ATOM   349  H HD3  . LYS A 1 23 ? 12.678  1.521   -6.450  1.00 15.83 ? 103 LYS A HD3  1 
ATOM   350  H HE2  . LYS A 1 23 ? 12.845  3.773   -6.398  1.00 18.76 ? 103 LYS A HE2  1 
ATOM   351  H HE3  . LYS A 1 23 ? 12.186  3.857   -4.955  1.00 18.76 ? 103 LYS A HE3  1 
ATOM   352  H HZ1  . LYS A 1 23 ? 14.718  2.930   -5.418  1.00 24.91 ? 103 LYS A HZ1  1 
ATOM   353  H HZ2  . LYS A 1 23 ? 14.424  4.221   -4.830  1.00 24.91 ? 103 LYS A HZ2  1 
ATOM   354  H HZ3  . LYS A 1 23 ? 14.118  3.007   -4.101  1.00 24.91 ? 103 LYS A HZ3  1 
ATOM   355  N N    . LYS A 1 24 ? 7.863   -1.106  -7.743  1.00 5.78  ? 104 LYS A N    1 
ATOM   356  C CA   . LYS A 1 24 ? 7.645   -2.454  -8.231  1.00 5.53  ? 104 LYS A CA   1 
ATOM   357  C C    . LYS A 1 24 ? 8.715   -3.400  -7.689  1.00 5.93  ? 104 LYS A C    1 
ATOM   358  O O    . LYS A 1 24 ? 9.904   -3.092  -7.716  1.00 7.23  ? 104 LYS A O    1 
ATOM   359  C CB   . LYS A 1 24 ? 7.691   -2.444  -9.755  1.00 7.21  ? 104 LYS A CB   1 
ATOM   360  C CG   . LYS A 1 24 ? 7.515   -3.797  -10.385 1.00 9.98  ? 104 LYS A CG   1 
ATOM   361  C CD   . LYS A 1 24 ? 7.394   -3.743  -11.882 1.00 14.89 ? 104 LYS A CD   1 
ATOM   362  C CE   . LYS A 1 24 ? 8.711   -3.452  -12.590 1.00 22.26 ? 104 LYS A CE   1 
ATOM   363  N NZ   . LYS A 1 24 ? 8.744   -4.105  -13.940 1.00 27.93 ? 104 LYS A NZ   1 
ATOM   364  H H    . LYS A 1 24 ? 7.803   -0.499  -8.347  1.00 6.94  ? 104 LYS A H    1 
ATOM   365  H HA   . LYS A 1 24 ? 6.775   -2.771  -7.946  1.00 6.64  ? 104 LYS A HA   1 
ATOM   366  H HB2  . LYS A 1 24 ? 6.981   -1.871  -10.083 1.00 8.65  ? 104 LYS A HB2  1 
ATOM   367  H HB3  . LYS A 1 24 ? 8.551   -2.096  -10.038 1.00 8.65  ? 104 LYS A HB3  1 
ATOM   368  H HG2  . LYS A 1 24 ? 8.285   -4.347  -10.168 1.00 11.98 ? 104 LYS A HG2  1 
ATOM   369  H HG3  . LYS A 1 24 ? 6.707   -4.204  -10.035 1.00 11.98 ? 104 LYS A HG3  1 
ATOM   370  H HD2  . LYS A 1 24 ? 7.067   -4.598  -12.201 1.00 17.87 ? 104 LYS A HD2  1 
ATOM   371  H HD3  . LYS A 1 24 ? 6.769   -3.041  -12.119 1.00 17.87 ? 104 LYS A HD3  1 
ATOM   372  H HE2  . LYS A 1 24 ? 8.808   -2.495  -12.709 1.00 26.71 ? 104 LYS A HE2  1 
ATOM   373  H HE3  . LYS A 1 24 ? 9.445   -3.803  -12.061 1.00 26.71 ? 104 LYS A HE3  1 
ATOM   374  H HZ1  . LYS A 1 24 ? 8.658   -4.986  -13.854 1.00 33.52 ? 104 LYS A HZ1  1 
ATOM   375  H HZ2  . LYS A 1 24 ? 8.079   -3.797  -14.443 1.00 33.52 ? 104 LYS A HZ2  1 
ATOM   376  H HZ3  . LYS A 1 24 ? 9.518   -3.929  -14.344 1.00 33.52 ? 104 LYS A HZ3  1 
ATOM   377  N N    . GLY A 1 25 ? 8.282   -4.544  -7.168  1.00 6.01  ? 105 GLY A N    1 
ATOM   378  C CA   . GLY A 1 25 ? 9.207   -5.541  -6.639  1.00 6.92  ? 105 GLY A CA   1 
ATOM   379  C C    . GLY A 1 25 ? 9.472   -5.421  -5.148  1.00 6.09  ? 105 GLY A C    1 
ATOM   380  O O    . GLY A 1 25 ? 10.060  -6.298  -4.541  1.00 7.92  ? 105 GLY A O    1 
ATOM   381  H H    . GLY A 1 25 ? 7.453   -4.767  -7.109  1.00 7.22  ? 105 GLY A H    1 
ATOM   382  H HA2  . GLY A 1 25 ? 8.849   -6.427  -6.810  1.00 8.31  ? 105 GLY A HA2  1 
ATOM   383  H HA3  . GLY A 1 25 ? 10.055  -5.464  -7.103  1.00 8.31  ? 105 GLY A HA3  1 
ATOM   384  N N    . GLU A 1 26 ? 9.051   -4.316  -4.556  1.00 6.04  ? 106 GLU A N    1 
ATOM   385  C CA   . GLU A 1 26 ? 9.264   -4.073  -3.139  1.00 6.17  ? 106 GLU A CA   1 
ATOM   386  C C    . GLU A 1 26 ? 8.406   -5.014  -2.310  1.00 5.73  ? 106 GLU A C    1 
ATOM   387  O O    . GLU A 1 26 ? 7.242   -5.238  -2.622  1.00 6.73  ? 106 GLU A O    1 
ATOM   388  C CB   . GLU A 1 26 ? 8.937   -2.607  -2.843  1.00 7.00  ? 106 GLU A CB   1 
ATOM   389  C CG   . GLU A 1 26 ? 9.367   -2.157  -1.477  1.00 7.71  ? 106 GLU A CG   1 
ATOM   390  C CD   . GLU A 1 26 ? 9.355   -0.637  -1.310  1.00 6.85  ? 106 GLU A CD   1 
ATOM   391  O OE1  . GLU A 1 26 ? 9.460   0.111   -2.302  1.00 7.47  ? 106 GLU A OE1  1 
ATOM   392  O OE2  . GLU A 1 26 ? 9.232   -0.200  -0.174  1.00 8.36  ? 106 GLU A OE2  1 
ATOM   393  H H    . GLU A 1 26 ? 8.634   -3.681  -4.958  1.00 7.25  ? 106 GLU A H    1 
ATOM   394  H HA   . GLU A 1 26 ? 10.196  -4.233  -2.919  1.00 7.40  ? 106 GLU A HA   1 
ATOM   395  H HB2  . GLU A 1 26 ? 9.389   -2.048  -3.496  1.00 8.40  ? 106 GLU A HB2  1 
ATOM   396  H HB3  . GLU A 1 26 ? 7.977   -2.481  -2.909  1.00 8.40  ? 106 GLU A HB3  1 
ATOM   397  H HG2  . GLU A 1 26 ? 8.764   -2.534  -0.817  1.00 9.25  ? 106 GLU A HG2  1 
ATOM   398  H HG3  . GLU A 1 26 ? 10.271  -2.468  -1.314  1.00 9.25  ? 106 GLU A HG3  1 
ATOM   399  N N    . ARG A 1 27 ? 8.984   -5.553  -1.243  1.00 5.11  ? 107 ARG A N    1 
ATOM   400  C CA   . ARG A 1 27 ? 8.291   -6.467  -0.344  1.00 5.24  ? 107 ARG A CA   1 
ATOM   401  C C    . ARG A 1 27 ? 7.655   -5.691  0.794   1.00 5.17  ? 107 ARG A C    1 
ATOM   402  O O    . ARG A 1 27 ? 8.323   -4.903  1.473   1.00 6.34  ? 107 ARG A O    1 
ATOM   403  C CB   . ARG A 1 27 ? 9.252   -7.560  0.177   1.00 8.03  ? 107 ARG A CB   1 
ATOM   404  C CG   . ARG A 1 27 ? 8.545   -8.679  0.920   1.00 9.03  ? 107 ARG A CG   1 
ATOM   405  C CD   . ARG A 1 27 ? 9.501   -9.607  1.644   1.00 8.90  ? 107 ARG A CD   1 
ATOM   406  N NE   . ARG A 1 27 ? 10.478  -10.305 0.802   1.00 10.06 ? 107 ARG A NE   1 
ATOM   407  C CZ   . ARG A 1 27 ? 10.246  -11.455 0.173   1.00 11.57 ? 107 ARG A CZ   1 
ATOM   408  N NH1  . ARG A 1 27 ? 9.050   -12.021 0.230   1.00 11.67 ? 107 ARG A NH1  1 
ATOM   409  N NH2  . ARG A 1 27 ? 11.221  -12.039 -0.520  1.00 12.76 ? 107 ARG A NH2  1 
ATOM   410  H H    . ARG A 1 27 ? 9.798   -5.399  -1.013  1.00 6.13  ? 107 ARG A H    1 
ATOM   411  H HA   . ARG A 1 27 ? 7.581   -6.908  -0.835  1.00 6.28  ? 107 ARG A HA   1 
ATOM   412  H HB2  . ARG A 1 27 ? 9.720   -7.952  -0.576  1.00 9.64  ? 107 ARG A HB2  1 
ATOM   413  H HB3  . ARG A 1 27 ? 9.888   -7.155  0.787   1.00 9.64  ? 107 ARG A HB3  1 
ATOM   414  H HG2  . ARG A 1 27 ? 7.947   -8.292  1.578   1.00 10.84 ? 107 ARG A HG2  1 
ATOM   415  H HG3  . ARG A 1 27 ? 8.039   -9.208  0.283   1.00 10.84 ? 107 ARG A HG3  1 
ATOM   416  H HD2  . ARG A 1 27 ? 9.999   -9.087  2.293   1.00 10.68 ? 107 ARG A HD2  1 
ATOM   417  H HD3  . ARG A 1 27 ? 8.980   -10.285 2.104   1.00 10.68 ? 107 ARG A HD3  1 
ATOM   418  H HE   . ARG A 1 27 ? 11.254  -9.946  0.708   1.00 12.08 ? 107 ARG A HE   1 
ATOM   419  H HH11 . ARG A 1 27 ? 8.423   -11.655 0.691   1.00 14.00 ? 107 ARG A HH11 1 
ATOM   420  H HH12 . ARG A 1 27 ? 8.904   -12.759 -0.184  1.00 14.00 ? 107 ARG A HH12 1 
ATOM   421  H HH21 . ARG A 1 27 ? 11.994  -11.666 -0.571  1.00 15.31 ? 107 ARG A HH21 1 
ATOM   422  H HH22 . ARG A 1 27 ? 11.066  -12.768 -0.948  1.00 15.31 ? 107 ARG A HH22 1 
ATOM   423  N N    . LEU A 1 28 ? 6.361   -5.947  0.995   1.00 5.36  ? 108 LEU A N    1 
ATOM   424  C CA   . LEU A 1 28 ? 5.567   -5.223  1.968   1.00 5.33  ? 108 LEU A CA   1 
ATOM   425  C C    . LEU A 1 28 ? 4.889   -6.198  2.933   1.00 6.66  ? 108 LEU A C    1 
ATOM   426  O O    . LEU A 1 28 ? 4.446   -7.286  2.532   1.00 8.82  ? 108 LEU A O    1 
ATOM   427  C CB   . LEU A 1 28 ? 4.494   -4.370  1.276   1.00 7.44  ? 108 LEU A CB   1 
ATOM   428  C CG   . LEU A 1 28 ? 4.953   -3.429  0.155   1.00 8.79  ? 108 LEU A CG   1 
ATOM   429  C CD1  . LEU A 1 28 ? 3.766   -2.746  -0.495  1.00 13.32 ? 108 LEU A CD1  1 
ATOM   430  C CD2  . LEU A 1 28 ? 5.933   -2.386  0.654   1.00 11.53 ? 108 LEU A CD2  1 
ATOM   431  H H    . LEU A 1 28 ? 5.919   -6.548  0.568   1.00 6.43  ? 108 LEU A H    1 
ATOM   432  H HA   . LEU A 1 28 ? 6.143   -4.635  2.480   1.00 6.40  ? 108 LEU A HA   1 
ATOM   433  H HB2  . LEU A 1 28 ? 3.837   -4.971  0.891   1.00 8.93  ? 108 LEU A HB2  1 
ATOM   434  H HB3  . LEU A 1 28 ? 4.066   -3.821  1.950   1.00 8.93  ? 108 LEU A HB3  1 
ATOM   435  H HG   . LEU A 1 28 ? 5.401   -3.954  -0.526  1.00 10.55 ? 108 LEU A HG   1 
ATOM   436  H HD11 . LEU A 1 28 ? 3.180   -3.421  -0.870  1.00 15.99 ? 108 LEU A HD11 1 
ATOM   437  H HD12 . LEU A 1 28 ? 3.292   -2.230  0.177   1.00 15.99 ? 108 LEU A HD12 1 
ATOM   438  H HD13 . LEU A 1 28 ? 4.087   -2.158  -1.197  1.00 15.99 ? 108 LEU A HD13 1 
ATOM   439  H HD21 . LEU A 1 28 ? 5.503   -1.855  1.344   1.00 13.84 ? 108 LEU A HD21 1 
ATOM   440  H HD22 . LEU A 1 28 ? 6.712   -2.834  1.017   1.00 13.84 ? 108 LEU A HD22 1 
ATOM   441  H HD23 . LEU A 1 28 ? 6.192   -1.817  -0.088  1.00 13.84 ? 108 LEU A HD23 1 
ATOM   442  N N    . GLN A 1 29 ? 4.824   -5.789  4.192   1.00 4.99  ? 109 GLN A N    1 
ATOM   443  C CA   . GLN A 1 29 ? 4.025   -6.449  5.221   1.00 5.02  ? 109 GLN A CA   1 
ATOM   444  C C    . GLN A 1 29 ? 2.708   -5.705  5.294   1.00 5.24  ? 109 GLN A C    1 
ATOM   445  O O    . GLN A 1 29 ? 2.690   -4.487  5.450   1.00 6.22  ? 109 GLN A O    1 
ATOM   446  C CB   . GLN A 1 29 ? 4.760   -6.358  6.557   1.00 5.47  ? 109 GLN A CB   1 
ATOM   447  C CG   . GLN A 1 29 ? 3.972   -6.871  7.736   1.00 6.74  ? 109 GLN A CG   1 
ATOM   448  C CD   . GLN A 1 29 ? 4.548   -6.414  9.068   1.00 7.73  ? 109 GLN A CD   1 
ATOM   449  O OE1  . GLN A 1 29 ? 5.192   -5.394  9.155   1.00 7.73  ? 109 GLN A OE1  1 
ATOM   450  N NE2  . GLN A 1 29 ? 4.293   -7.165  10.111  1.00 11.13 ? 109 GLN A NE2  1 
ATOM   451  H H    . GLN A 1 29 ? 5.251   -5.104  4.487   1.00 5.98  ? 109 GLN A H    1 
ATOM   452  H HA   . GLN A 1 29 ? 3.867   -7.379  4.992   1.00 6.03  ? 109 GLN A HA   1 
ATOM   453  H HB2  . GLN A 1 29 ? 5.577   -6.880  6.498   1.00 6.56  ? 109 GLN A HB2  1 
ATOM   454  H HB3  . GLN A 1 29 ? 4.978   -5.429  6.729   1.00 6.56  ? 109 GLN A HB3  1 
ATOM   455  H HG2  . GLN A 1 29 ? 3.061   -6.543  7.674   1.00 8.09  ? 109 GLN A HG2  1 
ATOM   456  H HG3  . GLN A 1 29 ? 3.978   -7.841  7.723   1.00 8.09  ? 109 GLN A HG3  1 
ATOM   457  H HE21 . GLN A 1 29 ? 4.598   -6.945  10.884  1.00 13.36 ? 109 GLN A HE21 1 
ATOM   458  H HE22 . GLN A 1 29 ? 3.821   -7.879  10.023  1.00 13.36 ? 109 GLN A HE22 1 
ATOM   459  N N    . ILE A 1 30 ? 1.603   -6.420  5.203   1.00 5.17  ? 110 ILE A N    1 
ATOM   460  C CA   . ILE A 1 30 ? 0.290   -5.807  5.346   1.00 4.52  ? 110 ILE A CA   1 
ATOM   461  C C    . ILE A 1 30 ? -0.089  -5.805  6.821   1.00 5.66  ? 110 ILE A C    1 
ATOM   462  O O    . ILE A 1 30 ? -0.243  -6.860  7.423   1.00 8.80  ? 110 ILE A O    1 
ATOM   463  C CB   . ILE A 1 30 ? -0.756  -6.542  4.491   1.00 5.65  ? 110 ILE A CB   1 
ATOM   464  C CG1  . ILE A 1 30 ? -0.297  -6.609  3.026   1.00 6.64  ? 110 ILE A CG1  1 
ATOM   465  C CG2  . ILE A 1 30 ? -2.102  -5.858  4.611   1.00 6.21  ? 110 ILE A CG2  1 
ATOM   466  C CD1  . ILE A 1 30 ? 0.073   -5.275  2.396   1.00 6.71  ? 110 ILE A CD1  1 
ATOM   467  H H    . ILE A 1 30 ? 1.583   -7.268  5.059   1.00 6.21  ? 110 ILE A H    1 
ATOM   468  H HA   . ILE A 1 30 ? 0.333   -4.886  5.044   1.00 5.42  ? 110 ILE A HA   1 
ATOM   469  H HB   . ILE A 1 30 ? -0.843  -7.448  4.827   1.00 6.78  ? 110 ILE A HB   1 
ATOM   470  H HG12 . ILE A 1 30 ? 0.486   -7.181  2.976   1.00 7.96  ? 110 ILE A HG12 1 
ATOM   471  H HG13 . ILE A 1 30 ? -1.012  -6.993  2.497   1.00 7.96  ? 110 ILE A HG13 1 
ATOM   472  H HG21 . ILE A 1 30 ? -2.748  -6.334  4.066   1.00 7.45  ? 110 ILE A HG21 1 
ATOM   473  H HG22 . ILE A 1 30 ? -2.380  -5.869  5.540   1.00 7.45  ? 110 ILE A HG22 1 
ATOM   474  H HG23 . ILE A 1 30 ? -2.019  -4.942  4.301   1.00 7.45  ? 110 ILE A HG23 1 
ATOM   475  H HD11 . ILE A 1 30 ? -0.700  -4.691  2.419   1.00 8.05  ? 110 ILE A HD11 1 
ATOM   476  H HD12 . ILE A 1 30 ? 0.802   -4.880  2.899   1.00 8.05  ? 110 ILE A HD12 1 
ATOM   477  H HD13 . ILE A 1 30 ? 0.348   -5.426  1.478   1.00 8.05  ? 110 ILE A HD13 1 
ATOM   478  N N    . VAL A 1 31 ? -0.244  -4.616  7.390   1.00 5.14  ? 111 VAL A N    1 
ATOM   479  C CA   . VAL A 1 31 ? -0.462  -4.422  8.812   1.00 7.10  ? 111 VAL A CA   1 
ATOM   480  C C    . VAL A 1 31 ? -1.928  -4.229  9.154   1.00 7.47  ? 111 VAL A C    1 
ATOM   481  O O    . VAL A 1 31 ? -2.362  -4.660  10.210  1.00 11.37 ? 111 VAL A O    1 
ATOM   482  C CB   . VAL A 1 31 ? 0.372   -3.226  9.312   1.00 10.31 ? 111 VAL A CB   1 
ATOM   483  C CG1  . VAL A 1 31 ? -0.019  -2.860  10.703  1.00 11.82 ? 111 VAL A CG1  1 
ATOM   484  C CG2  . VAL A 1 31 ? 1.861   -3.554  9.167   1.00 15.34 ? 111 VAL A CG2  1 
ATOM   485  H H    . VAL A 1 31 ? -0.225  -3.878  6.950   1.00 6.16  ? 111 VAL A H    1 
ATOM   486  H HA   . VAL A 1 31 ? -0.152  -5.213  9.283   1.00 8.53  ? 111 VAL A HA   1 
ATOM   487  H HB   . VAL A 1 31 ? 0.184   -2.462  8.745   1.00 12.37 ? 111 VAL A HB   1 
ATOM   488  H HG11 . VAL A 1 31 ? 0.518   -2.107  10.993  1.00 14.19 ? 111 VAL A HG11 1 
ATOM   489  H HG12 . VAL A 1 31 ? -0.959  -2.620  10.713  1.00 14.19 ? 111 VAL A HG12 1 
ATOM   490  H HG13 . VAL A 1 31 ? 0.135   -3.621  11.284  1.00 14.19 ? 111 VAL A HG13 1 
ATOM   491  H HG21 . VAL A 1 31 ? 2.382   -2.798  9.482   1.00 18.41 ? 111 VAL A HG21 1 
ATOM   492  H HG22 . VAL A 1 31 ? 2.065   -4.340  9.697   1.00 18.41 ? 111 VAL A HG22 1 
ATOM   493  H HG23 . VAL A 1 31 ? 2.057   -3.724  8.232   1.00 18.41 ? 111 VAL A HG23 1 
ATOM   494  N N    . ASN A 1 32 ? -2.684  -3.572  8.289   1.00 4.52  ? 112 ASN A N    1 
ATOM   495  C CA   . ASN A 1 32 ? -4.128  -3.466  8.448   1.00 6.23  ? 112 ASN A CA   1 
ATOM   496  C C    . ASN A 1 32 ? -4.784  -3.545  7.095   1.00 5.14  ? 112 ASN A C    1 
ATOM   497  O O    . ASN A 1 32 ? -4.418  -2.807  6.190   1.00 5.86  ? 112 ASN A O    1 
ATOM   498  C CB   . ASN A 1 32 ? -4.523  -2.150  9.122   1.00 7.57  ? 112 ASN A CB   1 
ATOM   499  C CG   . ASN A 1 32 ? -6.012  -2.033  9.320   1.00 8.65  ? 112 ASN A CG   1 
ATOM   500  O OD1  . ASN A 1 32 ? -6.771  -1.879  8.355   1.00 8.54  ? 112 ASN A OD1  1 
ATOM   501  N ND2  . ASN A 1 32 ? -6.446  -2.129  10.563  1.00 10.90 ? 112 ASN A ND2  1 
ATOM   502  H H    . ASN A 1 32 ? -2.381  -3.171  7.592   1.00 5.42  ? 112 ASN A H    1 
ATOM   503  H HA   . ASN A 1 32 ? -4.451  -4.202  8.992   1.00 7.47  ? 112 ASN A HA   1 
ATOM   504  H HB2  . ASN A 1 32 ? -4.098  -2.100  9.993   1.00 9.09  ? 112 ASN A HB2  1 
ATOM   505  H HB3  . ASN A 1 32 ? -4.233  -1.410  8.567   1.00 9.09  ? 112 ASN A HB3  1 
ATOM   506  H HD21 . ASN A 1 32 ? -5.887  -2.251  11.205  1.00 13.08 ? 112 ASN A HD21 1 
ATOM   507  H HD22 . ASN A 1 32 ? -7.287  -2.068  10.731  1.00 13.08 ? 112 ASN A HD22 1 
ATOM   508  N N    . ASN A 1 33 ? -5.755  -4.420  6.946   1.00 4.75  ? 113 ASN A N    1 
ATOM   509  C CA   . ASN A 1 33 ? -6.481  -4.577  5.696   1.00 4.41  ? 113 ASN A CA   1 
ATOM   510  C C    . ASN A 1 33 ? -7.988  -4.664  5.898   1.00 5.62  ? 113 ASN A C    1 
ATOM   511  O O    . ASN A 1 33 ? -8.689  -5.238  5.080   1.00 6.31  ? 113 ASN A O    1 
ATOM   512  C CB   . ASN A 1 33 ? -5.952  -5.785  4.878   1.00 5.71  ? 113 ASN A CB   1 
ATOM   513  C CG   . ASN A 1 33 ? -6.027  -7.094  5.633   1.00 7.61  ? 113 ASN A CG   1 
ATOM   514  O OD1  . ASN A 1 33 ? -5.107  -7.443  6.360   1.00 9.58  ? 113 ASN A OD1  1 
ATOM   515  N ND2  . ASN A 1 33 ? -7.126  -7.811  5.491   1.00 7.66  ? 113 ASN A ND2  1 
ATOM   516  H H    . ASN A 1 33 ? -6.023  -4.952  7.568   1.00 5.71  ? 113 ASN A H    1 
ATOM   517  H HA   . ASN A 1 33 ? -6.318  -3.785  5.159   1.00 5.29  ? 113 ASN A HA   1 
ATOM   518  H HB2  . ASN A 1 33 ? -6.483  -5.876  4.071   1.00 6.86  ? 113 ASN A HB2  1 
ATOM   519  H HB3  . ASN A 1 33 ? -5.024  -5.626  4.646   1.00 6.86  ? 113 ASN A HB3  1 
ATOM   520  H HD21 . ASN A 1 33 ? -7.762  -7.527  4.986   1.00 9.19  ? 113 ASN A HD21 1 
ATOM   521  H HD22 . ASN A 1 33 ? -7.207  -8.560  5.904   1.00 9.19  ? 113 ASN A HD22 1 
ATOM   522  N N    . THR A 1 34 ? -8.486  -4.028  6.958   1.00 6.42  ? 114 THR A N    1 
ATOM   523  C CA   . THR A 1 34 ? -9.910  -4.111  7.302   1.00 6.88  ? 114 THR A CA   1 
ATOM   524  C C    . THR A 1 34 ? -10.669 -2.789  7.179   1.00 6.70  ? 114 THR A C    1 
ATOM   525  O O    . THR A 1 34 ? -11.817 -2.720  7.574   1.00 10.85 ? 114 THR A O    1 
ATOM   526  C CB   . THR A 1 34 ? -10.106 -4.651  8.719   1.00 10.48 ? 114 THR A CB   1 
ATOM   527  O OG1  . THR A 1 34 ? -9.390  -3.829  9.636   1.00 13.45 ? 114 THR A OG1  1 
ATOM   528  C CG2  . THR A 1 34 ? -9.613  -6.085  8.810   1.00 11.71 ? 114 THR A CG2  1 
ATOM   529  H H    . THR A 1 34 ? -8.023  -3.541  7.494   1.00 7.70  ? 114 THR A H    1 
ATOM   530  H HA   . THR A 1 34 ? -10.330 -4.741  6.694   1.00 8.26  ? 114 THR A HA   1 
ATOM   531  H HB   . THR A 1 34 ? -11.049 -4.637  8.941   1.00 12.57 ? 114 THR A HB   1 
ATOM   532  H HG1  . THR A 1 34 ? -9.675  -3.040  9.597   1.00 16.14 ? 114 THR A HG1  1 
ATOM   533  H HG21 . THR A 1 34 ? -8.669  -6.126  8.587   1.00 14.05 ? 114 THR A HG21 1 
ATOM   534  H HG22 . THR A 1 34 ? -9.739  -6.423  9.710   1.00 14.05 ? 114 THR A HG22 1 
ATOM   535  H HG23 . THR A 1 34 ? -10.108 -6.645  8.191   1.00 14.05 ? 114 THR A HG23 1 
ATOM   536  N N    . GLU A 1 35 ? -10.048 -1.763  6.601   1.00 6.03  ? 115 GLU A N    1 
ATOM   537  C CA   . GLU A 1 35 ? -10.653 -0.436  6.551   1.00 6.13  ? 115 GLU A CA   1 
ATOM   538  C C    . GLU A 1 35 ? -11.153 -0.049  5.168   1.00 5.68  ? 115 GLU A C    1 
ATOM   539  O O    . GLU A 1 35 ? -11.773 1.007   5.007   1.00 7.50  ? 115 GLU A O    1 
ATOM   540  C CB   . GLU A 1 35 ? -9.661  0.612   7.075   1.00 7.05  ? 115 GLU A CB   1 
ATOM   541  C CG   . GLU A 1 35 ? -9.310  0.385   8.546   1.00 7.57  ? 115 GLU A CG   1 
ATOM   542  C CD   . GLU A 1 35 ? -8.087  1.132   9.051   1.00 8.11  ? 115 GLU A CD   1 
ATOM   543  O OE1  . GLU A 1 35 ? -7.445  1.915   8.297   1.00 9.40  ? 115 GLU A OE1  1 
ATOM   544  O OE2  . GLU A 1 35 ? -7.743  0.888   10.234  1.00 9.80  ? 115 GLU A OE2  1 
ATOM   545  H H    . GLU A 1 35 ? -9.274  -1.811  6.230   1.00 7.23  ? 115 GLU A H    1 
ATOM   546  H HA   . GLU A 1 35 ? -11.420 -0.429  7.146   1.00 7.36  ? 115 GLU A HA   1 
ATOM   547  H HB2  . GLU A 1 35 ? -8.842  0.561   6.557   1.00 8.46  ? 115 GLU A HB2  1 
ATOM   548  H HB3  . GLU A 1 35 ? -10.055 1.493   6.990   1.00 8.46  ? 115 GLU A HB3  1 
ATOM   549  H HG2  . GLU A 1 35 ? -10.065 0.664   9.087   1.00 9.09  ? 115 GLU A HG2  1 
ATOM   550  H HG3  . GLU A 1 35 ? -9.149  -0.561  8.681   1.00 9.09  ? 115 GLU A HG3  1 
ATOM   551  N N    . GLY A 1 36 ? -10.905 -0.898  4.179   1.00 5.69  ? 116 GLY A N    1 
ATOM   552  C CA   . GLY A 1 36 ? -11.311 -0.621  2.818   1.00 5.84  ? 116 GLY A CA   1 
ATOM   553  C C    . GLY A 1 36 ? -10.253 -1.029  1.801   1.00 4.72  ? 116 GLY A C    1 
ATOM   554  O O    . GLY A 1 36 ? -9.427  -1.924  2.041   1.00 5.16  ? 116 GLY A O    1 
ATOM   555  H H    . GLY A 1 36 ? -10.499 -1.649  4.278   1.00 6.83  ? 116 GLY A H    1 
ATOM   556  H HA2  . GLY A 1 36 ? -12.129 -1.103  2.620   1.00 7.01  ? 116 GLY A HA2  1 
ATOM   557  H HA3  . GLY A 1 36 ? -11.482 0.329   2.718   1.00 7.01  ? 116 GLY A HA3  1 
ATOM   558  N N    . ASP A 1 37 ? -10.304 -0.376  0.649   1.00 4.88  ? 117 ASP A N    1 
ATOM   559  C CA   . ASP A 1 37 ? -9.399  -0.656  -0.446  1.00 4.99  ? 117 ASP A CA   1 
ATOM   560  C C    . ASP A 1 37 ? -7.956  -0.247  -0.154  1.00 4.80  ? 117 ASP A C    1 
ATOM   561  O O    . ASP A 1 37 ? -7.028  -0.725  -0.816  1.00 5.52  ? 117 ASP A O    1 
ATOM   562  C CB   . ASP A 1 37 ? -9.857  0.089   -1.698  1.00 6.42  ? 117 ASP A CB   1 
ATOM   563  C CG   . ASP A 1 37 ? -10.999 -0.582  -2.417  1.00 6.13  ? 117 ASP A CG   1 
ATOM   564  O OD1  . ASP A 1 37 ? -10.903 -1.798  -2.678  1.00 7.21  ? 117 ASP A OD1  1 
ATOM   565  O OD2  . ASP A 1 37 ? -11.991 0.124   -2.730  1.00 7.19  ? 117 ASP A OD2  1 
ATOM   566  H H    . ASP A 1 37 ? -10.870 0.249   0.476   1.00 5.86  ? 117 ASP A H    1 
ATOM   567  H HA   . ASP A 1 37 ? -9.413  -1.607  -0.635  1.00 5.99  ? 117 ASP A HA   1 
ATOM   568  H HB2  . ASP A 1 37 ? -10.147 0.980   -1.446  1.00 7.70  ? 117 ASP A HB2  1 
ATOM   569  H HB3  . ASP A 1 37 ? -9.111  0.149   -2.316  1.00 7.70  ? 117 ASP A HB3  1 
ATOM   570  N N    . TRP A 1 38 ? -7.763  0.690   0.769   1.00 4.20  ? 118 TRP A N    1 
ATOM   571  C CA   . TRP A 1 38 ? -6.422  1.142   1.133   1.00 4.04  ? 118 TRP A CA   1 
ATOM   572  C C    . TRP A 1 38 ? -5.993  0.419   2.397   1.00 3.96  ? 118 TRP A C    1 
ATOM   573  O O    . TRP A 1 38 ? -6.722  0.381   3.384   1.00 4.82  ? 118 TRP A O    1 
ATOM   574  C CB   . TRP A 1 38 ? -6.390  2.667   1.338   1.00 4.52  ? 118 TRP A CB   1 
ATOM   575  C CG   . TRP A 1 38 ? -6.615  3.414   0.047   1.00 5.05  ? 118 TRP A CG   1 
ATOM   576  C CD1  . TRP A 1 38 ? -7.800  3.588   -0.591  1.00 5.56  ? 118 TRP A CD1  1 
ATOM   577  C CD2  . TRP A 1 38 ? -5.623  4.056   -0.767  1.00 4.01  ? 118 TRP A CD2  1 
ATOM   578  N NE1  . TRP A 1 38 ? -7.610  4.299   -1.748  1.00 6.34  ? 118 TRP A NE1  1 
ATOM   579  C CE2  . TRP A 1 38 ? -6.278  4.580   -1.887  1.00 5.38  ? 118 TRP A CE2  1 
ATOM   580  C CE3  . TRP A 1 38 ? -4.242  4.220   -0.653  1.00 4.67  ? 118 TRP A CE3  1 
ATOM   581  C CZ2  . TRP A 1 38 ? -5.611  5.279   -2.876  1.00 5.35  ? 118 TRP A CZ2  1 
ATOM   582  C CZ3  . TRP A 1 38 ? -3.580  4.915   -1.626  1.00 5.92  ? 118 TRP A CZ3  1 
ATOM   583  C CH2  . TRP A 1 38 ? -4.265  5.422   -2.738  1.00 5.85  ? 118 TRP A CH2  1 
ATOM   584  H H    . TRP A 1 38 ? -8.394  1.082   1.201   1.00 5.04  ? 118 TRP A H    1 
ATOM   585  H HA   . TRP A 1 38 ? -5.801  0.915   0.423   1.00 4.85  ? 118 TRP A HA   1 
ATOM   586  H HB2  . TRP A 1 38 ? -7.090  2.919   1.960   1.00 5.42  ? 118 TRP A HB2  1 
ATOM   587  H HB3  . TRP A 1 38 ? -5.523  2.923   1.688   1.00 5.42  ? 118 TRP A HB3  1 
ATOM   588  H HD1  . TRP A 1 38 ? -8.619  3.264   -0.293  1.00 6.67  ? 118 TRP A HD1  1 
ATOM   589  H HE1  . TRP A 1 38 ? -8.227  4.513   -2.308  1.00 7.61  ? 118 TRP A HE1  1 
ATOM   590  H HE3  . TRP A 1 38 ? -3.782  3.869   0.074   1.00 5.60  ? 118 TRP A HE3  1 
ATOM   591  H HZ2  . TRP A 1 38 ? -6.063  5.636   -3.606  1.00 6.43  ? 118 TRP A HZ2  1 
ATOM   592  H HZ3  . TRP A 1 38 ? -2.658  5.021   -1.566  1.00 7.11  ? 118 TRP A HZ3  1 
ATOM   593  H HH2  . TRP A 1 38 ? -3.791  5.893   -3.385  1.00 7.02  ? 118 TRP A HH2  1 
ATOM   594  N N    . TRP A 1 39 ? -4.843  -0.224  2.305   1.00 3.70  ? 119 TRP A N    1 
ATOM   595  C CA   . TRP A 1 39 ? -4.300  -1.039  3.371   1.00 3.60  ? 119 TRP A CA   1 
ATOM   596  C C    . TRP A 1 39 ? -3.118  -0.330  4.024   1.00 3.36  ? 119 TRP A C    1 
ATOM   597  O O    . TRP A 1 39 ? -2.365  0.366   3.362   1.00 5.01  ? 119 TRP A O    1 
ATOM   598  C CB   . TRP A 1 39 ? -3.850  -2.389  2.823   1.00 3.99  ? 119 TRP A CB   1 
ATOM   599  C CG   . TRP A 1 39 ? -4.956  -3.276  2.349   1.00 3.80  ? 119 TRP A CG   1 
ATOM   600  C CD1  . TRP A 1 39 ? -6.301  -3.065  2.466   1.00 5.43  ? 119 TRP A CD1  1 
ATOM   601  C CD2  . TRP A 1 39 ? -4.804  -4.534  1.682   1.00 4.07  ? 119 TRP A CD2  1 
ATOM   602  N NE1  . TRP A 1 39 ? -6.990  -4.122  1.896   1.00 4.95  ? 119 TRP A NE1  1 
ATOM   603  C CE2  . TRP A 1 39 ? -6.096  -5.043  1.437   1.00 4.53  ? 119 TRP A CE2  1 
ATOM   604  C CE3  . TRP A 1 39 ? -3.705  -5.276  1.281   1.00 5.73  ? 119 TRP A CE3  1 
ATOM   605  C CZ2  . TRP A 1 39 ? -6.309  -6.255  0.801   1.00 6.10  ? 119 TRP A CZ2  1 
ATOM   606  C CZ3  . TRP A 1 39 ? -3.926  -6.480  0.646   1.00 7.95  ? 119 TRP A CZ3  1 
ATOM   607  C CH2  . TRP A 1 39 ? -5.214  -6.964  0.425   1.00 8.11  ? 119 TRP A CH2  1 
ATOM   608  H H    . TRP A 1 39 ? -4.340  -0.199  1.606   1.00 4.44  ? 119 TRP A H    1 
ATOM   609  H HA   . TRP A 1 39 ? -4.982  -1.190  4.045   1.00 4.33  ? 119 TRP A HA   1 
ATOM   610  H HB2  . TRP A 1 39 ? -3.256  -2.235  2.072   1.00 4.79  ? 119 TRP A HB2  1 
ATOM   611  H HB3  . TRP A 1 39 ? -3.374  -2.863  3.523   1.00 4.79  ? 119 TRP A HB3  1 
ATOM   612  H HD1  . TRP A 1 39 ? -6.694  -2.321  2.861   1.00 6.52  ? 119 TRP A HD1  1 
ATOM   613  H HE1  . TRP A 1 39 ? -7.846  -4.205  1.874   1.00 5.94  ? 119 TRP A HE1  1 
ATOM   614  H HE3  . TRP A 1 39 ? -2.841  -4.975  1.443   1.00 6.88  ? 119 TRP A HE3  1 
ATOM   615  H HZ2  . TRP A 1 39 ? -7.169  -6.568  0.632   1.00 7.32  ? 119 TRP A HZ2  1 
ATOM   616  H HZ3  . TRP A 1 39 ? -3.197  -6.993  0.383   1.00 9.54  ? 119 TRP A HZ3  1 
ATOM   617  H HH2  . TRP A 1 39 ? -5.326  -7.777  -0.014  1.00 9.73  ? 119 TRP A HH2  1 
ATOM   618  N N    . LEU A 1 40 ? -2.976  -0.496  5.330   1.00 3.67  ? 120 LEU A N    1 
ATOM   619  C CA   . LEU A 1 40 ? -1.784  -0.016  6.014   1.00 4.11  ? 120 LEU A CA   1 
ATOM   620  C C    . LEU A 1 40 ? -0.685  -1.045  5.809   1.00 3.82  ? 120 LEU A C    1 
ATOM   621  O O    . LEU A 1 40 ? -0.873  -2.229  6.118   1.00 4.43  ? 120 LEU A O    1 
ATOM   622  C CB   . LEU A 1 40 ? -2.053  0.214   7.498   1.00 4.65  ? 120 LEU A CB   1 
ATOM   623  C CG   . LEU A 1 40 ? -0.907  0.860   8.294   1.00 4.90  ? 120 LEU A CG   1 
ATOM   624  C CD1  . LEU A 1 40 ? -0.588  2.261   7.795   1.00 6.10  ? 120 LEU A CD1  1 
ATOM   625  C CD2  . LEU A 1 40 ? -1.277  0.907   9.759   1.00 6.29  ? 120 LEU A CD2  1 
ATOM   626  H H    . LEU A 1 40 ? -3.552  -0.880  5.841   1.00 4.40  ? 120 LEU A H    1 
ATOM   627  H HA   . LEU A 1 40 ? -1.499  0.822   5.618   1.00 4.93  ? 120 LEU A HA   1 
ATOM   628  H HB2  . LEU A 1 40 ? -2.827  0.792   7.583   1.00 5.58  ? 120 LEU A HB2  1 
ATOM   629  H HB3  . LEU A 1 40 ? -2.245  -0.643  7.911   1.00 5.58  ? 120 LEU A HB3  1 
ATOM   630  H HG   . LEU A 1 40 ? -0.109  0.317   8.201   1.00 5.88  ? 120 LEU A HG   1 
ATOM   631  H HD11 . LEU A 1 40 ? -0.326  2.211   6.862   1.00 7.32  ? 120 LEU A HD11 1 
ATOM   632  H HD12 . LEU A 1 40 ? -1.378  2.816   7.887   1.00 7.32  ? 120 LEU A HD12 1 
ATOM   633  H HD13 . LEU A 1 40 ? 0.138   2.626   8.323   1.00 7.32  ? 120 LEU A HD13 1 
ATOM   634  H HD21 . LEU A 1 40 ? -1.426  0.002   10.076  1.00 7.55  ? 120 LEU A HD21 1 
ATOM   635  H HD22 . LEU A 1 40 ? -0.550  1.315   10.255  1.00 7.55  ? 120 LEU A HD22 1 
ATOM   636  H HD23 . LEU A 1 40 ? -2.086  1.432   9.864   1.00 7.55  ? 120 LEU A HD23 1 
ATOM   637  N N    . ALA A 1 41 ? 0.446   -0.603  5.256   1.00 3.91  ? 121 ALA A N    1 
ATOM   638  C CA   . ALA A 1 41 ? 1.541   -1.493  4.934   1.00 3.65  ? 121 ALA A CA   1 
ATOM   639  C C    . ALA A 1 41 ? 2.851   -0.962  5.481   1.00 3.70  ? 121 ALA A C    1 
ATOM   640  O O    . ALA A 1 41 ? 3.039   0.245   5.624   1.00 4.64  ? 121 ALA A O    1 
ATOM   641  C CB   . ALA A 1 41 ? 1.647   -1.658  3.414   1.00 5.78  ? 121 ALA A CB   1 
ATOM   642  H H    . ALA A 1 41 ? 0.596   0.221   5.059   1.00 4.69  ? 121 ALA A H    1 
ATOM   643  H HA   . ALA A 1 41 ? 1.375   -2.364  5.327   1.00 4.38  ? 121 ALA A HA   1 
ATOM   644  H HB1  . ALA A 1 41 ? 2.384   -2.256  3.212   1.00 6.94  ? 121 ALA A HB1  1 
ATOM   645  H HB2  . ALA A 1 41 ? 0.817   -2.030  3.079   1.00 6.94  ? 121 ALA A HB2  1 
ATOM   646  H HB3  . ALA A 1 41 ? 1.807   -0.789  3.014   1.00 6.94  ? 121 ALA A HB3  1 
ATOM   647  N N    . HIS A 1 42 ? 3.752   -1.893  5.783   1.00 4.26  ? 122 HIS A N    1 
ATOM   648  C CA   . HIS A 1 42 ? 5.095   -1.604  6.245   1.00 4.47  ? 122 HIS A CA   1 
ATOM   649  C C    . HIS A 1 42 ? 6.079   -2.171  5.241   1.00 4.72  ? 122 HIS A C    1 
ATOM   650  O O    . HIS A 1 42 ? 6.065   -3.369  4.947   1.00 5.11  ? 122 HIS A O    1 
ATOM   651  C CB   . HIS A 1 42 ? 5.276   -2.242  7.621   1.00 5.31  ? 122 HIS A CB   1 
ATOM   652  C CG   . HIS A 1 42 ? 6.655   -2.120  8.171   1.00 4.87  ? 122 HIS A CG   1 
ATOM   653  N ND1  . HIS A 1 42 ? 7.237   -0.913  8.474   1.00 5.30  ? 122 HIS A ND1  1 
ATOM   654  C CD2  . HIS A 1 42 ? 7.576   -3.064  8.478   1.00 6.59  ? 122 HIS A CD2  1 
ATOM   655  C CE1  . HIS A 1 42 ? 8.452   -1.113  8.949   1.00 6.78  ? 122 HIS A CE1  1 
ATOM   656  N NE2  . HIS A 1 42 ? 8.684   -2.410  8.949   1.00 6.96  ? 122 HIS A NE2  1 
ATOM   657  H H    . HIS A 1 42 ? 3.595   -2.737  5.722   1.00 5.11  ? 122 HIS A H    1 
ATOM   658  H HA   . HIS A 1 42 ? 5.226   -0.646  6.317   1.00 5.37  ? 122 HIS A HA   1 
ATOM   659  H HB2  . HIS A 1 42 ? 4.671   -1.813  8.246   1.00 6.37  ? 122 HIS A HB2  1 
ATOM   660  H HB3  . HIS A 1 42 ? 5.066   -3.186  7.557   1.00 6.37  ? 122 HIS A HB3  1 
ATOM   661  H HD1  . HIS A 1 42 ? 6.864   -0.145  8.379   1.00 6.36  ? 122 HIS A HD1  1 
ATOM   662  H HD2  . HIS A 1 42 ? 7.479   -3.984  8.379   1.00 7.91  ? 122 HIS A HD2  1 
ATOM   663  H HE1  . HIS A 1 42 ? 9.047   -0.453  9.221   1.00 8.13  ? 122 HIS A HE1  1 
ATOM   664  H HE2  . HIS A 1 42 ? 9.410   -2.787  9.216   1.00 8.35  ? 122 HIS A HE2  1 
ATOM   665  N N    . SER A 1 43 ? 6.908   -1.306  4.676   1.00 4.69  ? 123 SER A N    1 
ATOM   666  C CA   . SER A 1 43 ? 7.905   -1.775  3.728   1.00 5.02  ? 123 SER A CA   1 
ATOM   667  C C    . SER A 1 43 ? 9.021   -2.498  4.452   1.00 5.17  ? 123 SER A C    1 
ATOM   668  O O    . SER A 1 43 ? 9.669   -1.959  5.349   1.00 5.82  ? 123 SER A O    1 
ATOM   669  C CB   . SER A 1 43 ? 8.511   -0.629  2.961   1.00 6.72  ? 123 SER A CB   1 
ATOM   670  O OG   . SER A 1 43 ? 9.599   -1.111  2.192   1.00 8.66  ? 123 SER A OG   1 
ATOM   671  H H    . SER A 1 43 ? 6.916   -0.458  4.820   1.00 5.62  ? 123 SER A H    1 
ATOM   672  H HA   . SER A 1 43 ? 7.494   -2.388  3.098   1.00 6.03  ? 123 SER A HA   1 
ATOM   673  H HB2  . SER A 1 43 ? 7.843   -0.248  2.369   1.00 8.07  ? 123 SER A HB2  1 
ATOM   674  H HB3  . SER A 1 43 ? 8.830   0.042   3.584   1.00 8.07  ? 123 SER A HB3  1 
ATOM   675  H HG   . SER A 1 43 ? 9.946   -0.479  1.759   1.00 10.39 ? 123 SER A HG   1 
ATOM   676  N N    . LEU A 1 44 ? 9.293   -3.717  4.020   1.00 6.39  ? 124 LEU A N    1 
ATOM   677  C CA   . LEU A 1 44 ? 10.390  -4.475  4.598   1.00 7.18  ? 124 LEU A CA   1 
ATOM   678  C C    . LEU A 1 44 ? 11.709  -4.062  3.974   1.00 8.73  ? 124 LEU A C    1 
ATOM   679  O O    . LEU A 1 44 ? 12.775  -4.413  4.463   1.00 9.30  ? 124 LEU A O    1 
ATOM   680  C CB   . LEU A 1 44 ? 10.137  -5.965  4.452   1.00 7.69  ? 124 LEU A CB   1 
ATOM   681  C CG   . LEU A 1 44 ? 8.874   -6.470  5.170   1.00 10.19 ? 124 LEU A CG   1 
ATOM   682  C CD1  . LEU A 1 44 ? 8.688   -7.927  4.896   1.00 11.62 ? 124 LEU A CD1  1 
ATOM   683  C CD2  . LEU A 1 44 ? 8.948   -6.273  6.657   1.00 11.82 ? 124 LEU A CD2  1 
ATOM   684  H H    . LEU A 1 44 ? 8.863   -4.128  3.399   1.00 7.66  ? 124 LEU A H    1 
ATOM   685  H HA   . LEU A 1 44 ? 10.438  -4.276  5.546   1.00 8.62  ? 124 LEU A HA   1 
ATOM   686  H HB2  . LEU A 1 44 ? 10.043  -6.174  3.510   1.00 9.23  ? 124 LEU A HB2  1 
ATOM   687  H HB3  . LEU A 1 44 ? 10.897  -6.446  4.819   1.00 9.23  ? 124 LEU A HB3  1 
ATOM   688  H HG   . LEU A 1 44 ? 8.099   -5.993  4.834   1.00 12.23 ? 124 LEU A HG   1 
ATOM   689  H HD11 . LEU A 1 44 ? 8.594   -8.058  3.940   1.00 13.94 ? 124 LEU A HD11 1 
ATOM   690  H HD12 . LEU A 1 44 ? 9.463   -8.410  5.222   1.00 13.94 ? 124 LEU A HD12 1 
ATOM   691  H HD13 . LEU A 1 44 ? 7.890   -8.234  5.353   1.00 13.94 ? 124 LEU A HD13 1 
ATOM   692  H HD21 . LEU A 1 44 ? 9.712   -6.762  7.002   1.00 14.19 ? 124 LEU A HD21 1 
ATOM   693  H HD22 . LEU A 1 44 ? 9.049   -5.327  6.845   1.00 14.19 ? 124 LEU A HD22 1 
ATOM   694  H HD23 . LEU A 1 44 ? 8.131   -6.606  7.060   1.00 14.19 ? 124 LEU A HD23 1 
ATOM   695  N N    . THR A 1 45 ? 11.627  -3.293  2.909   1.00 11.17 ? 125 THR A N    1 
ATOM   696  C CA   . THR A 1 45 ? 12.796  -2.821  2.212   1.00 15.10 ? 125 THR A CA   1 
ATOM   697  C C    . THR A 1 45 ? 13.242  -1.444  2.750   1.00 14.57 ? 125 THR A C    1 
ATOM   698  O O    . THR A 1 45 ? 14.435  -1.215  3.003   1.00 18.86 ? 125 THR A O    1 
ATOM   699  C CB   . THR A 1 45 ? 12.496  -2.808  0.692   1.00 20.42 ? 125 THR A CB   1 
ATOM   700  O OG1  . THR A 1 45 ? 12.011  -4.106  0.289   1.00 24.79 ? 125 THR A OG1  1 
ATOM   701  C CG2  . THR A 1 45 ? 13.703  -2.463  -0.090  1.00 23.80 ? 125 THR A CG2  1 
ATOM   702  H H    . THR A 1 45 ? 10.886  -3.026  2.565   1.00 13.40 ? 125 THR A H    1 
ATOM   703  H HA   . THR A 1 45 ? 13.521  -3.446  2.364   1.00 18.11 ? 125 THR A HA   1 
ATOM   704  H HB   . THR A 1 45 ? 11.815  -2.142  0.507   1.00 24.51 ? 125 THR A HB   1 
ATOM   705  H HG1  . THR A 1 45 ? 11.308  -4.293  0.708   1.00 29.74 ? 125 THR A HG1  1 
ATOM   706  H HG21 . THR A 1 45 ? 14.403  -3.114  0.077   1.00 28.56 ? 125 THR A HG21 1 
ATOM   707  H HG22 . THR A 1 45 ? 13.494  -2.459  -1.038  1.00 28.56 ? 125 THR A HG22 1 
ATOM   708  H HG23 . THR A 1 45 ? 14.023  -1.583  0.165   1.00 28.56 ? 125 THR A HG23 1 
ATOM   709  N N    . THR A 1 46 ? 12.294  -0.536  2.964   1.00 13.35 ? 126 THR A N    1 
ATOM   710  C CA   . THR A 1 46 ? 12.641  0.810   3.406   1.00 13.76 ? 126 THR A CA   1 
ATOM   711  C C    . THR A 1 46 ? 12.335  1.074   4.884   1.00 11.33 ? 126 THR A C    1 
ATOM   712  O O    . THR A 1 46 ? 12.809  2.050   5.454   1.00 14.82 ? 126 THR A O    1 
ATOM   713  C CB   . THR A 1 46 ? 11.908  1.877   2.590   1.00 14.69 ? 126 THR A CB   1 
ATOM   714  O OG1  . THR A 1 46 ? 10.524  1.822   2.927   1.00 11.67 ? 126 THR A OG1  1 
ATOM   715  C CG2  . THR A 1 46 ? 12.094  1.671   1.071   1.00 16.77 ? 126 THR A CG2  1 
ATOM   716  H H    . THR A 1 46 ? 11.451  -0.673  2.863   1.00 16.01 ? 126 THR A H    1 
ATOM   717  H HA   . THR A 1 46 ? 13.593  0.942   3.275   1.00 16.51 ? 126 THR A HA   1 
ATOM   718  H HB   . THR A 1 46 ? 12.257  2.752   2.821   1.00 17.63 ? 126 THR A HB   1 
ATOM   719  H HG1  . THR A 1 46 ? 10.099  2.399   2.491   1.00 14.01 ? 126 THR A HG1  1 
ATOM   720  H HG21 . THR A 1 46 ? 11.619  2.362   0.582   1.00 20.13 ? 126 THR A HG21 1 
ATOM   721  H HG22 . THR A 1 46 ? 13.036  1.716   0.844   1.00 20.13 ? 126 THR A HG22 1 
ATOM   722  H HG23 . THR A 1 46 ? 11.747  0.804   0.809   1.00 20.13 ? 126 THR A HG23 1 
ATOM   723  N N    . GLY A 1 47 ? 11.538  0.208   5.502   1.00 7.92  ? 127 GLY A N    1 
ATOM   724  C CA   . GLY A 1 47 ? 11.131  0.395   6.884   1.00 7.02  ? 127 GLY A CA   1 
ATOM   725  C C    . GLY A 1 47 ? 9.985   1.371   7.099   1.00 7.31  ? 127 GLY A C    1 
ATOM   726  O O    . GLY A 1 47 ? 9.525   1.526   8.217   1.00 10.41 ? 127 GLY A O    1 
ATOM   727  H H    . GLY A 1 47 ? 11.218  -0.502  5.137   1.00 9.51  ? 127 GLY A H    1 
ATOM   728  H HA2  . GLY A 1 47 ? 10.864  -0.462  7.250   1.00 8.42  ? 127 GLY A HA2  1 
ATOM   729  H HA3  . GLY A 1 47 ? 11.892  0.713   7.394   1.00 8.42  ? 127 GLY A HA3  1 
ATOM   730  N N    . GLN A 1 48 ? 9.539   2.064   6.067   1.00 6.69  ? 128 GLN A N    1 
ATOM   731  C CA   . GLN A 1 48 ? 8.479   3.054   6.251   1.00 6.51  ? 128 GLN A CA   1 
ATOM   732  C C    . GLN A 1 48 ? 7.101   2.387   6.215   1.00 4.98  ? 128 GLN A C    1 
ATOM   733  O O    . GLN A 1 48 ? 6.944   1.278   5.691   1.00 5.41  ? 128 GLN A O    1 
ATOM   734  C CB   . GLN A 1 48 ? 8.610   4.160   5.228   1.00 9.23  ? 128 GLN A CB   1 
ATOM   735  C CG   . GLN A 1 48 ? 9.893   4.921   5.487   1.00 12.28 ? 128 GLN A CG   1 
ATOM   736  C CD   . GLN A 1 48 ? 9.988   6.242   4.836   1.00 15.86 ? 128 GLN A CD   1 
ATOM   737  O OE1  . GLN A 1 48 ? 9.015   6.970   4.733   1.00 16.69 ? 128 GLN A OE1  1 
ATOM   738  N NE2  . GLN A 1 48 ? 11.189  6.589   4.414   1.00 19.41 ? 128 GLN A NE2  1 
ATOM   739  H H    . GLN A 1 48 ? 9.823   1.986   5.259   1.00 8.02  ? 128 GLN A H    1 
ATOM   740  H HA   . GLN A 1 48 ? 8.584   3.455   7.128   1.00 7.81  ? 128 GLN A HA   1 
ATOM   741  H HB2  . GLN A 1 48 ? 8.647   3.780   4.336   1.00 11.08 ? 128 GLN A HB2  1 
ATOM   742  H HB3  . GLN A 1 48 ? 7.862   4.773   5.309   1.00 11.08 ? 128 GLN A HB3  1 
ATOM   743  H HG2  . GLN A 1 48 ? 9.980   5.060   6.443   1.00 14.73 ? 128 GLN A HG2  1 
ATOM   744  H HG3  . GLN A 1 48 ? 10.637  4.385   5.170   1.00 14.73 ? 128 GLN A HG3  1 
ATOM   745  H HE21 . GLN A 1 48 ? 11.855  6.056   4.526   1.00 23.29 ? 128 GLN A HE21 1 
ATOM   746  H HE22 . GLN A 1 48 ? 11.306  7.348   4.026   1.00 23.29 ? 128 GLN A HE22 1 
ATOM   747  N N    . THR A 1 49 ? 6.131   3.075   6.808   1.00 4.91  ? 129 THR A N    1 
ATOM   748  C CA   . THR A 1 49 ? 4.772   2.568   6.970   1.00 4.13  ? 129 THR A CA   1 
ATOM   749  C C    . THR A 1 49 ? 3.770   3.617   6.533   1.00 4.02  ? 129 THR A C    1 
ATOM   750  O O    . THR A 1 49 ? 3.911   4.791   6.877   1.00 5.64  ? 129 THR A O    1 
ATOM   751  C CB   . THR A 1 49 ? 4.529   2.181   8.415   1.00 4.85  ? 129 THR A CB   1 
ATOM   752  O OG1  . THR A 1 49 ? 5.420   1.108   8.724   1.00 5.63  ? 129 THR A OG1  1 
ATOM   753  C CG2  . THR A 1 49 ? 3.092   1.776   8.698   1.00 5.61  ? 129 THR A CG2  1 
ATOM   754  H H    . THR A 1 49 ? 6.239   3.863   7.134   1.00 5.90  ? 129 THR A H    1 
ATOM   755  H HA   . THR A 1 49 ? 4.652   1.781   6.417   1.00 4.95  ? 129 THR A HA   1 
ATOM   756  H HB   . THR A 1 49 ? 4.742   2.938   8.983   1.00 5.82  ? 129 THR A HB   1 
ATOM   757  H HG1  . THR A 1 49 ? 5.313   0.865   9.521   1.00 6.76  ? 129 THR A HG1  1 
ATOM   758  H HG21 . THR A 1 49 ? 2.850   1.012   8.150   1.00 6.74  ? 129 THR A HG21 1 
ATOM   759  H HG22 . THR A 1 49 ? 2.992   1.538   9.633   1.00 6.74  ? 129 THR A HG22 1 
ATOM   760  H HG23 . THR A 1 49 ? 2.494   2.512   8.494   1.00 6.74  ? 129 THR A HG23 1 
ATOM   761  N N    . GLY A 1 50 ? 2.765   3.196   5.782   1.00 3.57  ? 130 GLY A N    1 
ATOM   762  C CA   . GLY A 1 50 ? 1.699   4.082   5.374   1.00 3.69  ? 130 GLY A CA   1 
ATOM   763  C C    . GLY A 1 50 ? 0.678   3.350   4.530   1.00 4.04  ? 130 GLY A C    1 
ATOM   764  O O    . GLY A 1 50 ? 0.777   2.133   4.319   1.00 4.56  ? 130 GLY A O    1 
ATOM   765  H H    . GLY A 1 50 ? 2.680   2.390   5.492   1.00 4.29  ? 130 GLY A H    1 
ATOM   766  H HA2  . GLY A 1 50 ? 1.255   4.443   6.157   1.00 4.42  ? 130 GLY A HA2  1 
ATOM   767  H HA3  . GLY A 1 50 ? 2.063   4.816   4.854   1.00 4.42  ? 130 GLY A HA3  1 
ATOM   768  N N    . TYR A 1 51 ? -0.316  4.092   4.041   1.00 4.12  ? 131 TYR A N    1 
ATOM   769  C CA   . TYR A 1 51 ? -1.416  3.481   3.300   1.00 3.93  ? 131 TYR A CA   1 
ATOM   770  C C    . TYR A 1 51 ? -1.074  3.270   1.829   1.00 3.87  ? 131 TYR A C    1 
ATOM   771  O O    . TYR A 1 51 ? -0.385  4.084   1.198   1.00 4.35  ? 131 TYR A O    1 
ATOM   772  C CB   . TYR A 1 51 ? -2.699  4.327   3.458   1.00 3.90  ? 131 TYR A CB   1 
ATOM   773  C CG   . TYR A 1 51 ? -3.227  4.219   4.857   1.00 4.54  ? 131 TYR A CG   1 
ATOM   774  C CD1  . TYR A 1 51 ? -4.068  3.178   5.231   1.00 5.63  ? 131 TYR A CD1  1 
ATOM   775  C CD2  . TYR A 1 51 ? -2.797  5.095   5.854   1.00 6.43  ? 131 TYR A CD2  1 
ATOM   776  C CE1  . TYR A 1 51 ? -4.488  3.034   6.553   1.00 6.90  ? 131 TYR A CE1  1 
ATOM   777  C CE2  . TYR A 1 51 ? -3.207  4.948   7.155   1.00 7.42  ? 131 TYR A CE2  1 
ATOM   778  C CZ   . TYR A 1 51 ? -4.042  3.915   7.496   1.00 9.01  ? 131 TYR A CZ   1 
ATOM   779  O OH   . TYR A 1 51 ? -4.453  3.738   8.809   1.00 10.52 ? 131 TYR A OH   1 
ATOM   780  H HA   . TYR A 1 51 ? -1.595  2.609   3.684   1.00 4.72  ? 131 TYR A HA   1 
ATOM   781  H HB2  . TYR A 1 51 ? -2.498  5.259   3.276   1.00 4.68  ? 131 TYR A HB2  1 
ATOM   782  H HB3  . TYR A 1 51 ? -3.379  4.002   2.847   1.00 4.68  ? 131 TYR A HB3  1 
ATOM   783  H HD1  . TYR A 1 51 ? -4.353  2.565   4.591   1.00 6.75  ? 131 TYR A HD1  1 
ATOM   784  H HD2  . TYR A 1 51 ? -2.212  5.785   5.635   1.00 7.71  ? 131 TYR A HD2  1 
ATOM   785  H HE1  . TYR A 1 51 ? -5.052  2.335   6.793   1.00 8.28  ? 131 TYR A HE1  1 
ATOM   786  H HE2  . TYR A 1 51 ? -2.912  5.543   7.807   1.00 8.91  ? 131 TYR A HE2  1 
ATOM   787  H HH   . TYR A 1 51 ? -4.118  4.335   9.298   1.00 12.63 ? 131 TYR A HH   1 
ATOM   788  N N    . ILE A 1 52 ? -1.566  2.148   1.302   1.00 3.36  ? 132 ILE A N    1 
ATOM   789  C CA   . ILE A 1 52 ? -1.298  1.750   -0.074  1.00 3.74  ? 132 ILE A CA   1 
ATOM   790  C C    . ILE A 1 52 ? -2.573  1.295   -0.749  1.00 3.49  ? 132 ILE A C    1 
ATOM   791  O O    . ILE A 1 52 ? -3.488  0.811   -0.092  1.00 3.93  ? 132 ILE A O    1 
ATOM   792  C CB   . ILE A 1 52 ? -0.273  0.623   -0.130  1.00 4.44  ? 132 ILE A CB   1 
ATOM   793  C CG1  . ILE A 1 52 ? -0.777  -0.676  0.541   1.00 4.40  ? 132 ILE A CG1  1 
ATOM   794  C CG2  . ILE A 1 52 ? 1.046   1.053   0.500   1.00 4.90  ? 132 ILE A CG2  1 
ATOM   795  C CD1  . ILE A 1 52 ? -0.018  -1.913  0.122   1.00 7.96  ? 132 ILE A CD1  1 
ATOM   796  H H    . ILE A 1 52 ? -2.066  1.595   1.731   1.00 4.03  ? 132 ILE A H    1 
ATOM   797  H HA   . ILE A 1 52 ? -0.945  2.508   -0.565  1.00 4.49  ? 132 ILE A HA   1 
ATOM   798  H HB   . ILE A 1 52 ? -0.104  0.425   -1.064  1.00 5.33  ? 132 ILE A HB   1 
ATOM   799  H HG12 . ILE A 1 52 ? -0.688  -0.586  1.503   1.00 5.28  ? 132 ILE A HG12 1 
ATOM   800  H HG13 . ILE A 1 52 ? -1.709  -0.807  0.308   1.00 5.28  ? 132 ILE A HG13 1 
ATOM   801  H HG21 . ILE A 1 52 ? 1.675   0.315   0.449   1.00 5.88  ? 132 ILE A HG21 1 
ATOM   802  H HG22 . ILE A 1 52 ? 1.392   1.818   0.014   1.00 5.88  ? 132 ILE A HG22 1 
ATOM   803  H HG23 . ILE A 1 52 ? 0.890   1.292   1.427   1.00 5.88  ? 132 ILE A HG23 1 
ATOM   804  H HD11 . ILE A 1 52 ? -0.389  -2.682  0.582   1.00 9.55  ? 132 ILE A HD11 1 
ATOM   805  H HD12 . ILE A 1 52 ? -0.105  -2.027  -0.838  1.00 9.55  ? 132 ILE A HD12 1 
ATOM   806  H HD13 . ILE A 1 52 ? 0.916   -1.805  0.360   1.00 9.55  ? 132 ILE A HD13 1 
ATOM   807  N N    . PRO A 1 53 ? -2.633  1.418   -2.081  1.00 3.94  ? 133 PRO A N    1 
ATOM   808  C CA   . PRO A 1 53 ? -3.797  0.889   -2.800  1.00 3.84  ? 133 PRO A CA   1 
ATOM   809  C C    . PRO A 1 53 ? -3.651  -0.628  -2.967  1.00 3.80  ? 133 PRO A C    1 
ATOM   810  O O    . PRO A 1 53 ? -2.663  -1.108  -3.536  1.00 4.91  ? 133 PRO A O    1 
ATOM   811  C CB   . PRO A 1 53 ? -3.731  1.631   -4.129  1.00 4.72  ? 133 PRO A CB   1 
ATOM   812  C CG   . PRO A 1 53 ? -2.269  1.925   -4.324  1.00 4.65  ? 133 PRO A CG   1 
ATOM   813  C CD   . PRO A 1 53 ? -1.696  2.142   -2.965  1.00 4.49  ? 133 PRO A CD   1 
ATOM   814  H HA   . PRO A 1 53 ? -4.622  1.100   -2.338  1.00 4.61  ? 133 PRO A HA   1 
ATOM   815  H HB2  . PRO A 1 53 ? -4.066  1.062   -4.839  1.00 5.66  ? 133 PRO A HB2  1 
ATOM   816  H HB3  . PRO A 1 53 ? -4.242  2.452   -4.072  1.00 5.66  ? 133 PRO A HB3  1 
ATOM   817  H HG2  . PRO A 1 53 ? -1.842  1.166   -4.754  1.00 5.58  ? 133 PRO A HG2  1 
ATOM   818  H HG3  . PRO A 1 53 ? -2.169  2.722   -4.867  1.00 5.58  ? 133 PRO A HG3  1 
ATOM   819  H HD2  . PRO A 1 53 ? -0.807  1.756   -2.906  1.00 5.39  ? 133 PRO A HD2  1 
ATOM   820  H HD3  . PRO A 1 53 ? -1.688  3.088   -2.749  1.00 5.39  ? 133 PRO A HD3  1 
ATOM   821  N N    . SER A 1 54 ? -4.611  -1.386  -2.439  1.00 3.99  ? 134 SER A N    1 
ATOM   822  C CA   . SER A 1 54 ? -4.484  -2.830  -2.384  1.00 5.32  ? 134 SER A CA   1 
ATOM   823  C C    . SER A 1 54 ? -4.382  -3.481  -3.755  1.00 4.97  ? 134 SER A C    1 
ATOM   824  O O    . SER A 1 54 ? -3.847  -4.575  -3.874  1.00 4.98  ? 134 SER A O    1 
ATOM   825  C CB   . SER A 1 54 ? -5.638  -3.434  -1.591  1.00 4.70  ? 134 SER A CB   1 
ATOM   826  O OG   . SER A 1 54 ? -6.884  -3.051  -2.125  1.00 5.75  ? 134 SER A OG   1 
ATOM   827  H H    . SER A 1 54 ? -5.343  -1.083  -2.105  1.00 4.78  ? 134 SER A H    1 
ATOM   828  H HA   . SER A 1 54 ? -3.666  -3.042  -1.906  1.00 6.39  ? 134 SER A HA   1 
ATOM   829  H HB2  . SER A 1 54 ? -5.568  -4.401  -1.621  1.00 5.63  ? 134 SER A HB2  1 
ATOM   830  H HB3  . SER A 1 54 ? -5.583  -3.128  -0.672  1.00 5.63  ? 134 SER A HB3  1 
ATOM   831  H HG   . SER A 1 54 ? -6.947  -3.311  -2.921  1.00 6.90  ? 134 SER A HG   1 
ATOM   832  N N    . ASN A 1 55 ? -4.889  -2.814  -4.792  1.00 4.44  ? 135 ASN A N    1 
ATOM   833  C CA   . ASN A 1 55 ? -4.819  -3.366  -6.135  1.00 4.60  ? 135 ASN A CA   1 
ATOM   834  C C    . ASN A 1 55 ? -3.486  -3.165  -6.850  1.00 5.06  ? 135 ASN A C    1 
ATOM   835  O O    . ASN A 1 55 ? -3.334  -3.576  -7.976  1.00 7.05  ? 135 ASN A O    1 
ATOM   836  C CB   . ASN A 1 55 ? -5.993  -2.851  -6.973  1.00 5.21  ? 135 ASN A CB   1 
ATOM   837  C CG   . ASN A 1 55 ? -5.983  -1.349  -7.170  1.00 6.32  ? 135 ASN A CG   1 
ATOM   838  O OD1  . ASN A 1 55 ? -5.497  -0.603  -6.337  1.00 6.49  ? 135 ASN A OD1  1 
ATOM   839  N ND2  . ASN A 1 55 ? -6.539  -0.908  -8.288  1.00 7.86  ? 135 ASN A ND2  1 
ATOM   840  H H    . ASN A 1 55 ? -5.276  -2.048  -4.740  1.00 5.32  ? 135 ASN A H    1 
ATOM   841  H HA   . ASN A 1 55 ? -4.940  -4.325  -6.058  1.00 5.52  ? 135 ASN A HA   1 
ATOM   842  H HB2  . ASN A 1 55 ? -5.958  -3.266  -7.850  1.00 6.25  ? 135 ASN A HB2  1 
ATOM   843  H HB3  . ASN A 1 55 ? -6.823  -3.087  -6.529  1.00 6.25  ? 135 ASN A HB3  1 
ATOM   844  H HD21 . ASN A 1 55 ? -6.877  -1.465  -8.849  1.00 9.43  ? 135 ASN A HD21 1 
ATOM   845  H HD22 . ASN A 1 55 ? -6.561  -0.065  -8.453  1.00 9.43  ? 135 ASN A HD22 1 
ATOM   846  N N    . TYR A 1 56 ? -2.510  -2.599  -6.146  1.00 4.33  ? 136 TYR A N    1 
ATOM   847  C CA   . TYR A 1 56 ? -1.158  -2.413  -6.709  1.00 4.90  ? 136 TYR A CA   1 
ATOM   848  C C    . TYR A 1 56 ? -0.168  -3.471  -6.223  1.00 4.11  ? 136 TYR A C    1 
ATOM   849  O O    . TYR A 1 56 ? 0.995   -3.441  -6.632  1.00 5.68  ? 136 TYR A O    1 
ATOM   850  C CB   . TYR A 1 56 ? -0.622  -1.007  -6.394  1.00 4.93  ? 136 TYR A CB   1 
ATOM   851  C CG   . TYR A 1 56 ? -1.123  0.084   -7.318  1.00 4.87  ? 136 TYR A CG   1 
ATOM   852  C CD1  . TYR A 1 56 ? -2.447  0.177   -7.698  1.00 7.31  ? 136 TYR A CD1  1 
ATOM   853  C CD2  . TYR A 1 56 ? -0.255  1.019   -7.833  1.00 5.52  ? 136 TYR A CD2  1 
ATOM   854  C CE1  . TYR A 1 56 ? -2.878  1.167   -8.547  1.00 7.65  ? 136 TYR A CE1  1 
ATOM   855  C CE2  . TYR A 1 56 ? -0.678  2.029   -8.659  1.00 5.61  ? 136 TYR A CE2  1 
ATOM   856  C CZ   . TYR A 1 56 ? -1.987  2.081   -9.035  1.00 6.35  ? 136 TYR A CZ   1 
ATOM   857  O OH   . TYR A 1 56 ? -2.367  3.085   -9.913  1.00 7.07  ? 136 TYR A OH   1 
ATOM   858  H H    . TYR A 1 56 ? -2.597  -2.311  -5.340  1.00 5.19  ? 136 TYR A H    1 
ATOM   859  H HA   . TYR A 1 56 ? -1.215  -2.491  -7.674  1.00 5.88  ? 136 TYR A HA   1 
ATOM   860  H HB2  . TYR A 1 56 ? -0.886  -0.770  -5.491  1.00 5.92  ? 136 TYR A HB2  1 
ATOM   861  H HB3  . TYR A 1 56 ? 0.346   -1.024  -6.457  1.00 5.92  ? 136 TYR A HB3  1 
ATOM   862  H HD1  . TYR A 1 56 ? -3.058  -0.446  -7.377  1.00 8.77  ? 136 TYR A HD1  1 
ATOM   863  H HD2  . TYR A 1 56 ? 0.641   0.984   -7.587  1.00 6.63  ? 136 TYR A HD2  1 
ATOM   864  H HE1  . TYR A 1 56 ? -3.772  1.209   -8.798  1.00 9.18  ? 136 TYR A HE1  1 
ATOM   865  H HE2  . TYR A 1 56 ? -0.067  2.640   -9.004  1.00 6.73  ? 136 TYR A HE2  1 
ATOM   866  H HH   . TYR A 1 56 ? -3.189  3.028   -10.075 1.00 8.48  ? 136 TYR A HH   1 
ATOM   867  N N    . VAL A 1 57 ? -0.612  -4.368  -5.341  1.00 5.00  ? 137 VAL A N    1 
ATOM   868  C CA   . VAL A 1 57 ? 0.264   -5.362  -4.735  1.00 4.74  ? 137 VAL A CA   1 
ATOM   869  C C    . VAL A 1 57 ? -0.382  -6.738  -4.840  1.00 5.09  ? 137 VAL A C    1 
ATOM   870  O O    . VAL A 1 57 ? -1.573  -6.847  -5.095  1.00 5.78  ? 137 VAL A O    1 
ATOM   871  C CB   . VAL A 1 57 ? 0.557   -5.021  -3.252  1.00 5.29  ? 137 VAL A CB   1 
ATOM   872  C CG1  . VAL A 1 57 ? 1.250   -3.673  -3.125  1.00 7.00  ? 137 VAL A CG1  1 
ATOM   873  C CG2  . VAL A 1 57 ? -0.732  -5.019  -2.427  1.00 5.59  ? 137 VAL A CG2  1 
ATOM   874  H H    . VAL A 1 57 ? -1.429  -4.420  -5.075  1.00 6.00  ? 137 VAL A H    1 
ATOM   875  H HA   . VAL A 1 57 ? 1.107   -5.383  -5.215  1.00 5.69  ? 137 VAL A HA   1 
ATOM   876  H HB   . VAL A 1 57 ? 1.146   -5.697  -2.884  1.00 6.35  ? 137 VAL A HB   1 
ATOM   877  H HG11 . VAL A 1 57 ? 1.418   -3.492  -2.186  1.00 8.40  ? 137 VAL A HG11 1 
ATOM   878  H HG12 . VAL A 1 57 ? 2.090   -3.703  -3.611  1.00 8.40  ? 137 VAL A HG12 1 
ATOM   879  H HG13 . VAL A 1 57 ? 0.676   -2.986  -3.497  1.00 8.40  ? 137 VAL A HG13 1 
ATOM   880  H HG21 . VAL A 1 57 ? -0.517  -4.803  -1.506  1.00 6.70  ? 137 VAL A HG21 1 
ATOM   881  H HG22 . VAL A 1 57 ? -1.338  -4.355  -2.790  1.00 6.70  ? 137 VAL A HG22 1 
ATOM   882  H HG23 . VAL A 1 57 ? -1.138  -5.899  -2.474  1.00 6.70  ? 137 VAL A HG23 1 
ATOM   883  N N    . ALA A 1 58 ? 0.413   -7.788  -4.641  1.00 5.31  ? 138 ALA A N    1 
ATOM   884  C CA   . ALA A 1 58 ? -0.069  -9.161  -4.742  1.00 6.11  ? 138 ALA A CA   1 
ATOM   885  C C    . ALA A 1 58 ? 0.651   -10.018 -3.707  1.00 5.18  ? 138 ALA A C    1 
ATOM   886  O O    . ALA A 1 58 ? 1.787   -9.716  -3.331  1.00 5.00  ? 138 ALA A O    1 
ATOM   887  C CB   . ALA A 1 58 ? 0.165   -9.735  -6.126  1.00 7.80  ? 138 ALA A CB   1 
ATOM   888  H H    . ALA A 1 58 ? 1.248   -7.729  -4.445  1.00 6.37  ? 138 ALA A H    1 
ATOM   889  H HA   . ALA A 1 58 ? -1.021  -9.186  -4.555  1.00 7.34  ? 138 ALA A HA   1 
ATOM   890  H HB1  . ALA A 1 58 ? 1.116   -9.725  -6.315  1.00 9.36  ? 138 ALA A HB1  1 
ATOM   891  H HB2  . ALA A 1 58 ? -0.168  -10.645 -6.151  1.00 9.36  ? 138 ALA A HB2  1 
ATOM   892  H HB3  . ALA A 1 58 ? -0.307  -9.191  -6.777  1.00 9.36  ? 138 ALA A HB3  1 
ATOM   893  N N    . PRO A 1 59 ? 0.006   -11.094 -3.244  1.00 5.53  ? 139 PRO A N    1 
ATOM   894  C CA   . PRO A 1 59 ? 0.683   -12.013 -2.330  1.00 5.88  ? 139 PRO A CA   1 
ATOM   895  C C    . PRO A 1 59 ? 1.988   -12.511 -2.893  1.00 5.57  ? 139 PRO A C    1 
ATOM   896  O O    . PRO A 1 59 ? 2.069   -12.873 -4.068  1.00 6.62  ? 139 PRO A O    1 
ATOM   897  C CB   . PRO A 1 59 ? -0.333  -13.154 -2.182  1.00 8.11  ? 139 PRO A CB   1 
ATOM   898  C CG   . PRO A 1 59 ? -1.632  -12.474 -2.347  1.00 9.25  ? 139 PRO A CG   1 
ATOM   899  C CD   . PRO A 1 59 ? -1.403  -11.481 -3.448  1.00 7.20  ? 139 PRO A CD   1 
ATOM   900  H HA   . PRO A 1 59 ? 0.833   -11.594 -1.467  1.00 7.06  ? 139 PRO A HA   1 
ATOM   901  H HB2  . PRO A 1 59 ? -0.195  -13.814 -2.880  1.00 9.74  ? 139 PRO A HB2  1 
ATOM   902  H HB3  . PRO A 1 59 ? -0.259  -13.554 -1.303  1.00 9.74  ? 139 PRO A HB3  1 
ATOM   903  H HG2  . PRO A 1 59 ? -2.310  -13.119 -2.600  1.00 11.10 ? 139 PRO A HG2  1 
ATOM   904  H HG3  . PRO A 1 59 ? -1.874  -12.025 -1.521  1.00 11.10 ? 139 PRO A HG3  1 
ATOM   905  H HD2  . PRO A 1 59 ? -1.519  -11.900 -4.315  1.00 8.63  ? 139 PRO A HD2  1 
ATOM   906  H HD3  . PRO A 1 59 ? -1.985  -10.713 -3.340  1.00 8.63  ? 139 PRO A HD3  1 
ATOM   907  N N    . SER A 1 60 ? 2.994   -12.561 -2.033  1.00 5.66  ? 140 SER A N    1 
ATOM   908  C CA   . SER A 1 60 ? 4.303   -13.052 -2.387  1.00 6.64  ? 140 SER A CA   1 
ATOM   909  C C    . SER A 1 60 ? 4.580   -14.330 -1.612  1.00 7.14  ? 140 SER A C    1 
ATOM   910  O O    . SER A 1 60 ? 3.650   -14.977 -1.112  1.00 8.75  ? 140 SER A O    1 
ATOM   911  C CB   . SER A 1 60 ? 5.345   -11.995 -2.098  1.00 7.88  ? 140 SER A CB   1 
ATOM   912  O OG   . SER A 1 60 ? 6.558   -12.341 -2.724  1.00 9.19  ? 140 SER A OG   1 
ATOM   913  H H    . SER A 1 60 ? 2.935   -12.306 -1.214  1.00 6.79  ? 140 SER A H    1 
ATOM   914  H HA   . SER A 1 60 ? 4.326   -13.255 -3.335  1.00 7.97  ? 140 SER A HA   1 
ATOM   915  H HB2  . SER A 1 60 ? 5.039   -11.142 -2.443  1.00 9.46  ? 140 SER A HB2  1 
ATOM   916  H HB3  . SER A 1 60 ? 5.485   -11.939 -1.139  1.00 9.46  ? 140 SER A HB3  1 
ATOM   917  H HG   . SER A 1 60 ? 7.140   -11.757 -2.566  1.00 11.03 ? 140 SER A HG   1 
ATOM   918  N N    . ASP A 1 61 ? 5.836   -14.735 -1.575  1.00 8.95  ? 141 ASP A N    1 
ATOM   919  C CA   . ASP A 1 61 ? 6.219   -15.968 -0.903  1.00 11.82 ? 141 ASP A CA   1 
ATOM   920  C C    . ASP A 1 61 ? 6.394   -15.812 0.606   1.00 16.44 ? 141 ASP A C    1 
ATOM   921  O O    . ASP A 1 61 ? 6.937   -16.726 1.235   1.00 19.86 ? 141 ASP A O    1 
ATOM   922  C CB   . ASP A 1 61 ? 7.488   -16.544 -1.534  1.00 12.03 ? 141 ASP A CB   1 
ATOM   923  C CG   . ASP A 1 61 ? 8.680   -15.627 -1.419  1.00 12.74 ? 141 ASP A CG   1 
ATOM   924  O OD1  . ASP A 1 61 ? 8.570   -14.592 -0.739  1.00 14.07 ? 141 ASP A OD1  1 
ATOM   925  O OD2  . ASP A 1 61 ? 9.727   -15.959 -2.016  1.00 13.55 ? 141 ASP A OD2  1 
ATOM   926  O OXT  . ASP A 1 61 ? 6.026   -14.798 1.218   1.00 17.52 ? 141 ASP A OXT  1 
ATOM   927  H H    . ASP A 1 61 ? 6.494   -14.312 -1.934  1.00 10.74 ? 141 ASP A H    1 
ATOM   928  H HA   . ASP A 1 61 ? 5.511   -16.617 -1.041  1.00 14.19 ? 141 ASP A HA   1 
ATOM   929  H HB2  . ASP A 1 61 ? 7.710   -17.378 -1.089  1.00 14.44 ? 141 ASP A HB2  1 
ATOM   930  H HB3  . ASP A 1 61 ? 7.326   -16.706 -2.477  1.00 14.44 ? 141 ASP A HB3  1 
HETATM 931  C C    . ACE B 2 1  ? -1.551  1.122   -16.541 1.00 11.34 ? 0   ACE B C    1 
HETATM 932  O O    . ACE B 2 1  ? -2.020  0.006   -16.381 1.00 13.51 ? 0   ACE B O    1 
HETATM 933  C CH3  . ACE B 2 1  ? -1.285  1.697   -17.908 1.00 12.34 ? 0   ACE B CH3  1 
ATOM   934  N N    . ALA B 2 2  ? -1.247  1.874   -15.491 1.00 8.69  ? 1   ALA B N    1 
ATOM   935  C CA   . ALA B 2 2  ? -1.429  1.353   -14.143 1.00 7.92  ? 1   ALA B CA   1 
ATOM   936  C C    . ALA B 2 2  ? -2.913  1.305   -13.796 1.00 8.43  ? 1   ALA B C    1 
ATOM   937  O O    . ALA B 2 2  ? -3.710  2.040   -14.373 1.00 9.31  ? 1   ALA B O    1 
ATOM   938  C CB   . ALA B 2 2  ? -0.705  2.230   -13.166 1.00 8.71  ? 1   ALA B CB   1 
ATOM   939  H H    . ALA B 2 2  ? -0.776  2.591   -15.528 1.00 10.43 ? 1   ALA B H    1 
ATOM   940  H HA   . ALA B 2 2  ? -1.066  0.455   -14.087 1.00 9.51  ? 1   ALA B HA   1 
ATOM   941  H HB1  . ALA B 2 2  ? -0.831  1.876   -12.272 1.00 10.45 ? 1   ALA B HB1  1 
ATOM   942  H HB2  . ALA B 2 2  ? 0.238   2.239   -13.389 1.00 10.45 ? 1   ALA B HB2  1 
ATOM   943  H HB3  . ALA B 2 2  ? -1.067  3.128   -13.221 1.00 10.45 ? 1   ALA B HB3  1 
ATOM   944  N N    . PRO B 2 3  ? -3.291  0.478   -12.817 1.00 10.61 ? 2   PRO B N    1 
ATOM   945  C CA   . PRO B 2 3  ? -4.697  0.362   -12.432 1.00 10.93 ? 2   PRO B CA   1 
ATOM   946  C C    . PRO B 2 3  ? -5.288  1.658   -11.892 1.00 8.70  ? 2   PRO B C    1 
ATOM   947  O O    . PRO B 2 3  ? -4.587  2.442   -11.267 1.00 8.52  ? 2   PRO B O    1 
ATOM   948  C CB   . PRO B 2 3  ? -4.672  -0.696  -11.311 1.00 13.29 ? 2   PRO B CB   1 
ATOM   949  C CG   . PRO B 2 3  ? -3.384  -1.411  -11.441 1.00 13.82 ? 2   PRO B CG   1 
ATOM   950  C CD   . PRO B 2 3  ? -2.427  -0.401  -12.012 1.00 11.19 ? 2   PRO B CD   1 
ATOM   951  H HA   . PRO B 2 3  ? -5.231  0.040   -13.175 1.00 13.12 ? 2   PRO B HA   1 
ATOM   952  H HB2  . PRO B 2 3  ? -4.728  -0.253  -10.449 1.00 15.94 ? 2   PRO B HB2  1 
ATOM   953  H HB3  . PRO B 2 3  ? -5.414  -1.308  -11.428 1.00 15.94 ? 2   PRO B HB3  1 
ATOM   954  H HG2  . PRO B 2 3  ? -3.087  -1.710  -10.568 1.00 16.59 ? 2   PRO B HG2  1 
ATOM   955  H HG3  . PRO B 2 3  ? -3.489  -2.163  -12.045 1.00 16.59 ? 2   PRO B HG3  1 
ATOM   956  H HD2  . PRO B 2 3  ? -2.003  0.103   -11.298 1.00 13.42 ? 2   PRO B HD2  1 
ATOM   957  H HD3  . PRO B 2 3  ? -1.770  -0.839  -12.576 1.00 13.42 ? 2   PRO B HD3  1 
ATOM   958  N N    . PRO B 2 4  ? -6.595  1.861   -12.075 1.00 9.70  ? 3   PRO B N    1 
ATOM   959  C CA   . PRO B 2 4  ? -7.233  3.003   -11.425 1.00 9.34  ? 3   PRO B CA   1 
ATOM   960  C C    . PRO B 2 4  ? -7.061  2.904   -9.907  1.00 7.88  ? 3   PRO B C    1 
ATOM   961  O O    . PRO B 2 4  ? -7.196  1.824   -9.331  1.00 9.43  ? 3   PRO B O    1 
ATOM   962  C CB   . PRO B 2 4  ? -8.716  2.855   -11.803 1.00 13.01 ? 3   PRO B CB   1 
ATOM   963  C CG   . PRO B 2 4  ? -8.779  1.843   -12.864 1.00 18.70 ? 3   PRO B CG   1 
ATOM   964  C CD   . PRO B 2 4  ? -7.551  1.008   -12.796 1.00 14.11 ? 3   PRO B CD   1 
ATOM   965  H HA   . PRO B 2 4  ? -6.880  3.844   -11.755 1.00 11.20 ? 3   PRO B HA   1 
ATOM   966  H HB2  . PRO B 2 4  ? -9.220  2.565   -11.027 1.00 15.61 ? 3   PRO B HB2  1 
ATOM   967  H HB3  . PRO B 2 4  ? -9.053  3.706   -12.126 1.00 15.61 ? 3   PRO B HB3  1 
ATOM   968  H HG2  . PRO B 2 4  ? -9.564  1.291   -12.729 1.00 22.44 ? 3   PRO B HG2  1 
ATOM   969  H HG3  . PRO B 2 4  ? -8.830  2.288   -13.724 1.00 22.44 ? 3   PRO B HG3  1 
ATOM   970  H HD2  . PRO B 2 4  ? -7.723  0.196   -12.296 1.00 16.94 ? 3   PRO B HD2  1 
ATOM   971  H HD3  . PRO B 2 4  ? -7.224  0.814   -13.688 1.00 16.94 ? 3   PRO B HD3  1 
ATOM   972  N N    . LEU B 2 5  ? -6.801  4.027   -9.256  1.00 7.64  ? 4   LEU B N    1 
ATOM   973  C CA   . LEU B 2 5  ? -6.713  4.026   -7.811  1.00 7.83  ? 4   LEU B CA   1 
ATOM   974  C C    . LEU B 2 5  ? -8.104  3.928   -7.223  1.00 8.08  ? 4   LEU B C    1 
ATOM   975  O O    . LEU B 2 5  ? -9.034  4.530   -7.725  1.00 10.43 ? 4   LEU B O    1 
ATOM   976  C CB   . LEU B 2 5  ? -6.022  5.286   -7.294  1.00 8.00  ? 4   LEU B CB   1 
ATOM   977  C CG   . LEU B 2 5  ? -4.536  5.357   -7.625  1.00 8.40  ? 4   LEU B CG   1 
ATOM   978  C CD1  . LEU B 2 5  ? -4.016  6.744   -7.362  1.00 11.84 ? 4   LEU B CD1  1 
ATOM   979  C CD2  . LEU B 2 5  ? -3.746  4.313   -6.841  1.00 9.32  ? 4   LEU B CD2  1 
ATOM   980  H H    . LEU B 2 5  ? -6.674  4.794   -9.626  1.00 9.16  ? 4   LEU B H    1 
ATOM   981  H HA   . LEU B 2 5  ? -6.201  3.254   -7.519  1.00 9.39  ? 4   LEU B HA   1 
ATOM   982  H HB2  . LEU B 2 5  ? -6.450  6.061   -7.690  1.00 9.60  ? 4   LEU B HB2  1 
ATOM   983  H HB3  . LEU B 2 5  ? -6.112  5.318   -6.330  1.00 9.60  ? 4   LEU B HB3  1 
ATOM   984  H HG   . LEU B 2 5  ? -4.418  5.171   -8.569  1.00 10.08 ? 4   LEU B HG   1 
ATOM   985  H HD11 . LEU B 2 5  ? -3.071  6.772   -7.577  1.00 14.21 ? 4   LEU B HD11 1 
ATOM   986  H HD12 . LEU B 2 5  ? -4.502  7.373   -7.918  1.00 14.21 ? 4   LEU B HD12 1 
ATOM   987  H HD13 . LEU B 2 5  ? -4.149  6.957   -6.426  1.00 14.21 ? 4   LEU B HD13 1 
ATOM   988  H HD21 . LEU B 2 5  ? -2.808  4.387   -7.075  1.00 11.18 ? 4   LEU B HD21 1 
ATOM   989  H HD22 . LEU B 2 5  ? -3.865  4.475   -5.892  1.00 11.18 ? 4   LEU B HD22 1 
ATOM   990  H HD23 . LEU B 2 5  ? -4.077  3.430   -7.070  1.00 11.18 ? 4   LEU B HD23 1 
ATOM   991  N N    . PRO B 2 6  ? -8.268  3.161   -6.149  1.00 8.16  ? 5   PRO B N    1 
ATOM   992  C CA   . PRO B 2 6  ? -9.590  3.079   -5.519  1.00 8.62  ? 5   PRO B CA   1 
ATOM   993  C C    . PRO B 2 6  ? -9.929  4.339   -4.726  1.00 8.13  ? 5   PRO B C    1 
ATOM   994  O O    . PRO B 2 6  ? -9.028  5.034   -4.272  1.00 7.09  ? 5   PRO B O    1 
ATOM   995  C CB   . PRO B 2 6  ? -9.443  1.889   -4.567  1.00 11.42 ? 5   PRO B CB   1 
ATOM   996  C CG   . PRO B 2 6  ? -8.009  1.736   -4.324  1.00 10.01 ? 5   PRO B CG   1 
ATOM   997  C CD   . PRO B 2 6  ? -7.268  2.311   -5.492  1.00 7.49  ? 5   PRO B CD   1 
ATOM   998  H HA   . PRO B 2 6  ? -10.281 2.898   -6.175  1.00 10.34 ? 5   PRO B HA   1 
ATOM   999  H HB2  . PRO B 2 6  ? -9.910  2.079   -3.738  1.00 13.71 ? 5   PRO B HB2  1 
ATOM   1000 H HB3  . PRO B 2 6  ? -9.804  1.093   -4.986  1.00 13.71 ? 5   PRO B HB3  1 
ATOM   1001 H HG2  . PRO B 2 6  ? -7.772  2.211   -3.513  1.00 12.01 ? 5   PRO B HG2  1 
ATOM   1002 H HG3  . PRO B 2 6  ? -7.802  0.793   -4.231  1.00 12.01 ? 5   PRO B HG3  1 
ATOM   1003 H HD2  . PRO B 2 6  ? -6.519  2.847   -5.187  1.00 8.99  ? 5   PRO B HD2  1 
ATOM   1004 H HD3  . PRO B 2 6  ? -6.979  1.604   -6.091  1.00 8.99  ? 5   PRO B HD3  1 
ATOM   1005 N N    . PRO B 2 7  ? -11.224 4.604   -4.502  1.00 9.90  ? 6   PRO B N    1 
ATOM   1006 C CA   . PRO B 2 7  ? -11.567 5.713   -3.612  1.00 9.49  ? 6   PRO B CA   1 
ATOM   1007 C C    . PRO B 2 7  ? -10.963 5.494   -2.244  1.00 8.07  ? 6   PRO B C    1 
ATOM   1008 O O    . PRO B 2 7  ? -10.734 4.362   -1.818  1.00 7.77  ? 6   PRO B O    1 
ATOM   1009 C CB   . PRO B 2 7  ? -13.102 5.668   -3.546  1.00 10.92 ? 6   PRO B CB   1 
ATOM   1010 C CG   . PRO B 2 7  ? -13.518 4.994   -4.766  1.00 13.81 ? 6   PRO B CG   1 
ATOM   1011 C CD   . PRO B 2 7  ? -12.424 3.971   -5.060  1.00 12.23 ? 6   PRO B CD   1 
ATOM   1012 H HA   . PRO B 2 7  ? -11.272 6.561   -3.980  1.00 11.39 ? 6   PRO B HA   1 
ATOM   1013 H HB2  . PRO B 2 7  ? -13.381 5.164   -2.766  1.00 13.10 ? 6   PRO B HB2  1 
ATOM   1014 H HB3  . PRO B 2 7  ? -13.455 6.571   -3.516  1.00 13.10 ? 6   PRO B HB3  1 
ATOM   1015 H HG2  . PRO B 2 7  ? -14.369 4.552   -4.621  1.00 16.57 ? 6   PRO B HG2  1 
ATOM   1016 H HG3  . PRO B 2 7  ? -13.586 5.640   -5.487  1.00 16.57 ? 6   PRO B HG3  1 
ATOM   1017 H HD2  . PRO B 2 7  ? -12.610 3.136   -4.607  1.00 14.68 ? 6   PRO B HD2  1 
ATOM   1018 H HD3  . PRO B 2 7  ? -12.327 3.845   -6.018  1.00 14.68 ? 6   PRO B HD3  1 
ATOM   1019 N N    . ARG B 2 8  ? -10.712 6.582   -1.544  1.00 8.72  ? 7   ARG B N    1 
ATOM   1020 C CA   . ARG B 2 8  ? -10.184 6.506   -0.196  1.00 6.64  ? 7   ARG B CA   1 
ATOM   1021 C C    . ARG B 2 8  ? -11.170 5.794   0.716   1.00 8.18  ? 7   ARG B C    1 
ATOM   1022 O O    . ARG B 2 8  ? -12.386 5.818   0.501   1.00 8.84  ? 7   ARG B O    1 
ATOM   1023 C CB   . ARG B 2 8  ? -9.899  7.908   0.329   1.00 9.40  ? 7   ARG B CB   1 
ATOM   1024 C CG   . ARG B 2 8  ? -8.791  8.623   -0.422  1.00 10.04 ? 7   ARG B CG   1 
ATOM   1025 C CD   . ARG B 2 8  ? -7.461  7.985   -0.094  1.00 11.26 ? 7   ARG B CD   1 
ATOM   1026 N NE   . ARG B 2 8  ? -6.383  8.491   -0.933  1.00 11.62 ? 7   ARG B NE   1 
ATOM   1027 C CZ   . ARG B 2 8  ? -5.101  8.292   -0.679  1.00 9.44  ? 7   ARG B CZ   1 
ATOM   1028 N NH1  . ARG B 2 8  ? -4.738  7.673   0.423   1.00 9.09  ? 7   ARG B NH1  1 
ATOM   1029 N NH2  . ARG B 2 8  ? -4.179  8.751   -1.504  1.00 10.88 ? 7   ARG B NH2  1 
ATOM   1030 H H    . ARG B 2 8  ? -10.838 7.384   -1.827  1.00 10.46 ? 7   ARG B H    1 
ATOM   1031 H HA   . ARG B 2 8  ? -9.353  6.005   -0.203  1.00 7.97  ? 7   ARG B HA   1 
ATOM   1032 H HB2  . ARG B 2 8  ? -10.705 8.443   0.248   1.00 11.28 ? 7   ARG B HB2  1 
ATOM   1033 H HB3  . ARG B 2 8  ? -9.636  7.847   1.261   1.00 11.28 ? 7   ARG B HB3  1 
ATOM   1034 H HG2  . ARG B 2 8  ? -8.943  8.549   -1.377  1.00 12.05 ? 7   ARG B HG2  1 
ATOM   1035 H HG3  . ARG B 2 8  ? -8.762  9.554   -0.152  1.00 12.05 ? 7   ARG B HG3  1 
ATOM   1036 H HD2  . ARG B 2 8  ? -7.236  8.174   0.831   1.00 13.51 ? 7   ARG B HD2  1 
ATOM   1037 H HD3  . ARG B 2 8  ? -7.525  7.027   -0.232  1.00 13.51 ? 7   ARG B HD3  1 
ATOM   1038 H HE   . ARG B 2 8  ? -6.593  8.845   -1.688  1.00 13.95 ? 7   ARG B HE   1 
ATOM   1039 H HH11 . ARG B 2 8  ? -5.336  7.367   0.959   1.00 10.91 ? 7   ARG B HH11 1 
ATOM   1040 H HH12 . ARG B 2 8  ? -3.904  7.554   0.595   1.00 10.91 ? 7   ARG B HH12 1 
ATOM   1041 H HH21 . ARG B 2 8  ? -4.411  9.171   -2.217  1.00 13.06 ? 7   ARG B HH21 1 
ATOM   1042 H HH22 . ARG B 2 8  ? -3.346  8.642   -1.320  1.00 13.06 ? 7   ARG B HH22 1 
ATOM   1043 N N    . ASN B 2 9  ? -10.631 5.129   1.725   1.00 6.39  ? 8   ASN B N    1 
ATOM   1044 C CA   . ASN B 2 9  ? -11.428 4.425   2.697   1.00 6.49  ? 8   ASN B CA   1 
ATOM   1045 C C    . ASN B 2 9  ? -12.389 5.384   3.390   1.00 6.45  ? 8   ASN B C    1 
ATOM   1046 O O    . ASN B 2 9  ? -12.115 6.570   3.518   1.00 7.10  ? 8   ASN B O    1 
ATOM   1047 C CB   . ASN B 2 9  ? -10.523 3.837   3.770   1.00 6.10  ? 8   ASN B CB   1 
ATOM   1048 C CG   . ASN B 2 9  ? -9.619  2.748   3.263   1.00 5.65  ? 8   ASN B CG   1 
ATOM   1049 O OD1  . ASN B 2 9  ? -9.764  2.242   2.143   1.00 6.02  ? 8   ASN B OD1  1 
ATOM   1050 N ND2  . ASN B 2 9  ? -8.675  2.368   4.104   1.00 5.52  ? 8   ASN B ND2  1 
ATOM   1051 H H    . ASN B 2 9  ? -9.784  5.071   1.865   1.00 7.67  ? 8   ASN B H    1 
ATOM   1052 H HA   . ASN B 2 9  ? -11.932 3.713   2.273   1.00 7.79  ? 8   ASN B HA   1 
ATOM   1053 H HB2  . ASN B 2 9  ? -9.964  4.544   4.130   1.00 7.32  ? 8   ASN B HB2  1 
ATOM   1054 H HB3  . ASN B 2 9  ? -11.074 3.462   4.475   1.00 7.32  ? 8   ASN B HB3  1 
ATOM   1055 H HD21 . ASN B 2 9  ? -8.121  1.749   3.880   1.00 6.63  ? 8   ASN B HD21 1 
ATOM   1056 H HD22 . ASN B 2 9  ? -8.613  2.740   4.877   1.00 6.63  ? 8   ASN B HD22 1 
ATOM   1057 N N    . ARG B 2 10 ? -13.487 4.841   3.889   1.00 6.07  ? 9   ARG B N    1 
ATOM   1058 C CA   . ARG B 2 10 ? -14.352 5.580   4.791   1.00 6.84  ? 9   ARG B CA   1 
ATOM   1059 C C    . ARG B 2 10 ? -13.536 6.094   5.981   1.00 7.14  ? 9   ARG B C    1 
ATOM   1060 O O    . ARG B 2 10 ? -12.945 5.318   6.716   1.00 6.99  ? 9   ARG B O    1 
ATOM   1061 C CB   . ARG B 2 10 ? -15.477 4.678   5.293   1.00 8.22  ? 9   ARG B CB   1 
ATOM   1062 C CG   . ARG B 2 10 ? -16.374 5.307   6.339   1.00 9.77  ? 9   ARG B CG   1 
ATOM   1063 C CD   . ARG B 2 10 ? -17.539 4.420   6.688   1.00 12.98 ? 9   ARG B CD   1 
ATOM   1064 N NE   . ARG B 2 10 ? -17.154 3.083   7.151   1.00 17.14 ? 9   ARG B NE   1 
ATOM   1065 C CZ   . ARG B 2 10 ? -16.902 2.750   8.414   1.00 21.10 ? 9   ARG B CZ   1 
ATOM   1066 N NH1  . ARG B 2 10 ? -16.948 3.661   9.374   1.00 21.96 ? 9   ARG B NH1  1 
ATOM   1067 N NH2  . ARG B 2 10 ? -16.600 1.488   8.721   1.00 23.33 ? 9   ARG B NH2  1 
ATOM   1068 H H    . ARG B 2 10 ? -13.755 4.041   3.721   1.00 7.28  ? 9   ARG B H    1 
ATOM   1069 H HA   . ARG B 2 10 ? -14.742 6.339   4.328   1.00 8.20  ? 9   ARG B HA   1 
ATOM   1070 H HB2  . ARG B 2 10 ? -16.034 4.429   4.539   1.00 9.86  ? 9   ARG B HB2  1 
ATOM   1071 H HB3  . ARG B 2 10 ? -15.084 3.881   5.684   1.00 9.86  ? 9   ARG B HB3  1 
ATOM   1072 H HG2  . ARG B 2 10 ? -15.860 5.463   7.147   1.00 11.73 ? 9   ARG B HG2  1 
ATOM   1073 H HG3  . ARG B 2 10 ? -16.724 6.144   5.998   1.00 11.73 ? 9   ARG B HG3  1 
ATOM   1074 H HD2  . ARG B 2 10 ? -18.051 4.841   7.396   1.00 15.58 ? 9   ARG B HD2  1 
ATOM   1075 H HD3  . ARG B 2 10 ? -18.094 4.311   5.901   1.00 15.58 ? 9   ARG B HD3  1 
ATOM   1076 H HE   . ARG B 2 10 ? -17.085 2.465   6.557   1.00 20.56 ? 9   ARG B HE   1 
ATOM   1077 H HH11 . ARG B 2 10 ? -17.153 4.475   9.185   1.00 26.35 ? 9   ARG B HH11 1 
ATOM   1078 H HH12 . ARG B 2 10 ? -16.778 3.438   10.187  1.00 26.35 ? 9   ARG B HH12 1 
ATOM   1079 H HH21 . ARG B 2 10 ? -16.558 0.893   8.101   1.00 27.99 ? 9   ARG B HH21 1 
ATOM   1080 H HH22 . ARG B 2 10 ? -16.419 1.274   9.534   1.00 27.99 ? 9   ARG B HH22 1 
ATOM   1081 N N    . PRO B 2 11 ? -13.509 7.417   6.187   1.00 6.84  ? 10  PRO B N    1 
ATOM   1082 C CA   . PRO B 2 11 ? -12.869 7.953   7.379   1.00 7.54  ? 10  PRO B CA   1 
ATOM   1083 C C    . PRO B 2 11 ? -13.647 7.555   8.616   1.00 8.22  ? 10  PRO B C    1 
ATOM   1084 O O    . PRO B 2 11 ? -14.865 7.490   8.575   1.00 9.83  ? 10  PRO B O    1 
ATOM   1085 C CB   . PRO B 2 11 ? -12.921 9.467   7.146   1.00 9.84  ? 10  PRO B CB   1 
ATOM   1086 C CG   . PRO B 2 11 ? -12.987 9.598   5.645   1.00 9.62  ? 10  PRO B CG   1 
ATOM   1087 C CD   . PRO B 2 11 ? -13.884 8.486   5.239   1.00 7.39  ? 10  PRO B CD   1 
ATOM   1088 H HA   . PRO B 2 11 ? -11.949 7.655   7.450   1.00 9.04  ? 10  PRO B HA   1 
ATOM   1089 H HB2  . PRO B 2 11 ? -13.713 9.839   7.563   1.00 11.81 ? 10  PRO B HB2  1 
ATOM   1090 H HB3  . PRO B 2 11 ? -12.116 9.882   7.496   1.00 11.81 ? 10  PRO B HB3  1 
ATOM   1091 H HG2  . PRO B 2 11 ? -13.368 10.457  5.404   1.00 11.55 ? 10  PRO B HG2  1 
ATOM   1092 H HG3  . PRO B 2 11 ? -12.103 9.489   5.263   1.00 11.55 ? 10  PRO B HG3  1 
ATOM   1093 H HD2  . PRO B 2 11 ? -14.813 8.737   5.358   1.00 8.87  ? 10  PRO B HD2  1 
ATOM   1094 H HD3  . PRO B 2 11 ? -13.699 8.215   4.327   1.00 8.87  ? 10  PRO B HD3  1 
ATOM   1095 N N    . ARG B 2 12 ? -12.932 7.288   9.695   1.00 8.22  ? 11  ARG B N    1 
ATOM   1096 C CA   . ARG B 2 12 ? -13.537 6.904   10.953  1.00 9.53  ? 11  ARG B CA   1 
ATOM   1097 C C    . ARG B 2 12 ? -13.714 8.138   11.814  1.00 9.75  ? 11  ARG B C    1 
ATOM   1098 O O    . ARG B 2 12 ? -12.887 9.046   11.788  1.00 10.32 ? 11  ARG B O    1 
ATOM   1099 C CB   . ARG B 2 12 ? -12.638 5.896   11.653  1.00 11.26 ? 11  ARG B CB   1 
ATOM   1100 C CG   . ARG B 2 12 ? -12.379 4.619   10.865  1.00 15.86 ? 11  ARG B CG   1 
ATOM   1101 C CD   . ARG B 2 12 ? -13.641 3.897   10.454  1.00 17.71 ? 11  ARG B CD   1 
ATOM   1102 N NE   . ARG B 2 12 ? -13.356 2.615   9.798   1.00 18.92 ? 11  ARG B NE   1 
ATOM   1103 C CZ   . ARG B 2 12 ? -13.124 1.470   10.435  1.00 22.55 ? 11  ARG B CZ   1 
ATOM   1104 N NH1  . ARG B 2 12 ? -13.129 1.418   11.770  1.00 23.04 ? 11  ARG B NH1  1 
ATOM   1105 N NH2  . ARG B 2 12 ? -12.885 0.370   9.720   1.00 25.01 ? 11  ARG B NH2  1 
ATOM   1106 H H    . ARG B 2 12 ? -12.074 7.324   9.723   1.00 9.86  ? 11  ARG B H    1 
ATOM   1107 H HA   . ARG B 2 12 ? -14.404 6.499   10.796  1.00 11.43 ? 11  ARG B HA   1 
ATOM   1108 H HB2  . ARG B 2 12 ? -11.780 6.314   11.825  1.00 13.51 ? 11  ARG B HB2  1 
ATOM   1109 H HB3  . ARG B 2 12 ? -13.052 5.643   12.493  1.00 13.51 ? 11  ARG B HB3  1 
ATOM   1110 H HG2  . ARG B 2 12 ? -11.888 4.842   10.059  1.00 19.03 ? 11  ARG B HG2  1 
ATOM   1111 H HG3  . ARG B 2 12 ? -11.855 4.014   11.413  1.00 19.03 ? 11  ARG B HG3  1 
ATOM   1112 H HD2  . ARG B 2 12 ? -14.178 3.721   11.243  1.00 21.25 ? 11  ARG B HD2  1 
ATOM   1113 H HD3  . ARG B 2 12 ? -14.136 4.451   9.831   1.00 21.25 ? 11  ARG B HD3  1 
ATOM   1114 H HE   . ARG B 2 12 ? -13.339 2.604   8.938   1.00 22.71 ? 11  ARG B HE   1 
ATOM   1115 H HH11 . ARG B 2 12 ? -13.285 2.129   12.228  1.00 27.64 ? 11  ARG B HH11 1 
ATOM   1116 H HH12 . ARG B 2 12 ? -12.976 0.672   12.172  1.00 27.64 ? 11  ARG B HH12 1 
ATOM   1117 H HH21 . ARG B 2 12 ? -12.881 0.407   8.862   1.00 30.01 ? 11  ARG B HH21 1 
ATOM   1118 H HH22 . ARG B 2 12 ? -12.730 -0.376  10.119  1.00 30.01 ? 11  ARG B HH22 1 
ATOM   1119 N N    . LEU B 2 13 ? -14.798 8.160   12.580  1.00 9.46  ? 12  LEU B N    1 
ATOM   1120 C CA   . LEU B 2 13 ? -15.126 9.298   13.414  1.00 10.00 ? 12  LEU B CA   1 
ATOM   1121 C C    . LEU B 2 13 ? -14.911 8.969   14.869  1.00 12.88 ? 12  LEU B C    1 
ATOM   1122 O O    . LEU B 2 13 ? -14.609 9.875   15.641  1.00 15.24 ? 12  LEU B O    1 
ATOM   1123 C CB   . LEU B 2 13 ? -16.589 9.698   13.218  1.00 12.67 ? 12  LEU B CB   1 
ATOM   1124 C CG   . LEU B 2 13 ? -16.903 10.137  11.780  1.00 14.76 ? 12  LEU B CG   1 
ATOM   1125 C CD1  . LEU B 2 13 ? -18.339 10.561  11.647  1.00 17.07 ? 12  LEU B CD1  1 
ATOM   1126 C CD2  . LEU B 2 13 ? -15.987 11.278  11.335  1.00 17.35 ? 12  LEU B CD2  1 
ATOM   1127 O OXT  . LEU B 2 13 ? -15.089 7.814   15.278  1.00 16.53 ? 12  LEU B OXT  1 
ATOM   1128 H H    . LEU B 2 13 ? -15.365 7.516   12.631  1.00 11.35 ? 12  LEU B H    1 
ATOM   1129 H HA   . LEU B 2 13 ? -14.562 10.051  13.177  1.00 12.00 ? 12  LEU B HA   1 
ATOM   1130 H HB2  . LEU B 2 13 ? -17.155 8.938   13.428  1.00 15.21 ? 12  LEU B HB2  1 
ATOM   1131 H HB3  . LEU B 2 13 ? -16.796 10.439  13.809  1.00 15.21 ? 12  LEU B HB3  1 
ATOM   1132 H HG   . LEU B 2 13 ? -16.758 9.386   11.184  1.00 17.72 ? 12  LEU B HG   1 
ATOM   1133 H HD11 . LEU B 2 13 ? -18.503 10.832  10.730  1.00 20.48 ? 12  LEU B HD11 1 
ATOM   1134 H HD12 . LEU B 2 13 ? -18.911 9.814   11.880  1.00 20.48 ? 12  LEU B HD12 1 
ATOM   1135 H HD13 . LEU B 2 13 ? -18.505 11.305  12.247  1.00 20.48 ? 12  LEU B HD13 1 
ATOM   1136 H HD21 . LEU B 2 13 ? -16.214 11.527  10.425  1.00 20.82 ? 12  LEU B HD21 1 
ATOM   1137 H HD22 . LEU B 2 13 ? -16.115 12.035  11.927  1.00 20.82 ? 12  LEU B HD22 1 
ATOM   1138 H HD23 . LEU B 2 13 ? -15.066 10.977  11.375  1.00 20.82 ? 12  LEU B HD23 1 
HETATM 1139 S S    . SO4 C 3 .  ? 6.876   10.608  -0.710  1.00 19.82 ? 201 SO4 A S    1 
HETATM 1140 O O1   . SO4 C 3 .  ? 8.147   11.130  -0.260  1.00 23.53 ? 201 SO4 A O1   1 
HETATM 1141 O O2   . SO4 C 3 .  ? 6.241   9.846   0.357   1.00 20.03 ? 201 SO4 A O2   1 
HETATM 1142 O O3   . SO4 C 3 .  ? 6.033   11.763  -1.078  1.00 22.51 ? 201 SO4 A O3   1 
HETATM 1143 O O4   . SO4 C 3 .  ? 7.041   9.782   -1.895  1.00 19.61 ? 201 SO4 A O4   1 
HETATM 1144 O O    . HOH D 4 .  ? -7.373  -1.395  5.541   1.00 5.99  ? 301 HOH A O    1 
HETATM 1145 O O    . HOH D 4 .  ? 7.081   5.346   8.344   1.00 8.18  ? 302 HOH A O    1 
HETATM 1146 O O    . HOH D 4 .  ? 4.682   1.767   -12.053 1.00 7.05  ? 303 HOH A O    1 
HETATM 1147 O O    . HOH D 4 .  ? -2.552  4.582   10.543  1.00 9.88  ? 304 HOH A O    1 
HETATM 1148 O O    . HOH D 4 .  ? -8.381  3.875   6.560   1.00 7.57  ? 305 HOH A O    1 
HETATM 1149 O O    . HOH D 4 .  ? 5.181   -3.906  11.415  1.00 9.10  ? 306 HOH A O    1 
HETATM 1150 O O    . HOH D 4 .  ? 8.843   2.254   0.646   1.00 10.71 ? 307 HOH A O    1 
HETATM 1151 O O    . HOH D 4 .  ? -13.932 2.023   3.403   1.00 10.02 ? 308 HOH A O    1 
HETATM 1152 O O    . HOH D 4 .  ? -9.529  -8.251  3.889   1.00 8.40  ? 309 HOH A O    1 
HETATM 1153 O O    . HOH D 4 .  ? -8.662  -2.280  -4.314  1.00 9.75  ? 310 HOH A O    1 
HETATM 1154 O O    . HOH D 4 .  ? -3.009  7.925   3.760   1.00 9.76  ? 311 HOH A O    1 
HETATM 1155 O O    . HOH D 4 .  ? 6.623   7.072   1.404   1.00 12.40 ? 312 HOH A O    1 
HETATM 1156 O O    . HOH D 4 .  ? -4.822  -2.353  13.039  1.00 11.51 ? 313 HOH A O    1 
HETATM 1157 O O    . HOH D 4 .  ? 4.073   9.780   2.072   1.00 12.69 ? 314 HOH A O    1 
HETATM 1158 O O    . HOH D 4 .  ? -0.299  4.454   -11.142 1.00 10.75 ? 315 HOH A O    1 
HETATM 1159 O O    . HOH D 4 .  ? 6.540   7.448   4.112   1.00 10.95 ? 316 HOH A O    1 
HETATM 1160 O O    . HOH D 4 .  ? 2.804   -17.465 -0.294  1.00 12.78 ? 317 HOH A O    1 
HETATM 1161 O O    . HOH D 4 .  ? 10.770  2.461   -2.251  1.00 14.72 ? 318 HOH A O    1 
HETATM 1162 O O    . HOH D 4 .  ? -7.192  -3.162  -10.305 1.00 13.36 ? 319 HOH A O    1 
HETATM 1163 O O    . HOH D 4 .  ? -5.328  1.750   10.622  1.00 12.51 ? 320 HOH A O    1 
HETATM 1164 O O    . HOH D 4 .  ? 12.945  -8.885  0.460   1.00 16.27 ? 321 HOH A O    1 
HETATM 1165 O O    . HOH D 4 .  ? 11.136  -13.841 -2.779  1.00 12.77 ? 322 HOH A O    1 
HETATM 1166 O O    . HOH D 4 .  ? 9.411   -11.784 -3.389  1.00 16.14 ? 323 HOH A O    1 
HETATM 1167 O O    . HOH D 4 .  ? -6.139  -6.091  9.286   1.00 16.26 ? 324 HOH A O    1 
HETATM 1168 O O    . HOH D 4 .  ? 5.056   -6.279  -11.736 1.00 16.98 ? 325 HOH A O    1 
HETATM 1169 O O    . HOH D 4 .  ? -12.716 1.399   0.760   1.00 15.08 ? 326 HOH A O    1 
HETATM 1170 O O    . HOH D 4 .  ? 1.743   13.504  -0.565  1.00 25.16 ? 327 HOH A O    1 
HETATM 1171 O O    . HOH D 4 .  ? -9.922  -9.198  7.850   1.00 21.57 ? 328 HOH A O    1 
HETATM 1172 O O    . HOH D 4 .  ? 5.423   -6.359  12.870  1.00 17.65 ? 329 HOH A O    1 
HETATM 1173 O O    . HOH D 4 .  ? 3.937   12.329  0.654   1.00 18.16 ? 330 HOH A O    1 
HETATM 1174 O O    . HOH D 4 .  ? 6.474   -7.099  -9.291  1.00 18.07 ? 331 HOH A O    1 
HETATM 1175 O O    . HOH D 4 .  ? -3.243  9.160   -11.035 1.00 18.01 ? 332 HOH A O    1 
HETATM 1176 O O    . HOH D 4 .  ? 12.215  -3.363  -6.247  1.00 24.52 ? 333 HOH A O    1 
HETATM 1177 O O    . HOH D 4 .  ? 4.543   11.899  -3.621  1.00 21.70 ? 334 HOH A O    1 
HETATM 1178 O O    . HOH D 4 .  ? 11.973  -5.599  -1.726  1.00 28.25 ? 335 HOH A O    1 
HETATM 1179 O O    . HOH D 4 .  ? -2.862  -5.579  -12.063 1.00 21.37 ? 336 HOH A O    1 
HETATM 1180 O O    . HOH D 4 .  ? 13.558  4.731   4.977   1.00 24.80 ? 337 HOH A O    1 
HETATM 1181 O O    . HOH D 4 .  ? -14.018 -0.974  7.363   1.00 21.09 ? 338 HOH A O    1 
HETATM 1182 O O    . HOH D 4 .  ? 13.460  2.515   -2.233  1.00 25.70 ? 339 HOH A O    1 
HETATM 1183 O O    . HOH D 4 .  ? 9.715   9.263   3.121   1.00 29.73 ? 340 HOH A O    1 
HETATM 1184 O O    . HOH D 4 .  ? 16.724  -2.597  3.413   1.00 25.41 ? 341 HOH A O    1 
HETATM 1185 O O    . HOH D 4 .  ? 3.454   13.609  9.347   1.00 26.28 ? 342 HOH A O    1 
HETATM 1186 O O    . HOH D 4 .  ? 8.086   11.387  2.509   1.00 28.44 ? 343 HOH A O    1 
HETATM 1187 O O    . HOH D 4 .  ? 6.183   -13.920 3.283   1.00 27.84 ? 344 HOH A O    1 
HETATM 1188 O O    . HOH D 4 .  ? 2.781   -9.662  9.949   1.00 24.67 ? 345 HOH A O    1 
HETATM 1189 O O    . HOH D 4 .  ? -7.125  -8.668  8.768   1.00 28.03 ? 346 HOH A O    1 
HETATM 1190 O O    . HOH D 4 .  ? 9.204   6.959   0.640   1.00 26.87 ? 347 HOH A O    1 
HETATM 1191 O O    . HOH D 4 .  ? 13.042  -6.451  1.211   1.00 33.41 ? 348 HOH A O    1 
HETATM 1192 O O    . HOH D 4 .  ? 6.698   14.306  -7.645  1.00 28.42 ? 349 HOH A O    1 
HETATM 1193 O O    . HOH D 4 .  ? -2.264  12.096  5.348   1.00 11.61 ? 350 HOH A O    1 
HETATM 1194 O O    . HOH D 4 .  ? 1.147   13.386  8.505   1.00 25.21 ? 351 HOH A O    1 
HETATM 1195 O O    . HOH D 4 .  ? -1.725  13.471  7.845   1.00 23.00 ? 352 HOH A O    1 
HETATM 1196 O O    . HOH D 4 .  ? -7.088  -3.012  -12.863 1.00 36.72 ? 353 HOH A O    1 
HETATM 1197 O O    . HOH D 4 .  ? 3.773   -8.405  -12.589 1.00 32.10 ? 354 HOH A O    1 
HETATM 1198 O O    . HOH D 4 .  ? 12.264  -0.834  -3.057  1.00 30.61 ? 355 HOH A O    1 
HETATM 1199 O O    . HOH D 4 .  ? 10.475  -9.117  -2.951  1.00 24.84 ? 356 HOH A O    1 
HETATM 1200 O O    . HOH D 4 .  ? -9.265  -1.401  11.748  1.00 23.67 ? 357 HOH A O    1 
HETATM 1201 O O    . HOH D 4 .  ? 11.085  -8.462  -5.787  1.00 22.32 ? 358 HOH A O    1 
HETATM 1202 O O    . HOH D 4 .  ? 7.413   -16.323 3.819   1.00 34.61 ? 359 HOH A O    1 
HETATM 1203 O O    . HOH D 4 .  ? -11.374 -1.990  10.979  1.00 33.90 ? 360 HOH A O    1 
HETATM 1204 O O    . HOH D 4 .  ? 1.791   -9.297  4.848   1.00 17.20 ? 361 HOH A O    1 
HETATM 1205 O O    . HOH D 4 .  ? 6.654   -9.281  8.054   1.00 21.39 ? 362 HOH A O    1 
HETATM 1206 O O    . HOH D 4 .  ? -16.503 1.916   3.266   1.00 23.38 ? 363 HOH A O    1 
HETATM 1207 O O    . HOH D 4 .  ? 5.556   -14.190 5.528   1.00 25.69 ? 364 HOH A O    1 
HETATM 1208 O O    . HOH D 4 .  ? 0.903   -8.257  9.715   1.00 37.14 ? 365 HOH A O    1 
HETATM 1209 O O    . HOH D 4 .  ? 16.054  5.531   -4.420  1.00 36.13 ? 366 HOH A O    1 
HETATM 1210 O O    . HOH D 4 .  ? 12.857  -3.668  -3.600  1.00 34.37 ? 367 HOH A O    1 
HETATM 1211 O O    . HOH D 4 .  ? 9.228   -7.487  -9.641  1.00 36.12 ? 368 HOH A O    1 
HETATM 1212 O O    . HOH D 4 .  ? -3.404  14.904  3.567   1.00 30.04 ? 369 HOH A O    1 
HETATM 1213 O O    . HOH D 4 .  ? -4.156  11.417  -8.821  1.00 27.89 ? 370 HOH A O    1 
HETATM 1214 O O    . HOH D 4 .  ? -2.053  14.413  -3.995  1.00 39.24 ? 371 HOH A O    1 
HETATM 1215 O O    . HOH E 4 .  ? -6.377  9.024   -9.013  1.00 38.81 ? 101 HOH B O    1 
HETATM 1216 O O    . HOH E 4 .  ? -6.358  13.260  2.748   1.00 31.42 ? 102 HOH B O    1 
HETATM 1217 O O    . HOH E 4 .  ? -7.656  5.920   4.558   1.00 19.85 ? 103 HOH B O    1 
HETATM 1218 O O    . HOH E 4 .  ? -10.321 5.421   7.913   1.00 9.19  ? 104 HOH B O    1 
HETATM 1219 O O    . HOH E 4 .  ? -12.714 2.573   -1.709  1.00 10.55 ? 105 HOH B O    1 
HETATM 1220 O O    . HOH E 4 .  ? -9.851  7.569   4.692   1.00 13.89 ? 106 HOH B O    1 
HETATM 1221 O O    . HOH E 4 .  ? -12.934 2.547   7.139   1.00 12.50 ? 107 HOH B O    1 
HETATM 1222 O O    . HOH E 4 .  ? -6.378  6.545   -10.782 1.00 17.47 ? 108 HOH B O    1 
HETATM 1223 O O    . HOH E 4 .  ? -17.344 6.660   9.381   1.00 17.86 ? 109 HOH B O    1 
HETATM 1224 O O    . HOH E 4 .  ? -5.793  8.922   -4.099  1.00 20.32 ? 110 HOH B O    1 
HETATM 1225 O O    . HOH E 4 .  ? -16.645 6.004   12.325  1.00 17.93 ? 111 HOH B O    1 
HETATM 1226 O O    . HOH E 4 .  ? -8.132  7.593   -4.852  1.00 19.82 ? 112 HOH B O    1 
HETATM 1227 O O    . HOH E 4 .  ? -9.742  0.609   -8.503  1.00 23.04 ? 113 HOH B O    1 
HETATM 1228 O O    . HOH E 4 .  ? -14.062 2.880   13.818  1.00 31.12 ? 114 HOH B O    1 
HETATM 1229 O O    . HOH E 4 .  ? -13.877 5.592   15.074  1.00 24.88 ? 115 HOH B O    1 
HETATM 1230 O O    . HOH E 4 .  ? -13.760 9.016   -0.939  1.00 21.06 ? 116 HOH B O    1 
HETATM 1231 O O    . HOH E 4 .  ? -10.084 -0.899  -6.387  1.00 11.90 ? 117 HOH B O    1 
HETATM 1232 O O    . HOH E 4 .  ? -9.691  10.283  3.758   1.00 21.91 ? 118 HOH B O    1 
HETATM 1233 O O    . HOH E 4 .  ? -7.179  10.045  2.827   1.00 30.74 ? 119 HOH B O    1 
HETATM 1234 O O    . HOH E 4 .  ? -4.367  3.278   -16.756 1.00 34.86 ? 120 HOH B O    1 
HETATM 1235 O O    . HOH E 4 .  ? -9.827  6.064   -9.809  1.00 34.44 ? 121 HOH B O    1 
HETATM 1236 O O    . HOH E 4 .  ? -7.923  5.632   2.257   1.00 13.21 ? 122 HOH B O    1 
HETATM 1237 O O    . HOH E 4 .  ? -5.796  7.676   3.437   1.00 16.41 ? 123 HOH B O    1 
HETATM 1238 O O    . HOH E 4 .  ? -19.730 9.159   14.941  1.00 32.03 ? 124 HOH B O    1 
HETATM 1239 O O    . HOH E 4 .  ? -8.316  6.811   -12.550 1.00 43.76 ? 125 HOH B O    1 
# 
loop_
_atom_site_anisotrop.id 
_atom_site_anisotrop.type_symbol 
_atom_site_anisotrop.pdbx_label_atom_id 
_atom_site_anisotrop.pdbx_label_alt_id 
_atom_site_anisotrop.pdbx_label_comp_id 
_atom_site_anisotrop.pdbx_label_asym_id 
_atom_site_anisotrop.pdbx_label_seq_id 
_atom_site_anisotrop.pdbx_PDB_ins_code 
_atom_site_anisotrop.U[1][1] 
_atom_site_anisotrop.U[2][2] 
_atom_site_anisotrop.U[3][3] 
_atom_site_anisotrop.U[1][2] 
_atom_site_anisotrop.U[1][3] 
_atom_site_anisotrop.U[2][3] 
_atom_site_anisotrop.pdbx_auth_seq_id 
_atom_site_anisotrop.pdbx_auth_comp_id 
_atom_site_anisotrop.pdbx_auth_asym_id 
_atom_site_anisotrop.pdbx_auth_atom_id 
1    N N   . MET A 4  ? 0.4935 0.2664 0.3743 -0.0937 0.0345  0.0759  84  MET A N   
2    C CA  . MET A 4  ? 0.4047 0.1963 0.3279 -0.0904 -0.0160 0.0562  84  MET A CA  
3    C C   . MET A 4  ? 0.3521 0.2062 0.3295 -0.0683 -0.0062 0.0498  84  MET A C   
4    O O   . MET A 4  ? 0.3844 0.3067 0.3161 -0.0552 0.0027  0.0335  84  MET A O   
5    C CB  . MET A 4  ? 0.3623 0.2198 0.2775 -0.0807 -0.0301 0.0150  84  MET A CB  
6    C CG  . MET A 4  ? 0.2785 0.1981 0.2096 -0.0758 -0.0557 -0.0393 84  MET A CG  
7    S SD  . MET A 4  ? 0.2865 0.2017 0.2526 -0.0230 -0.0134 -0.0269 84  MET A SD  
8    C CE  . MET A 4  ? 0.3007 0.1790 0.3217 -0.0598 -0.0131 -0.0112 84  MET A CE  
17   N N   . THR A 5  ? 0.1600 0.1698 0.2558 -0.0663 -0.0941 0.0560  85  THR A N   
18   C CA  . THR A 5  ? 0.1004 0.1116 0.2087 -0.0310 -0.0682 0.0511  85  THR A CA  
19   C C   . THR A 5  ? 0.0606 0.0788 0.1214 -0.0214 -0.0382 0.0102  85  THR A C   
20   O O   . THR A 5  ? 0.0934 0.0774 0.1094 -0.0191 -0.0115 0.0212  85  THR A O   
21   C CB  . THR A 5  ? 0.1340 0.1343 0.2448 0.0203  -0.0812 0.0328  85  THR A CB  
22   O OG1 . THR A 5  ? 0.1179 0.1466 0.3610 0.0155  -0.0482 0.0503  85  THR A OG1 
23   C CG2 . THR A 5  ? 0.1798 0.2267 0.2338 -0.0318 -0.1168 0.0384  85  THR A CG2 
31   N N   . PHE A 6  ? 0.0883 0.0583 0.0935 -0.0171 -0.0173 0.0222  86  PHE A N   
32   C CA  . PHE A 6  ? 0.0651 0.0486 0.0898 -0.0094 -0.0025 0.0098  86  PHE A CA  
33   C C   . PHE A 6  ? 0.0622 0.0484 0.0879 -0.0112 -0.0053 0.0003  86  PHE A C   
34   O O   . PHE A 6  ? 0.0570 0.0924 0.0942 -0.0260 -0.0118 -0.0040 86  PHE A O   
35   C CB  . PHE A 6  ? 0.0625 0.0520 0.0807 -0.0100 -0.0034 0.0046  86  PHE A CB  
36   C CG  . PHE A 6  ? 0.0702 0.0400 0.0731 -0.0142 0.0054  -0.0037 86  PHE A CG  
37   C CD1 . PHE A 6  ? 0.0617 0.0744 0.0960 -0.0089 0.0122  0.0103  86  PHE A CD1 
38   C CD2 . PHE A 6  ? 0.0598 0.0797 0.0655 -0.0264 0.0052  -0.0079 86  PHE A CD2 
39   C CE1 . PHE A 6  ? 0.0911 0.0812 0.0810 -0.0058 0.0115  0.0280  86  PHE A CE1 
40   C CE2 . PHE A 6  ? 0.0666 0.1027 0.0811 -0.0166 0.0167  0.0053  86  PHE A CE2 
41   C CZ  . PHE A 6  ? 0.0658 0.0834 0.0911 -0.0020 0.0340  0.0082  86  PHE A CZ  
51   N N   . VAL A 7  ? 0.0574 0.0630 0.0804 -0.0081 -0.0052 0.0237  87  VAL A N   
52   C CA  . VAL A 7  ? 0.0606 0.0555 0.0900 -0.0015 -0.0003 0.0184  87  VAL A CA  
53   C C   . VAL A 7  ? 0.0458 0.0471 0.0752 0.0042  -0.0013 0.0119  87  VAL A C   
54   O O   . VAL A 7  ? 0.0545 0.0577 0.0894 0.0068  -0.0160 0.0171  87  VAL A O   
55   C CB  . VAL A 7  ? 0.0719 0.0762 0.1359 0.0286  0.0216  0.0276  87  VAL A CB  
56   C CG1 . VAL A 7  ? 0.1058 0.1158 0.1548 -0.0347 0.0465  -0.0110 87  VAL A CG1 
57   C CG2 . VAL A 7  ? 0.1200 0.0811 0.1780 0.0234  0.0646  0.0133  87  VAL A CG2 
67   N N   . ALA A 8  ? 0.0519 0.0293 0.0881 -0.0042 0.0086  0.0077  88  ALA A N   
68   C CA  . ALA A 8  ? 0.0559 0.0395 0.0744 0.0042  0.0137  -0.0026 88  ALA A CA  
69   C C   . ALA A 8  ? 0.0689 0.0560 0.0810 0.0013  0.0153  -0.0002 88  ALA A C   
70   O O   . ALA A 8  ? 0.0804 0.0813 0.0740 0.0084  0.0238  -0.0102 88  ALA A O   
71   C CB  . ALA A 8  ? 0.0796 0.0301 0.0770 0.0096  0.0180  -0.0035 88  ALA A CB  
77   N N   . LEU A 9  ? 0.0764 0.0612 0.0535 0.0042  0.0142  0.0004  89  LEU A N   
78   C CA  . LEU A 9  ? 0.1087 0.0639 0.0738 -0.0210 0.0106  -0.0102 89  LEU A CA  
79   C C   . LEU A 9  ? 0.0708 0.0640 0.0543 0.0011  0.0029  0.0004  89  LEU A C   
80   O O   . LEU A 9  ? 0.1054 0.0638 0.0629 0.0065  0.0117  -0.0146 89  LEU A O   
81   C CB  . LEU A 9  ? 0.1630 0.1039 0.0791 -0.0554 -0.0053 -0.0008 89  LEU A CB  
82   C CG  . LEU A 9  ? 0.2181 0.1328 0.1095 -0.0939 -0.0186 0.0009  89  LEU A CG  
83   C CD1 . LEU A 9  ? 0.2650 0.2311 0.1687 -0.1406 -0.0241 0.0452  89  LEU A CD1 
84   C CD2 . LEU A 9  ? 0.3298 0.1228 0.1629 -0.0745 0.0726  -0.0084 89  LEU A CD2 
96   N N   . TYR A 10 ? 0.0817 0.0519 0.0506 -0.0090 0.0103  -0.0058 90  TYR A N   
97   C CA  . TYR A 10 ? 0.0751 0.0675 0.0440 -0.0027 0.0091  0.0036  90  TYR A CA  
98   C C   . TYR A 10 ? 0.0957 0.0635 0.0421 -0.0078 0.0114  -0.0014 90  TYR A C   
99   O O   . TYR A 10 ? 0.1239 0.0661 0.0496 -0.0152 0.0131  -0.0098 90  TYR A O   
100  C CB  . TYR A 10 ? 0.1061 0.0756 0.0798 -0.0050 0.0131  0.0316  90  TYR A CB  
101  C CG  . TYR A 10 ? 0.0774 0.0786 0.0804 0.0138  -0.0042 0.0105  90  TYR A CG  
102  C CD1 . TYR A 10 ? 0.0733 0.0995 0.1328 -0.0169 -0.0145 0.0211  90  TYR A CD1 
103  C CD2 . TYR A 10 ? 0.0603 0.1374 0.1071 -0.0093 -0.0019 -0.0068 90  TYR A CD2 
104  C CE1 . TYR A 10 ? 0.0874 0.1353 0.1575 -0.0311 -0.0207 -0.0124 90  TYR A CE1 
105  C CE2 . TYR A 10 ? 0.0821 0.1972 0.0926 0.0133  -0.0211 -0.0193 90  TYR A CE2 
106  C CZ  . TYR A 10 ? 0.1169 0.1416 0.1471 -0.0294 -0.0252 -0.0545 90  TYR A CZ  
107  O OH  . TYR A 10 ? 0.1600 0.1952 0.2013 -0.0539 -0.0369 -0.0773 90  TYR A OH  
117  N N   . ASP A 11 ? 0.0877 0.0645 0.0241 -0.0131 0.0057  -0.0019 91  ASP A N   
118  C CA  . ASP A 11 ? 0.0779 0.0657 0.0435 -0.0069 0.0060  -0.0113 91  ASP A CA  
119  C C   . ASP A 11 ? 0.0744 0.0490 0.0412 -0.0115 -0.0139 0.0024  91  ASP A C   
120  O O   . ASP A 11 ? 0.0752 0.0772 0.0436 -0.0014 -0.0085 0.0052  91  ASP A O   
121  C CB  . ASP A 11 ? 0.0823 0.0704 0.0676 -0.0121 0.0020  0.0165  91  ASP A CB  
122  C CG  . ASP A 11 ? 0.1076 0.0538 0.0681 -0.0220 0.0078  0.0138  91  ASP A CG  
123  O OD1 . ASP A 11 ? 0.1072 0.0541 0.0795 -0.0167 0.0355  0.0147  91  ASP A OD1 
124  O OD2 . ASP A 11 ? 0.0758 0.0602 0.1151 -0.0054 0.0068  0.0143  91  ASP A OD2 
129  N N   . TYR A 12 ? 0.0687 0.0663 0.0480 0.0010  -0.0172 -0.0092 92  TYR A N   
130  C CA  . TYR A 12 ? 0.0758 0.0503 0.0772 0.0126  -0.0063 0.0036  92  TYR A CA  
131  C C   . TYR A 12 ? 0.0881 0.0704 0.0477 0.0237  -0.0004 0.0086  92  TYR A C   
132  O O   . TYR A 12 ? 0.0859 0.0602 0.0574 0.0142  -0.0108 0.0105  92  TYR A O   
133  C CB  . TYR A 12 ? 0.0922 0.0629 0.0658 0.0026  -0.0133 0.0044  92  TYR A CB  
134  C CG  . TYR A 12 ? 0.0775 0.0712 0.0557 0.0049  -0.0138 -0.0043 92  TYR A CG  
135  C CD1 . TYR A 12 ? 0.0833 0.0725 0.0502 -0.0022 -0.0032 -0.0023 92  TYR A CD1 
136  C CD2 . TYR A 12 ? 0.0799 0.0627 0.0546 -0.0073 -0.0193 -0.0026 92  TYR A CD2 
137  C CE1 . TYR A 12 ? 0.0711 0.0897 0.0461 0.0106  0.0010  0.0041  92  TYR A CE1 
138  C CE2 . TYR A 12 ? 0.0841 0.0499 0.0587 0.0056  -0.0013 -0.0082 92  TYR A CE2 
139  C CZ  . TYR A 12 ? 0.0612 0.0505 0.0872 0.0008  0.0146  0.0024  92  TYR A CZ  
140  O OH  . TYR A 12 ? 0.0771 0.0659 0.0793 -0.0045 0.0180  0.0112  92  TYR A OH  
150  N N   A GLU A 13 ? 0.0907 0.0736 0.0240 0.0083  -0.0048 -0.0029 93  GLU A N   
151  N N   B GLU A 13 ? 0.0637 0.1031 0.0473 0.0017  -0.0234 -0.0020 93  GLU A N   
152  C CA  A GLU A 13 ? 0.0767 0.0497 0.0333 0.0187  0.0076  -0.0051 93  GLU A CA  
153  C CA  B GLU A 13 ? 0.0655 0.0938 0.0665 0.0037  -0.0339 0.0090  93  GLU A CA  
154  C C   A GLU A 13 ? 0.0801 0.0553 0.0606 0.0098  0.0156  -0.0006 93  GLU A C   
155  C C   B GLU A 13 ? 0.0554 0.0635 0.0787 0.0062  -0.0316 0.0088  93  GLU A C   
156  O O   A GLU A 13 ? 0.1237 0.0691 0.0701 0.0072  0.0494  -0.0055 93  GLU A O   
157  O O   B GLU A 13 ? 0.0555 0.0688 0.0954 -0.0009 -0.0406 0.0008  93  GLU A O   
158  C CB  A GLU A 13 ? 0.0965 0.0362 0.0340 0.0240  0.0064  -0.0012 93  GLU A CB  
159  C CB  B GLU A 13 ? 0.1483 0.1119 0.0832 0.0156  -0.0371 0.0180  93  GLU A CB  
160  C CG  A GLU A 13 ? 0.1459 0.0568 0.0609 0.0161  0.0283  -0.0107 93  GLU A CG  
161  C CG  B GLU A 13 ? 0.1988 0.1627 0.0987 0.0148  -0.0383 0.0153  93  GLU A CG  
162  C CD  A GLU A 13 ? 0.1626 0.0828 0.0879 0.0449  0.0108  0.0064  93  GLU A CD  
163  C CD  B GLU A 13 ? 0.2925 0.2468 0.2349 -0.0064 0.0088  0.0367  93  GLU A CD  
164  O OE1 A GLU A 13 ? 0.1736 0.1546 0.1329 0.0403  0.0251  0.0070  93  GLU A OE1 
165  O OE1 B GLU A 13 ? 0.3014 0.2878 0.2981 -0.0333 0.0018  0.0576  93  GLU A OE1 
166  O OE2 A GLU A 13 ? 0.1425 0.1519 0.1615 0.0117  0.0059  -0.0148 93  GLU A OE2 
167  O OE2 B GLU A 13 ? 0.3402 0.3245 0.2743 -0.0119 0.0128  0.0906  93  GLU A OE2 
180  N N   . SER A 14 ? 0.0621 0.0642 0.0619 0.0091  0.0014  -0.0034 94  SER A N   
181  C CA  . SER A 14 ? 0.0673 0.0686 0.0690 0.0085  0.0165  0.0030  94  SER A CA  
182  C C   . SER A 14 ? 0.0933 0.0483 0.0548 0.0108  -0.0060 0.0165  94  SER A C   
183  O O   . SER A 14 ? 0.0886 0.0778 0.0691 0.0144  -0.0104 0.0126  94  SER A O   
184  C CB  . SER A 14 ? 0.0945 0.0561 0.0678 0.0152  0.0108  -0.0041 94  SER A CB  
185  O OG  . SER A 14 ? 0.1022 0.0838 0.0622 0.0121  -0.0044 0.0221  94  SER A OG  
191  N N   . ARG A 15 ? 0.0802 0.0867 0.1182 0.0180  0.0224  0.0449  95  ARG A N   
192  C CA  . ARG A 15 ? 0.0891 0.1114 0.0967 0.0198  0.0059  0.0278  95  ARG A CA  
193  C C   . ARG A 15 ? 0.1276 0.1108 0.0988 0.0303  0.0027  0.0121  95  ARG A C   
194  O O   . ARG A 15 ? 0.1906 0.1007 0.1093 0.0536  -0.0103 0.0024  95  ARG A O   
195  C CB  . ARG A 15 ? 0.1064 0.1193 0.1122 0.0361  0.0131  0.0056  95  ARG A CB  
196  C CG  . ARG A 15 ? 0.1146 0.1156 0.1616 0.0096  -0.0100 -0.0063 95  ARG A CG  
197  C CD  . ARG A 15 ? 0.1217 0.1191 0.1567 0.0207  -0.0080 0.0063  95  ARG A CD  
198  N NE  . ARG A 15 ? 0.0951 0.1447 0.0775 0.0256  -0.0038 0.0123  95  ARG A NE  
199  C CZ  . ARG A 15 ? 0.0512 0.0984 0.1022 -0.0128 -0.0074 0.0354  95  ARG A CZ  
200  N NH1 . ARG A 15 ? 0.0881 0.0963 0.0733 0.0052  0.0044  0.0061  95  ARG A NH1 
201  N NH2 . ARG A 15 ? 0.1149 0.1619 0.0657 -0.0022 -0.0140 0.0236  95  ARG A NH2 
215  N N   A THR A 16 ? 0.1294 0.0926 0.0965 0.0485  0.0179  0.0180  96  THR A N   
216  N N   B THR A 16 ? 0.1342 0.0983 0.1030 0.0501  0.0145  0.0154  96  THR A N   
217  C CA  A THR A 16 ? 0.1379 0.0740 0.1116 0.0373  0.0235  0.0250  96  THR A CA  
218  C CA  B THR A 16 ? 0.1520 0.0925 0.1268 0.0331  0.0216  0.0157  96  THR A CA  
219  C C   A THR A 16 ? 0.1393 0.0795 0.0817 0.0266  0.0083  0.0265  96  THR A C   
220  C C   B THR A 16 ? 0.1690 0.0692 0.0963 0.0271  0.0138  0.0326  96  THR A C   
221  O O   A THR A 16 ? 0.1132 0.1373 0.0591 0.0420  0.0126  0.0095  96  THR A O   
222  O O   B THR A 16 ? 0.1846 0.0870 0.0853 0.0431  0.0282  0.0319  96  THR A O   
223  C CB  A THR A 16 ? 0.1577 0.1023 0.1409 0.0033  0.0456  0.0060  96  THR A CB  
224  C CB  B THR A 16 ? 0.1740 0.1541 0.1602 0.0104  0.0443  -0.0158 96  THR A CB  
225  O OG1 A THR A 16 ? 0.2051 0.0892 0.2056 -0.0301 0.0904  0.0022  96  THR A OG1 
226  O OG1 B THR A 16 ? 0.1423 0.1414 0.1911 0.0142  0.0429  -0.0245 96  THR A OG1 
227  C CG2 A THR A 16 ? 0.1326 0.0971 0.1602 -0.0416 0.0633  -0.0089 96  THR A CG2 
228  C CG2 B THR A 16 ? 0.2035 0.1275 0.2083 -0.0052 0.0892  -0.0282 96  THR A CG2 
241  N N   . GLU A 17 ? 0.1529 0.0556 0.1330 0.0294  0.0223  0.0201  97  GLU A N   
242  C CA  . GLU A 17 ? 0.1698 0.0554 0.1566 -0.0116 -0.0239 0.0127  97  GLU A CA  
243  C C   . GLU A 17 ? 0.1155 0.0729 0.0775 -0.0078 -0.0035 -0.0029 97  GLU A C   
244  O O   . GLU A 17 ? 0.0817 0.1201 0.0954 -0.0251 0.0001  0.0238  97  GLU A O   
245  C CB  . GLU A 17 ? 0.2730 0.0754 0.2913 -0.0109 -0.0141 0.0020  97  GLU A CB  
246  C CG  . GLU A 17 ? 0.3545 0.2698 0.3899 -0.0347 -0.0351 0.0247  97  GLU A CG  
247  C CD  . GLU A 17 ? 0.3940 0.4401 0.4730 -0.0245 -0.0212 0.0306  97  GLU A CD  
248  O OE1 . GLU A 17 ? 0.3974 0.4417 0.5125 0.0106  0.0111  0.0077  97  GLU A OE1 
249  O OE2 . GLU A 17 ? 0.4376 0.5238 0.4952 -0.0309 -0.0244 0.0440  97  GLU A OE2 
257  N N   . THR A 18 ? 0.0879 0.0503 0.0880 0.0019  0.0066  -0.0102 98  THR A N   
258  C CA  . THR A 18 ? 0.0749 0.0419 0.0684 -0.0073 0.0057  -0.0198 98  THR A CA  
259  C C   . THR A 18 ? 0.0508 0.0525 0.0604 0.0070  0.0076  0.0040  98  THR A C   
260  O O   . THR A 18 ? 0.0851 0.0382 0.0683 -0.0015 -0.0004 0.0039  98  THR A O   
261  C CB  . THR A 18 ? 0.0709 0.0829 0.0724 0.0203  0.0098  -0.0133 98  THR A CB  
262  O OG1 . THR A 18 ? 0.0666 0.1390 0.0626 -0.0010 0.0185  -0.0102 98  THR A OG1 
263  C CG2 . THR A 18 ? 0.0899 0.1112 0.0709 -0.0051 0.0224  -0.0264 98  THR A CG2 
271  N N   . ASP A 19 ? 0.0688 0.0535 0.0504 0.0258  0.0054  0.0110  99  ASP A N   
272  C CA  . ASP A 19 ? 0.0622 0.0578 0.0550 0.0142  0.0061  -0.0171 99  ASP A CA  
273  C C   . ASP A 19 ? 0.0633 0.0609 0.0534 -0.0008 0.0090  -0.0152 99  ASP A C   
274  O O   . ASP A 19 ? 0.0609 0.0624 0.0563 -0.0028 -0.0023 -0.0113 99  ASP A O   
275  C CB  . ASP A 19 ? 0.0650 0.0699 0.0515 0.0139  -0.0175 -0.0004 99  ASP A CB  
276  C CG  . ASP A 19 ? 0.0913 0.0777 0.0501 0.0253  -0.0154 -0.0052 99  ASP A CG  
277  O OD1 . ASP A 19 ? 0.0787 0.1251 0.0927 0.0261  -0.0017 -0.0067 99  ASP A OD1 
278  O OD2 . ASP A 19 ? 0.0722 0.0796 0.0800 0.0259  -0.0182 -0.0057 99  ASP A OD2 
283  N N   . LEU A 20 ? 0.0556 0.0514 0.0550 0.0039  0.0096  0.0036  100 LEU A N   
284  C CA  . LEU A 20 ? 0.0582 0.0657 0.0479 0.0061  -0.0057 -0.0023 100 LEU A CA  
285  C C   . LEU A 20 ? 0.0525 0.0554 0.0516 0.0156  -0.0015 -0.0102 100 LEU A C   
286  O O   . LEU A 20 ? 0.0742 0.0764 0.0519 0.0051  0.0076  -0.0056 100 LEU A O   
287  C CB  . LEU A 20 ? 0.0575 0.0871 0.0402 0.0132  0.0013  -0.0048 100 LEU A CB  
288  C CG  . LEU A 20 ? 0.0575 0.0991 0.0534 0.0157  0.0111  0.0081  100 LEU A CG  
289  C CD1 . LEU A 20 ? 0.0444 0.1437 0.0939 0.0237  0.0037  0.0161  100 LEU A CD1 
290  C CD2 . LEU A 20 ? 0.0745 0.0982 0.1135 0.0212  0.0117  0.0321  100 LEU A CD2 
302  N N   . SER A 21 ? 0.0507 0.0730 0.0551 -0.0013 -0.0100 -0.0164 101 SER A N   
303  C CA  . SER A 21 ? 0.0598 0.0821 0.0416 -0.0043 0.0060  -0.0025 101 SER A CA  
304  C C   . SER A 21 ? 0.0442 0.0878 0.0628 0.0092  0.0085  -0.0047 101 SER A C   
305  O O   . SER A 21 ? 0.0878 0.1087 0.0643 0.0340  -0.0051 -0.0017 101 SER A O   
306  C CB  . SER A 21 ? 0.0768 0.0832 0.0678 -0.0049 0.0179  -0.0114 101 SER A CB  
307  O OG  . SER A 21 ? 0.0940 0.0613 0.0838 0.0058  0.0069  -0.0036 101 SER A OG  
313  N N   . PHE A 22 ? 0.0483 0.0469 0.0678 0.0027  0.0092  0.0035  102 PHE A N   
314  C CA  . PHE A 22 ? 0.0449 0.0722 0.0531 0.0028  0.0086  0.0119  102 PHE A CA  
315  C C   . PHE A 22 ? 0.0670 0.0474 0.0598 -0.0006 0.0017  0.0216  102 PHE A C   
316  O O   . PHE A 22 ? 0.0673 0.0553 0.0520 0.0104  0.0021  0.0018  102 PHE A O   
317  C CB  . PHE A 22 ? 0.0534 0.0598 0.0472 -0.0081 -0.0016 -0.0025 102 PHE A CB  
318  C CG  . PHE A 22 ? 0.0734 0.0466 0.0530 0.0035  0.0114  0.0043  102 PHE A CG  
319  C CD1 . PHE A 22 ? 0.0646 0.0461 0.0692 0.0020  0.0131  0.0021  102 PHE A CD1 
320  C CD2 . PHE A 22 ? 0.0657 0.0802 0.0416 -0.0036 0.0123  0.0030  102 PHE A CD2 
321  C CE1 . PHE A 22 ? 0.0941 0.0593 0.0608 -0.0150 0.0042  -0.0080 102 PHE A CE1 
322  C CE2 . PHE A 22 ? 0.0684 0.0901 0.0489 -0.0159 0.0290  -0.0018 102 PHE A CE2 
323  C CZ  . PHE A 22 ? 0.0657 0.0767 0.0645 -0.0048 0.0087  0.0152  102 PHE A CZ  
333  N N   . LYS A 23 ? 0.0738 0.0538 0.0644 0.0310  0.0180  0.0091  103 LYS A N   
334  C CA  . LYS A 23 ? 0.1010 0.0585 0.0675 0.0023  0.0289  0.0083  103 LYS A CA  
335  C C   . LYS A 23 ? 0.0815 0.0675 0.0596 0.0028  0.0272  0.0007  103 LYS A C   
336  O O   . LYS A 23 ? 0.0931 0.0548 0.0739 -0.0111 0.0253  0.0109  103 LYS A O   
337  C CB  . LYS A 23 ? 0.0963 0.1032 0.1200 -0.0362 0.0571  -0.0341 103 LYS A CB  
338  C CG  . LYS A 23 ? 0.1424 0.1373 0.1538 -0.0168 0.0309  0.0087  103 LYS A CG  
339  C CD  . LYS A 23 ? 0.1331 0.1913 0.1769 -0.0328 0.0324  0.0053  103 LYS A CD  
340  C CE  . LYS A 23 ? 0.1616 0.2732 0.1594 -0.0630 -0.0004 -0.0070 103 LYS A CE  
341  N NZ  . LYS A 23 ? 0.2341 0.3706 0.1841 -0.1237 0.0078  0.0079  103 LYS A NZ  
355  N N   . LYS A 24 ? 0.0847 0.0693 0.0658 0.0073  0.0143  0.0118  104 LYS A N   
356  C CA  . LYS A 24 ? 0.0744 0.0598 0.0760 -0.0041 0.0088  0.0050  104 LYS A CA  
357  C C   . LYS A 24 ? 0.0796 0.0793 0.0664 0.0026  0.0156  -0.0014 104 LYS A C   
358  O O   . LYS A 24 ? 0.0869 0.0961 0.0918 0.0025  0.0278  0.0038  104 LYS A O   
359  C CB  . LYS A 24 ? 0.0999 0.1103 0.0637 0.0098  -0.0068 -0.0076 104 LYS A CB  
360  C CG  . LYS A 24 ? 0.1477 0.1345 0.0971 0.0251  0.0113  -0.0183 104 LYS A CG  
361  C CD  . LYS A 24 ? 0.2813 0.1807 0.1037 0.0275  0.0109  -0.0211 104 LYS A CD  
362  C CE  . LYS A 24 ? 0.3868 0.3511 0.1079 -0.0236 -0.0080 0.0257  104 LYS A CE  
363  N NZ  . LYS A 24 ? 0.4084 0.4465 0.2063 -0.0338 0.0369  0.0718  104 LYS A NZ  
377  N N   . GLY A 25 ? 0.0775 0.0704 0.0806 0.0038  0.0231  -0.0029 105 GLY A N   
378  C CA  . GLY A 25 ? 0.0867 0.0819 0.0945 0.0084  0.0242  -0.0079 105 GLY A CA  
379  C C   . GLY A 25 ? 0.0858 0.0568 0.0891 0.0015  0.0263  0.0089  105 GLY A C   
380  O O   . GLY A 25 ? 0.1033 0.0889 0.1085 0.0228  0.0104  0.0300  105 GLY A O   
384  N N   . GLU A 26 ? 0.0924 0.0607 0.0762 0.0140  0.0338  0.0136  106 GLU A N   
385  C CA  . GLU A 26 ? 0.0526 0.0734 0.1083 0.0093  0.0302  -0.0004 106 GLU A CA  
386  C C   . GLU A 26 ? 0.0477 0.0972 0.0729 0.0188  0.0010  -0.0020 106 GLU A C   
387  O O   . GLU A 26 ? 0.0789 0.1111 0.0658 -0.0160 -0.0155 0.0135  106 GLU A O   
388  C CB  . GLU A 26 ? 0.0819 0.0817 0.1024 0.0166  0.0110  -0.0135 106 GLU A CB  
389  C CG  . GLU A 26 ? 0.1035 0.0937 0.0955 0.0197  0.0118  0.0019  106 GLU A CG  
390  C CD  . GLU A 26 ? 0.0733 0.0895 0.0974 0.0226  -0.0148 0.0053  106 GLU A CD  
391  O OE1 . GLU A 26 ? 0.1064 0.0901 0.0872 0.0210  0.0060  0.0116  106 GLU A OE1 
392  O OE2 . GLU A 26 ? 0.1495 0.0985 0.0698 0.0187  -0.0095 -0.0049 106 GLU A OE2 
399  N N   . ARG A 27 ? 0.0392 0.0664 0.0884 -0.0091 -0.0064 -0.0066 107 ARG A N   
400  C CA  . ARG A 27 ? 0.0736 0.0557 0.0696 -0.0211 -0.0100 -0.0171 107 ARG A CA  
401  C C   . ARG A 27 ? 0.0666 0.0679 0.0620 -0.0240 -0.0209 -0.0191 107 ARG A C   
402  O O   . ARG A 27 ? 0.0674 0.0852 0.0882 -0.0113 -0.0066 -0.0212 107 ARG A O   
403  C CB  . ARG A 27 ? 0.1249 0.0726 0.1076 -0.0032 -0.0073 0.0367  107 ARG A CB  
404  C CG  . ARG A 27 ? 0.1186 0.1231 0.1014 0.0175  -0.0065 0.0165  107 ARG A CG  
405  C CD  . ARG A 27 ? 0.1264 0.0893 0.1226 0.0287  -0.0019 -0.0092 107 ARG A CD  
406  N NE  . ARG A 27 ? 0.1222 0.1123 0.1479 0.0277  -0.0170 -0.0162 107 ARG A NE  
407  C CZ  . ARG A 27 ? 0.1343 0.1308 0.1745 0.0107  -0.0325 -0.0280 107 ARG A CZ  
408  N NH1 . ARG A 27 ? 0.1619 0.1017 0.1797 0.0188  -0.0403 -0.0232 107 ARG A NH1 
409  N NH2 . ARG A 27 ? 0.1434 0.1378 0.2037 0.0320  -0.0049 -0.0434 107 ARG A NH2 
423  N N   . LEU A 28 ? 0.0506 0.0783 0.0746 -0.0072 -0.0106 -0.0129 108 LEU A N   
424  C CA  . LEU A 28 ? 0.0388 0.0964 0.0674 -0.0022 -0.0150 -0.0135 108 LEU A CA  
425  C C   . LEU A 28 ? 0.0717 0.1098 0.0717 -0.0094 -0.0051 -0.0228 108 LEU A C   
426  O O   . LEU A 28 ? 0.1290 0.1313 0.0748 -0.0450 0.0094  -0.0429 108 LEU A O   
427  C CB  . LEU A 28 ? 0.0681 0.1145 0.1003 -0.0039 -0.0061 -0.0120 108 LEU A CB  
428  C CG  . LEU A 28 ? 0.0873 0.1501 0.0967 0.0328  -0.0294 0.0199  108 LEU A CG  
429  C CD1 . LEU A 28 ? 0.1336 0.2172 0.1553 0.0212  -0.0184 0.0574  108 LEU A CD1 
430  C CD2 . LEU A 28 ? 0.1404 0.1938 0.1040 0.0419  -0.0200 0.0027  108 LEU A CD2 
442  N N   . GLN A 29 ? 0.0591 0.0622 0.0681 -0.0057 -0.0031 -0.0170 109 GLN A N   
443  C CA  . GLN A 29 ? 0.0631 0.0546 0.0731 0.0130  -0.0097 0.0021  109 GLN A CA  
444  C C   . GLN A 29 ? 0.0501 0.0657 0.0835 0.0240  0.0031  0.0104  109 GLN A C   
445  O O   . GLN A 29 ? 0.0658 0.0503 0.1201 0.0164  0.0103  -0.0016 109 GLN A O   
446  C CB  . GLN A 29 ? 0.0523 0.0616 0.0939 0.0089  0.0000  0.0013  109 GLN A CB  
447  C CG  . GLN A 29 ? 0.0778 0.0883 0.0900 -0.0022 -0.0154 0.0050  109 GLN A CG  
448  C CD  . GLN A 29 ? 0.0900 0.1113 0.0924 -0.0067 -0.0196 0.0086  109 GLN A CD  
449  O OE1 . GLN A 29 ? 0.1059 0.1094 0.0782 -0.0112 -0.0364 -0.0029 109 GLN A OE1 
450  N NE2 . GLN A 29 ? 0.1843 0.1583 0.0804 -0.0494 -0.0192 0.0215  109 GLN A NE2 
459  N N   . ILE A 30 ? 0.0569 0.0465 0.0932 0.0051  0.0079  -0.0069 110 ILE A N   
460  C CA  . ILE A 30 ? 0.0603 0.0498 0.0614 -0.0116 0.0041  -0.0028 110 ILE A CA  
461  C C   . ILE A 30 ? 0.0707 0.0736 0.0706 0.0054  0.0021  0.0212  110 ILE A C   
462  O O   . ILE A 30 ? 0.1774 0.0639 0.0931 0.0103  0.0329  0.0204  110 ILE A O   
463  C CB  . ILE A 30 ? 0.0569 0.0735 0.0843 0.0001  -0.0027 -0.0231 110 ILE A CB  
464  C CG1 . ILE A 30 ? 0.0589 0.1094 0.0839 0.0058  -0.0101 -0.0207 110 ILE A CG1 
465  C CG2 . ILE A 30 ? 0.0652 0.0884 0.0824 -0.0128 -0.0042 -0.0252 110 ILE A CG2 
466  C CD1 . ILE A 30 ? 0.0603 0.1169 0.0777 0.0088  0.0048  0.0016  110 ILE A CD1 
478  N N   . VAL A 31 ? 0.0712 0.0489 0.0751 0.0051  0.0008  0.0138  111 VAL A N   
479  C CA  . VAL A 31 ? 0.0818 0.1320 0.0561 0.0065  -0.0059 -0.0092 111 VAL A CA  
480  C C   . VAL A 31 ? 0.0858 0.1300 0.0679 0.0087  0.0110  0.0115  111 VAL A C   
481  O O   . VAL A 31 ? 0.0880 0.2459 0.0981 -0.0066 0.0046  0.0693  111 VAL A O   
482  C CB  . VAL A 31 ? 0.0742 0.2347 0.0829 -0.0039 0.0098  -0.0491 111 VAL A CB  
483  C CG1 . VAL A 31 ? 0.1407 0.2202 0.0883 0.0053  0.0000  -0.0051 111 VAL A CG1 
484  C CG2 . VAL A 31 ? 0.1111 0.3425 0.1291 -0.0324 0.0166  -0.0893 111 VAL A CG2 
494  N N   . ASN A 32 ? 0.0510 0.0703 0.0503 -0.0107 0.0040  -0.0057 112 ASN A N   
495  C CA  . ASN A 32 ? 0.0828 0.0838 0.0700 0.0169  0.0071  -0.0024 112 ASN A CA  
496  C C   . ASN A 32 ? 0.0585 0.0684 0.0685 -0.0009 -0.0214 0.0124  112 ASN A C   
497  O O   . ASN A 32 ? 0.0801 0.0830 0.0596 -0.0107 -0.0028 0.0113  112 ASN A O   
498  C CB  . ASN A 32 ? 0.0641 0.1162 0.1075 -0.0046 0.0042  -0.0269 112 ASN A CB  
499  C CG  . ASN A 32 ? 0.1003 0.1433 0.0851 0.0006  0.0090  -0.0109 112 ASN A CG  
500  O OD1 . ASN A 32 ? 0.0811 0.1333 0.1099 0.0009  0.0163  -0.0306 112 ASN A OD1 
501  N ND2 . ASN A 32 ? 0.0906 0.2000 0.1237 -0.0046 0.0273  0.0202  112 ASN A ND2 
508  N N   . ASN A 33 ? 0.0596 0.0571 0.0639 0.0026  0.0064  0.0036  113 ASN A N   
509  C CA  . ASN A 33 ? 0.0597 0.0556 0.0523 0.0011  0.0000  0.0046  113 ASN A CA  
510  C C   . ASN A 33 ? 0.0700 0.0663 0.0771 -0.0068 -0.0080 0.0049  113 ASN A C   
511  O O   . ASN A 33 ? 0.0694 0.0823 0.0881 -0.0009 -0.0109 0.0040  113 ASN A O   
512  C CB  . ASN A 33 ? 0.0552 0.0719 0.0900 -0.0196 -0.0039 0.0089  113 ASN A CB  
513  C CG  . ASN A 33 ? 0.1032 0.0633 0.1226 -0.0014 -0.0098 0.0088  113 ASN A CG  
514  O OD1 . ASN A 33 ? 0.1089 0.0988 0.1565 0.0111  -0.0380 0.0144  113 ASN A OD1 
515  N ND2 . ASN A 33 ? 0.0810 0.0665 0.1435 -0.0172 0.0057  0.0050  113 ASN A ND2 
522  N N   . THR A 34 ? 0.0782 0.0804 0.0854 -0.0204 0.0065  0.0149  114 THR A N   
523  C CA  . THR A 34 ? 0.0876 0.0754 0.0984 -0.0283 0.0189  0.0108  114 THR A CA  
524  C C   . THR A 34 ? 0.0913 0.0722 0.0910 -0.0292 0.0263  -0.0003 114 THR A C   
525  O O   . THR A 34 ? 0.0967 0.1265 0.1891 -0.0106 0.0604  0.0365  114 THR A O   
526  C CB  . THR A 34 ? 0.1469 0.1170 0.1342 -0.0357 0.0354  0.0123  114 THR A CB  
527  O OG1 . THR A 34 ? 0.2040 0.1988 0.1084 -0.0762 0.0223  -0.0082 114 THR A OG1 
528  C CG2 . THR A 34 ? 0.1596 0.1097 0.1756 -0.0137 0.0457  0.0221  114 THR A CG2 
536  N N   . GLU A 35 ? 0.0667 0.0692 0.0932 -0.0049 0.0214  -0.0057 115 GLU A N   
537  C CA  . GLU A 35 ? 0.0709 0.0754 0.0868 -0.0107 0.0213  -0.0088 115 GLU A CA  
538  C C   . GLU A 35 ? 0.0723 0.0628 0.0809 -0.0239 0.0012  -0.0102 115 GLU A C   
539  O O   . GLU A 35 ? 0.0973 0.0717 0.1160 0.0060  0.0040  0.0108  115 GLU A O   
540  C CB  . GLU A 35 ? 0.0827 0.0719 0.1133 0.0166  0.0179  -0.0122 115 GLU A CB  
541  C CG  . GLU A 35 ? 0.1061 0.1016 0.0800 0.0219  0.0068  -0.0253 115 GLU A CG  
542  C CD  . GLU A 35 ? 0.1171 0.1239 0.0673 -0.0009 -0.0083 -0.0267 115 GLU A CD  
543  O OE1 . GLU A 35 ? 0.1202 0.1228 0.1140 0.0193  0.0182  0.0040  115 GLU A OE1 
544  O OE2 . GLU A 35 ? 0.1561 0.1183 0.0980 -0.0179 -0.0184 -0.0280 115 GLU A OE2 
551  N N   . GLY A 36 ? 0.0747 0.0732 0.0681 -0.0029 -0.0049 -0.0043 116 GLY A N   
552  C CA  . GLY A 36 ? 0.0623 0.0611 0.0985 -0.0196 -0.0041 0.0150  116 GLY A CA  
553  C C   . GLY A 36 ? 0.0408 0.0472 0.0913 -0.0060 0.0074  -0.0121 116 GLY A C   
554  O O   . GLY A 36 ? 0.0637 0.0518 0.0804 0.0088  0.0048  -0.0047 116 GLY A O   
558  N N   . ASP A 37 ? 0.0498 0.0502 0.0854 0.0130  -0.0055 0.0087  117 ASP A N   
559  C CA  . ASP A 37 ? 0.0489 0.0707 0.0701 -0.0093 -0.0125 -0.0022 117 ASP A CA  
560  C C   . ASP A 37 ? 0.0674 0.0441 0.0707 -0.0126 -0.0062 -0.0049 117 ASP A C   
561  O O   . ASP A 37 ? 0.0578 0.0873 0.0645 0.0002  -0.0057 -0.0217 117 ASP A O   
562  C CB  . ASP A 37 ? 0.0910 0.0864 0.0665 -0.0022 -0.0241 0.0252  117 ASP A CB  
563  C CG  . ASP A 37 ? 0.0682 0.0898 0.0748 0.0121  -0.0267 0.0313  117 ASP A CG  
564  O OD1 . ASP A 37 ? 0.0836 0.0865 0.1040 -0.0046 -0.0120 0.0174  117 ASP A OD1 
565  O OD2 . ASP A 37 ? 0.0873 0.0769 0.1090 -0.0105 -0.0208 0.0111  117 ASP A OD2 
570  N N   . TRP A 38 ? 0.0407 0.0408 0.0782 0.0093  0.0030  0.0023  118 TRP A N   
571  C CA  . TRP A 38 ? 0.0471 0.0475 0.0590 0.0166  -0.0012 0.0051  118 TRP A CA  
572  C C   . TRP A 38 ? 0.0476 0.0404 0.0624 0.0006  0.0016  0.0037  118 TRP A C   
573  O O   . TRP A 38 ? 0.0598 0.0642 0.0590 0.0080  0.0198  0.0104  118 TRP A O   
574  C CB  . TRP A 38 ? 0.0508 0.0355 0.0853 0.0012  0.0004  0.0051  118 TRP A CB  
575  C CG  . TRP A 38 ? 0.0647 0.0702 0.0567 0.0074  -0.0075 0.0129  118 TRP A CG  
576  C CD1 . TRP A 38 ? 0.0482 0.0573 0.1056 -0.0069 0.0015  0.0137  118 TRP A CD1 
577  C CD2 . TRP A 38 ? 0.0616 0.0330 0.0577 0.0152  -0.0147 0.0120  118 TRP A CD2 
578  N NE1 . TRP A 38 ? 0.0687 0.0764 0.0959 -0.0088 -0.0161 0.0370  118 TRP A NE1 
579  C CE2 . TRP A 38 ? 0.0590 0.0586 0.0871 -0.0098 -0.0157 0.0287  118 TRP A CE2 
580  C CE3 . TRP A 38 ? 0.0472 0.0492 0.0810 0.0210  -0.0159 0.0089  118 TRP A CE3 
581  C CZ2 . TRP A 38 ? 0.0593 0.0642 0.0799 0.0178  -0.0104 0.0244  118 TRP A CZ2 
582  C CZ3 . TRP A 38 ? 0.0572 0.0830 0.0849 0.0033  -0.0217 0.0171  118 TRP A CZ3 
583  C CH2 . TRP A 38 ? 0.0673 0.0660 0.0890 0.0070  0.0056  0.0110  118 TRP A CH2 
594  N N   . TRP A 39 ? 0.0426 0.0577 0.0403 0.0072  0.0056  0.0147  119 TRP A N   
595  C CA  . TRP A 39 ? 0.0588 0.0443 0.0339 -0.0034 0.0149  -0.0013 119 TRP A CA  
596  C C   . TRP A 39 ? 0.0562 0.0400 0.0315 0.0141  0.0116  -0.0045 119 TRP A C   
597  O O   . TRP A 39 ? 0.0652 0.0793 0.0458 -0.0184 -0.0013 0.0126  119 TRP A O   
598  C CB  . TRP A 39 ? 0.0599 0.0527 0.0393 0.0127  -0.0099 0.0070  119 TRP A CB  
599  C CG  . TRP A 39 ? 0.0443 0.0495 0.0506 0.0186  -0.0094 -0.0014 119 TRP A CG  
600  C CD1 . TRP A 39 ? 0.0836 0.0602 0.0626 0.0093  0.0023  -0.0283 119 TRP A CD1 
601  C CD2 . TRP A 39 ? 0.0478 0.0477 0.0592 -0.0011 -0.0128 0.0067  119 TRP A CD2 
602  N NE1 . TRP A 39 ? 0.0471 0.0676 0.0732 -0.0039 0.0007  -0.0152 119 TRP A NE1 
603  C CE2 . TRP A 39 ? 0.0657 0.0441 0.0623 -0.0189 -0.0240 -0.0063 119 TRP A CE2 
604  C CE3 . TRP A 39 ? 0.0496 0.0569 0.1113 0.0045  -0.0055 0.0020  119 TRP A CE3 
605  C CZ2 . TRP A 39 ? 0.0802 0.0618 0.0897 -0.0211 -0.0255 -0.0008 119 TRP A CZ2 
606  C CZ3 . TRP A 39 ? 0.0832 0.1004 0.1185 0.0185  -0.0162 -0.0239 119 TRP A CZ3 
607  C CH2 . TRP A 39 ? 0.1133 0.0888 0.1061 0.0097  -0.0208 -0.0219 119 TRP A CH2 
618  N N   . LEU A 40 ? 0.0400 0.0533 0.0459 0.0010  0.0096  0.0029  120 LEU A N   
619  C CA  . LEU A 40 ? 0.0383 0.0393 0.0786 0.0038  0.0084  0.0084  120 LEU A CA  
620  C C   . LEU A 40 ? 0.0463 0.0602 0.0386 -0.0007 -0.0027 0.0018  120 LEU A C   
621  O O   . LEU A 40 ? 0.0612 0.0524 0.0549 0.0049  0.0093  0.0048  120 LEU A O   
622  C CB  . LEU A 40 ? 0.0577 0.0557 0.0633 0.0039  0.0008  0.0034  120 LEU A CB  
623  C CG  . LEU A 40 ? 0.0483 0.0716 0.0661 0.0190  -0.0077 -0.0133 120 LEU A CG  
624  C CD1 . LEU A 40 ? 0.0634 0.0932 0.0752 -0.0115 -0.0103 -0.0211 120 LEU A CD1 
625  C CD2 . LEU A 40 ? 0.0977 0.0979 0.0435 0.0220  -0.0122 -0.0101 120 LEU A CD2 
637  N N   . ALA A 41 ? 0.0434 0.0247 0.0805 0.0093  -0.0007 -0.0060 121 ALA A N   
638  C CA  . ALA A 41 ? 0.0551 0.0231 0.0604 0.0111  -0.0059 0.0052  121 ALA A CA  
639  C C   . ALA A 41 ? 0.0357 0.0311 0.0739 0.0145  -0.0009 -0.0030 121 ALA A C   
640  O O   . ALA A 41 ? 0.0480 0.0510 0.0773 0.0122  -0.0150 -0.0020 121 ALA A O   
641  C CB  . ALA A 41 ? 0.0702 0.0795 0.0700 0.0212  0.0010  -0.0104 121 ALA A CB  
647  N N   . HIS A 42 ? 0.0496 0.0398 0.0724 0.0076  -0.0051 -0.0170 122 HIS A N   
648  C CA  . HIS A 42 ? 0.0472 0.0587 0.0643 0.0077  -0.0127 -0.0018 122 HIS A CA  
649  C C   . HIS A 42 ? 0.0392 0.0691 0.0712 0.0033  -0.0134 -0.0048 122 HIS A C   
650  O O   . HIS A 42 ? 0.0664 0.0483 0.0796 0.0100  -0.0081 -0.0102 122 HIS A O   
651  C CB  . HIS A 42 ? 0.0658 0.0626 0.0732 0.0204  -0.0003 0.0062  122 HIS A CB  
652  C CG  . HIS A 42 ? 0.0356 0.0547 0.0948 0.0181  -0.0064 -0.0091 122 HIS A CG  
653  N ND1 . HIS A 42 ? 0.0577 0.0616 0.0819 0.0260  -0.0264 -0.0014 122 HIS A ND1 
654  C CD2 . HIS A 42 ? 0.0695 0.0796 0.1013 0.0284  -0.0133 -0.0261 122 HIS A CD2 
655  C CE1 . HIS A 42 ? 0.0582 0.0907 0.1086 0.0249  -0.0244 0.0133  122 HIS A CE1 
656  N NE2 . HIS A 42 ? 0.0790 0.0739 0.1116 0.0269  -0.0338 -0.0019 122 HIS A NE2 
665  N N   . SER A 43 ? 0.0550 0.0455 0.0775 0.0276  -0.0013 -0.0017 123 SER A N   
666  C CA  . SER A 43 ? 0.0653 0.0565 0.0691 0.0299  -0.0065 -0.0080 123 SER A CA  
667  C C   . SER A 43 ? 0.0732 0.0410 0.0824 0.0195  0.0015  0.0009  123 SER A C   
668  O O   . SER A 43 ? 0.0771 0.0722 0.0717 0.0118  -0.0002 -0.0122 123 SER A O   
669  C CB  . SER A 43 ? 0.0885 0.0927 0.0743 0.0489  0.0053  0.0228  123 SER A CB  
670  O OG  . SER A 43 ? 0.1081 0.1302 0.0906 0.0640  0.0386  0.0356  123 SER A OG  
676  N N   . LEU A 44 ? 0.0830 0.0700 0.0896 0.0391  -0.0230 -0.0289 124 LEU A N   
677  C CA  . LEU A 44 ? 0.0870 0.0947 0.0912 0.0509  -0.0251 -0.0185 124 LEU A CA  
678  C C   . LEU A 44 ? 0.1191 0.1189 0.0937 0.0680  -0.0217 -0.0045 124 LEU A C   
679  O O   . LEU A 44 ? 0.1096 0.0941 0.1495 0.0288  -0.0368 0.0186  124 LEU A O   
680  C CB  . LEU A 44 ? 0.0992 0.0816 0.1114 0.0418  -0.0157 -0.0387 124 LEU A CB  
681  C CG  . LEU A 44 ? 0.1075 0.1156 0.1640 0.0288  -0.0041 -0.0371 124 LEU A CG  
682  C CD1 . LEU A 44 ? 0.1389 0.1189 0.1835 0.0165  0.0016  -0.0287 124 LEU A CD1 
683  C CD2 . LEU A 44 ? 0.1364 0.1579 0.1549 0.0254  0.0150  -0.0361 124 LEU A CD2 
695  N N   . THR A 45 ? 0.1137 0.1961 0.1147 0.0827  0.0110  0.0146  125 THR A N   
696  C CA  . THR A 45 ? 0.1918 0.2337 0.1480 0.1186  0.0442  0.0649  125 THR A CA  
697  C C   . THR A 45 ? 0.1170 0.2552 0.1815 0.0706  0.0415  0.0945  125 THR A C   
698  O O   . THR A 45 ? 0.1250 0.3309 0.2606 0.0547  0.0313  0.1329  125 THR A O   
699  C CB  . THR A 45 ? 0.3431 0.2950 0.1379 0.1411  0.0620  0.0412  125 THR A CB  
700  O OG1 . THR A 45 ? 0.3914 0.3720 0.1784 0.1729  0.0838  0.0305  125 THR A OG1 
701  C CG2 . THR A 45 ? 0.3874 0.3517 0.1653 0.1224  0.0812  0.0187  125 THR A CG2 
709  N N   . THR A 46 ? 0.0968 0.2486 0.1616 0.0506  0.0351  0.0847  126 THR A N   
710  C CA  . THR A 46 ? 0.0796 0.2748 0.1684 0.0022  0.0115  0.0719  126 THR A CA  
711  C C   . THR A 46 ? 0.0694 0.1888 0.1723 -0.0066 -0.0207 0.0748  126 THR A C   
712  O O   . THR A 46 ? 0.0903 0.2135 0.2593 -0.0414 -0.0158 0.0633  126 THR A O   
713  C CB  . THR A 46 ? 0.1294 0.2434 0.1855 0.0074  0.0386  0.0947  126 THR A CB  
714  O OG1 . THR A 46 ? 0.0845 0.1709 0.1880 0.0164  0.0212  0.0827  126 THR A OG1 
715  C CG2 . THR A 46 ? 0.1194 0.2983 0.2197 0.0233  0.0471  0.1141  126 THR A CG2 
723  N N   . GLY A 47 ? 0.0546 0.1265 0.1200 0.0187  -0.0130 0.0428  127 GLY A N   
724  C CA  . GLY A 47 ? 0.0827 0.0781 0.1058 0.0134  -0.0337 0.0263  127 GLY A CA  
725  C C   . GLY A 47 ? 0.0987 0.0694 0.1096 0.0132  -0.0415 0.0238  127 GLY A C   
726  O O   . GLY A 47 ? 0.1696 0.1195 0.1068 0.0496  -0.0335 -0.0080 127 GLY A O   
730  N N   . GLN A 48 ? 0.0644 0.0771 0.1125 0.0181  -0.0126 0.0077  128 GLN A N   
731  C CA  . GLN A 48 ? 0.0712 0.0628 0.1132 0.0115  -0.0097 0.0185  128 GLN A CA  
732  C C   . GLN A 48 ? 0.0630 0.0515 0.0748 -0.0071 -0.0155 -0.0019 128 GLN A C   
733  O O   . GLN A 48 ? 0.0644 0.0663 0.0748 -0.0021 -0.0011 -0.0174 128 GLN A O   
734  C CB  . GLN A 48 ? 0.0698 0.0923 0.1886 0.0119  0.0100  0.0428  128 GLN A CB  
735  C CG  . GLN A 48 ? 0.0825 0.1251 0.2589 -0.0242 0.0103  -0.0043 128 GLN A CG  
736  C CD  . GLN A 48 ? 0.1083 0.1974 0.2970 -0.0127 0.0048  -0.0212 128 GLN A CD  
737  O OE1 . GLN A 48 ? 0.1340 0.1706 0.3296 -0.0081 -0.0014 -0.0509 128 GLN A OE1 
738  N NE2 . GLN A 48 ? 0.1442 0.2322 0.3609 -0.0348 0.0004  0.0593  128 GLN A NE2 
747  N N   . THR A 49 ? 0.0645 0.0375 0.0847 0.0037  -0.0204 -0.0100 129 THR A N   
748  C CA  . THR A 49 ? 0.0561 0.0446 0.0560 0.0002  -0.0042 -0.0037 129 THR A CA  
749  C C   . THR A 49 ? 0.0569 0.0323 0.0636 0.0182  -0.0039 0.0102  129 THR A C   
750  O O   . THR A 49 ? 0.0698 0.0446 0.1001 0.0057  -0.0321 0.0047  129 THR A O   
751  C CB  . THR A 49 ? 0.0722 0.0482 0.0637 0.0097  0.0043  -0.0172 129 THR A CB  
752  O OG1 . THR A 49 ? 0.0748 0.0638 0.0753 0.0407  -0.0035 0.0044  129 THR A OG1 
753  C CG2 . THR A 49 ? 0.0836 0.0786 0.0511 0.0108  -0.0012 0.0050  129 THR A CG2 
761  N N   . GLY A 50 ? 0.0391 0.0465 0.0502 0.0144  -0.0234 -0.0126 130 GLY A N   
762  C CA  . GLY A 50 ? 0.0542 0.0457 0.0402 0.0022  -0.0035 -0.0040 130 GLY A CA  
763  C C   . GLY A 50 ? 0.0538 0.0529 0.0469 -0.0121 0.0040  -0.0057 130 GLY A C   
764  O O   . GLY A 50 ? 0.0657 0.0400 0.0675 -0.0097 -0.0038 -0.0086 130 GLY A O   
768  N N   . TYR A 51 ? 0.0442 0.0699 0.0427 0.0014  -0.0075 0.0084  131 TYR A N   
769  C CA  . TYR A 51 ? 0.0498 0.0557 0.0441 0.0074  0.0058  0.0030  131 TYR A CA  
770  C C   . TYR A 51 ? 0.0463 0.0593 0.0414 0.0137  0.0005  0.0135  131 TYR A C   
771  O O   . TYR A 51 ? 0.0523 0.0542 0.0586 0.0081  0.0059  -0.0034 131 TYR A O   
772  C CB  . TYR A 51 ? 0.0372 0.0473 0.0637 -0.0068 -0.0114 -0.0166 131 TYR A CB  
773  C CG  . TYR A 51 ? 0.0425 0.0858 0.0444 0.0298  -0.0052 0.0028  131 TYR A CG  
774  C CD1 . TYR A 51 ? 0.0615 0.0865 0.0659 0.0359  0.0154  0.0106  131 TYR A CD1 
775  C CD2 . TYR A 51 ? 0.1095 0.0884 0.0463 0.0356  0.0060  -0.0026 131 TYR A CD2 
776  C CE1 . TYR A 51 ? 0.0915 0.0741 0.0968 0.0115  0.0399  0.0147  131 TYR A CE1 
777  C CE2 . TYR A 51 ? 0.1232 0.0926 0.0663 0.0520  0.0249  -0.0018 131 TYR A CE2 
778  C CZ  . TYR A 51 ? 0.1343 0.1273 0.0809 0.0558  0.0453  0.0150  131 TYR A CZ  
779  O OH  . TYR A 51 ? 0.1626 0.1588 0.0785 0.0573  0.0447  0.0119  131 TYR A OH  
788  N N   . ILE A 52 ? 0.0359 0.0443 0.0475 -0.0133 -0.0109 0.0000  132 ILE A N   
789  C CA  . ILE A 52 ? 0.0522 0.0512 0.0391 -0.0109 0.0008  -0.0071 132 ILE A CA  
790  C C   . ILE A 52 ? 0.0580 0.0423 0.0321 -0.0021 0.0089  0.0056  132 ILE A C   
791  O O   . ILE A 52 ? 0.0499 0.0625 0.0371 0.0021  -0.0035 -0.0018 132 ILE A O   
792  C CB  . ILE A 52 ? 0.0382 0.0785 0.0523 0.0116  0.0079  -0.0005 132 ILE A CB  
793  C CG1 . ILE A 52 ? 0.0633 0.0593 0.0446 0.0092  -0.0017 -0.0161 132 ILE A CG1 
794  C CG2 . ILE A 52 ? 0.0475 0.0732 0.0655 -0.0042 0.0170  -0.0067 132 ILE A CG2 
795  C CD1 . ILE A 52 ? 0.1129 0.0948 0.0946 -0.0237 0.0096  -0.0113 132 ILE A CD1 
807  N N   . PRO A 53 ? 0.0550 0.0462 0.0485 -0.0003 0.0006  0.0074  133 PRO A N   
808  C CA  . PRO A 53 ? 0.0337 0.0613 0.0510 0.0064  -0.0024 0.0034  133 PRO A CA  
809  C C   . PRO A 53 ? 0.0359 0.0644 0.0441 0.0052  -0.0033 -0.0019 133 PRO A C   
810  O O   . PRO A 53 ? 0.0478 0.0576 0.0812 -0.0005 -0.0005 0.0072  133 PRO A O   
811  C CB  . PRO A 53 ? 0.0648 0.0589 0.0554 -0.0026 0.0004  0.0021  133 PRO A CB  
812  C CG  . PRO A 53 ? 0.0617 0.0626 0.0523 -0.0038 -0.0106 0.0108  133 PRO A CG  
813  C CD  . PRO A 53 ? 0.0730 0.0525 0.0452 -0.0035 0.0027  0.0076  133 PRO A CD  
821  N N   . SER A 54 ? 0.0387 0.0678 0.0450 -0.0028 0.0004  -0.0007 134 SER A N   
822  C CA  . SER A 54 ? 0.0664 0.0533 0.0825 -0.0013 -0.0025 0.0114  134 SER A CA  
823  C C   . SER A 54 ? 0.0440 0.0536 0.0909 -0.0069 -0.0067 0.0141  134 SER A C   
824  O O   . SER A 54 ? 0.0637 0.0549 0.0707 -0.0045 -0.0019 0.0078  134 SER A O   
825  C CB  . SER A 54 ? 0.0381 0.0877 0.0528 -0.0019 -0.0056 0.0048  134 SER A CB  
826  O OG  . SER A 54 ? 0.0664 0.0792 0.0729 -0.0320 0.0137  -0.0020 134 SER A OG  
832  N N   . ASN A 55 ? 0.0457 0.0449 0.0780 0.0087  0.0009  -0.0118 135 ASN A N   
833  C CA  . ASN A 55 ? 0.0500 0.0615 0.0634 0.0035  0.0041  -0.0057 135 ASN A CA  
834  C C   . ASN A 55 ? 0.0642 0.0714 0.0565 0.0099  0.0044  0.0005  135 ASN A C   
835  O O   . ASN A 55 ? 0.0798 0.1306 0.0573 -0.0048 0.0052  -0.0154 135 ASN A O   
836  C CB  . ASN A 55 ? 0.0580 0.0611 0.0788 -0.0066 -0.0074 -0.0097 135 ASN A CB  
837  C CG  . ASN A 55 ? 0.0666 0.1091 0.0643 -0.0030 -0.0167 -0.0001 135 ASN A CG  
838  O OD1 . ASN A 55 ? 0.0772 0.0848 0.0847 -0.0029 -0.0226 0.0046  135 ASN A OD1 
839  N ND2 . ASN A 55 ? 0.1080 0.0987 0.0919 -0.0240 -0.0338 0.0123  135 ASN A ND2 
846  N N   . TYR A 56 ? 0.0391 0.0627 0.0626 -0.0063 -0.0015 -0.0096 136 TYR A N   
847  C CA  . TYR A 56 ? 0.0674 0.0677 0.0512 -0.0014 -0.0034 0.0175  136 TYR A CA  
848  C C   . TYR A 56 ? 0.0512 0.0533 0.0517 0.0068  -0.0004 -0.0004 136 TYR A C   
849  O O   . TYR A 56 ? 0.0605 0.0687 0.0868 0.0116  0.0090  0.0123  136 TYR A O   
850  C CB  . TYR A 56 ? 0.0521 0.0569 0.0783 -0.0136 -0.0010 0.0081  136 TYR A CB  
851  C CG  . TYR A 56 ? 0.0673 0.0549 0.0627 -0.0003 0.0007  0.0073  136 TYR A CG  
852  C CD1 . TYR A 56 ? 0.0775 0.0883 0.1117 -0.0106 0.0080  0.0280  136 TYR A CD1 
853  C CD2 . TYR A 56 ? 0.0722 0.0675 0.0702 -0.0201 -0.0003 0.0020  136 TYR A CD2 
854  C CE1 . TYR A 56 ? 0.0710 0.0823 0.1375 0.0042  0.0022  0.0547  136 TYR A CE1 
855  C CE2 . TYR A 56 ? 0.0856 0.0468 0.0809 0.0006  0.0051  0.0097  136 TYR A CE2 
856  C CZ  . TYR A 56 ? 0.0678 0.0737 0.0998 0.0014  0.0005  0.0283  136 TYR A CZ  
857  O OH  . TYR A 56 ? 0.0643 0.1010 0.1032 -0.0070 0.0045  0.0358  136 TYR A OH  
867  N N   . VAL A 57 ? 0.0574 0.0665 0.0661 0.0176  -0.0010 0.0025  137 VAL A N   
868  C CA  . VAL A 57 ? 0.0591 0.0518 0.0694 -0.0053 -0.0049 -0.0039 137 VAL A CA  
869  C C   . VAL A 57 ? 0.0530 0.0621 0.0783 0.0061  -0.0067 -0.0122 137 VAL A C   
870  O O   . VAL A 57 ? 0.0648 0.0606 0.0941 -0.0022 -0.0090 0.0096  137 VAL A O   
871  C CB  . VAL A 57 ? 0.0604 0.0535 0.0870 -0.0020 -0.0057 -0.0111 137 VAL A CB  
872  C CG1 . VAL A 57 ? 0.0750 0.0991 0.0918 0.0035  0.0151  -0.0230 137 VAL A CG1 
873  C CG2 . VAL A 57 ? 0.0705 0.0624 0.0794 -0.0046 -0.0098 0.0171  137 VAL A CG2 
883  N N   . ALA A 58 ? 0.0588 0.0601 0.0828 0.0051  -0.0275 -0.0053 138 ALA A N   
884  C CA  . ALA A 58 ? 0.0614 0.0524 0.1185 -0.0179 -0.0215 -0.0021 138 ALA A CA  
885  C C   . ALA A 58 ? 0.0527 0.0577 0.0864 0.0050  -0.0108 0.0010  138 ALA A C   
886  O O   . ALA A 58 ? 0.0451 0.0581 0.0867 -0.0036 -0.0079 -0.0043 138 ALA A O   
887  C CB  . ALA A 58 ? 0.1299 0.0614 0.1052 -0.0004 -0.0177 -0.0092 138 ALA A CB  
893  N N   . PRO A 59 ? 0.0524 0.0487 0.1091 0.0071  0.0008  -0.0132 139 PRO A N   
894  C CA  . PRO A 59 ? 0.0500 0.0581 0.1155 0.0006  0.0107  0.0030  139 PRO A CA  
895  C C   . PRO A 59 ? 0.0559 0.0433 0.1126 0.0041  -0.0040 -0.0020 139 PRO A C   
896  O O   . PRO A 59 ? 0.0786 0.0710 0.1019 0.0193  0.0042  -0.0044 139 PRO A O   
897  C CB  . PRO A 59 ? 0.0904 0.0728 0.1451 -0.0302 0.0303  -0.0125 139 PRO A CB  
898  C CG  . PRO A 59 ? 0.0745 0.0951 0.1819 -0.0322 0.0281  -0.0055 139 PRO A CG  
899  C CD  . PRO A 59 ? 0.0555 0.0839 0.1339 -0.0049 0.0052  -0.0157 139 PRO A CD  
907  N N   . SER A 60 ? 0.0518 0.0666 0.0968 0.0177  0.0046  0.0091  140 SER A N   
908  C CA  . SER A 60 ? 0.0637 0.1079 0.0808 0.0219  -0.0167 0.0092  140 SER A CA  
909  C C   . SER A 60 ? 0.0944 0.0743 0.1027 0.0096  -0.0056 -0.0049 140 SER A C   
910  O O   . SER A 60 ? 0.1287 0.0720 0.1319 0.0235  0.0267  0.0127  140 SER A O   
911  C CB  . SER A 60 ? 0.0590 0.1059 0.1346 0.0019  0.0255  -0.0120 140 SER A CB  
912  O OG  . SER A 60 ? 0.0814 0.1067 0.1611 -0.0243 0.0086  0.0107  140 SER A OG  
918  N N   . ASP A 61 ? 0.0834 0.1017 0.1550 0.0126  -0.0476 0.0054  141 ASP A N   
919  C CA  . ASP A 61 ? 0.1257 0.1172 0.2063 0.0484  -0.0322 0.0084  141 ASP A CA  
920  C C   . ASP A 61 ? 0.1404 0.2291 0.2551 0.0486  -0.0366 0.0699  141 ASP A C   
921  O O   . ASP A 61 ? 0.1929 0.2714 0.2905 0.0798  -0.0333 0.1091  141 ASP A O   
922  C CB  . ASP A 61 ? 0.1412 0.1043 0.2117 0.0193  -0.0272 -0.0383 141 ASP A CB  
923  C CG  . ASP A 61 ? 0.1305 0.1159 0.2377 -0.0004 -0.0313 -0.0615 141 ASP A CG  
924  O OD1 . ASP A 61 ? 0.1247 0.1426 0.2674 0.0092  -0.0040 -0.0932 141 ASP A OD1 
925  O OD2 . ASP A 61 ? 0.1291 0.1345 0.2514 0.0268  -0.0209 -0.0579 141 ASP A OD2 
926  O OXT . ASP A 61 ? 0.1515 0.2908 0.2234 0.0067  -0.0514 0.0798  141 ASP A OXT 
931  C C   . ACE B 1  ? 0.1319 0.1514 0.1477 -0.0632 -0.0052 0.0160  0   ACE B C   
932  O O   . ACE B 1  ? 0.1844 0.1660 0.1628 -0.0696 0.0048  -0.0066 0   ACE B O   
933  C CH3 . ACE B 1  ? 0.1643 0.1687 0.1357 -0.0703 -0.0058 0.0126  0   ACE B CH3 
934  N N   . ALA B 2  ? 0.0915 0.1052 0.1336 -0.0273 0.0096  0.0285  1   ALA B N   
935  C CA  . ALA B 2  ? 0.0745 0.1049 0.1216 -0.0143 0.0232  0.0166  1   ALA B CA  
936  C C   . ALA B 2  ? 0.0825 0.1063 0.1316 -0.0058 0.0119  0.0136  1   ALA B C   
937  O O   . ALA B 2  ? 0.0876 0.1279 0.1381 -0.0102 -0.0002 0.0142  1   ALA B O   
938  C CB  . ALA B 2  ? 0.0974 0.1356 0.0979 0.0028  0.0091  0.0392  1   ALA B CB  
944  N N   . PRO B 3  ? 0.0996 0.1143 0.1891 -0.0052 0.0493  0.0251  2   PRO B N   
945  C CA  . PRO B 3  ? 0.0825 0.1445 0.1883 -0.0154 0.0508  0.0229  2   PRO B CA  
946  C C   . PRO B 3  ? 0.0659 0.1503 0.1146 -0.0115 -0.0046 0.0203  2   PRO B C   
947  O O   . PRO B 3  ? 0.0793 0.1201 0.1243 -0.0210 -0.0190 0.0333  2   PRO B O   
948  C CB  . PRO B 3  ? 0.1543 0.1155 0.2351 -0.0223 0.0863  0.0274  2   PRO B CB  
949  C CG  . PRO B 3  ? 0.1673 0.1436 0.2144 -0.0141 0.0715  0.0293  2   PRO B CG  
950  C CD  . PRO B 3  ? 0.1085 0.0922 0.2243 0.0226  0.0612  0.0453  2   PRO B CD  
958  N N   . PRO B 4  ? 0.0845 0.1717 0.1122 -0.0198 -0.0113 -0.0239 3   PRO B N   
959  C CA  . PRO B 4  ? 0.1193 0.1295 0.1060 0.0239  -0.0058 0.0010  3   PRO B CA  
960  C C   . PRO B 4  ? 0.0919 0.1004 0.1069 0.0195  0.0036  0.0184  3   PRO B C   
961  O O   . PRO B 4  ? 0.1317 0.0936 0.1332 -0.0182 -0.0177 0.0264  3   PRO B O   
962  C CB  . PRO B 4  ? 0.1061 0.2923 0.0958 0.0444  -0.0211 -0.0026 3   PRO B CB  
963  C CG  . PRO B 4  ? 0.1292 0.3653 0.2160 0.0095  -0.0083 -0.0008 3   PRO B CG  
964  C CD  . PRO B 4  ? 0.0889 0.2828 0.1646 -0.0112 -0.0133 -0.0348 3   PRO B CD  
972  N N   . LEU B 5  ? 0.1127 0.0934 0.0841 0.0023  0.0058  0.0195  4   LEU B N   
973  C CA  . LEU B 5  ? 0.0950 0.1137 0.0887 0.0062  0.0060  0.0124  4   LEU B CA  
974  C C   . LEU B 5  ? 0.0902 0.1359 0.0810 -0.0055 -0.0153 0.0335  4   LEU B C   
975  O O   . LEU B 5  ? 0.0868 0.2128 0.0967 0.0048  -0.0084 0.0473  4   LEU B O   
976  C CB  . LEU B 5  ? 0.0949 0.1134 0.0955 0.0066  0.0182  0.0109  4   LEU B CB  
977  C CG  . LEU B 5  ? 0.0912 0.1140 0.1140 -0.0108 0.0028  0.0367  4   LEU B CG  
978  C CD1 . LEU B 5  ? 0.1229 0.1609 0.1662 -0.0258 -0.0041 0.0573  4   LEU B CD1 
979  C CD2 . LEU B 5  ? 0.0808 0.1904 0.0831 -0.0131 0.0032  0.0062  4   LEU B CD2 
991  N N   . PRO B 6  ? 0.0743 0.1712 0.0647 -0.0175 -0.0151 0.0290  5   PRO B N   
992  C CA  . PRO B 6  ? 0.1136 0.1402 0.0737 -0.0485 -0.0278 0.0333  5   PRO B CA  
993  C C   . PRO B 6  ? 0.0840 0.1326 0.0924 -0.0304 -0.0364 0.0409  5   PRO B C   
994  O O   . PRO B 6  ? 0.0530 0.1108 0.1055 0.0003  -0.0172 0.0435  5   PRO B O   
995  C CB  . PRO B 6  ? 0.1589 0.1272 0.1478 -0.0567 0.0125  0.0537  5   PRO B CB  
996  C CG  . PRO B 6  ? 0.1242 0.1350 0.1211 -0.0357 -0.0160 0.0715  5   PRO B CG  
997  C CD  . PRO B 6  ? 0.0797 0.1023 0.1024 -0.0281 -0.0129 0.0286  5   PRO B CD  
1005 N N   . PRO B 7  ? 0.0794 0.1680 0.1286 -0.0274 -0.0423 0.0387  6   PRO B N   
1006 C CA  . PRO B 7  ? 0.0675 0.1684 0.1249 -0.0228 -0.0249 0.0268  6   PRO B CA  
1007 C C   . PRO B 7  ? 0.0537 0.1380 0.1148 -0.0043 -0.0037 0.0488  6   PRO B C   
1008 O O   . PRO B 7  ? 0.0656 0.1057 0.1238 -0.0158 -0.0165 0.0363  6   PRO B O   
1009 C CB  . PRO B 7  ? 0.0818 0.1810 0.1521 0.0131  -0.0306 0.0229  6   PRO B CB  
1010 C CG  . PRO B 7  ? 0.0976 0.2354 0.1917 -0.0334 -0.0186 -0.0003 6   PRO B CG  
1011 C CD  . PRO B 7  ? 0.0841 0.2409 0.1398 -0.0432 -0.0266 -0.0073 6   PRO B CD  
1019 N N   . ARG B 8  ? 0.0863 0.1188 0.1263 0.0029  0.0045  0.0457  7   ARG B N   
1020 C CA  . ARG B 8  ? 0.0638 0.0893 0.0991 0.0350  0.0025  0.0294  7   ARG B CA  
1021 C C   . ARG B 8  ? 0.0818 0.1241 0.1048 0.0031  0.0083  0.0239  7   ARG B C   
1022 O O   . ARG B 8  ? 0.0918 0.1151 0.1291 0.0035  0.0053  0.0491  7   ARG B O   
1023 C CB  . ARG B 8  ? 0.1115 0.1028 0.1431 0.0219  0.0286  0.0209  7   ARG B CB  
1024 C CG  . ARG B 8  ? 0.0863 0.1435 0.1516 -0.0092 0.0087  0.0333  7   ARG B CG  
1025 C CD  . ARG B 8  ? 0.1179 0.1317 0.1782 -0.0053 0.0248  0.0468  7   ARG B CD  
1026 N NE  . ARG B 8  ? 0.1105 0.1424 0.1887 0.0084  0.0134  0.0651  7   ARG B NE  
1027 C CZ  . ARG B 8  ? 0.0924 0.0895 0.1769 0.0109  -0.0126 0.0322  7   ARG B CZ  
1028 N NH1 . ARG B 8  ? 0.0999 0.0937 0.1518 0.0172  0.0046  0.0061  7   ARG B NH1 
1029 N NH2 . ARG B 8  ? 0.0903 0.1463 0.1770 0.0107  -0.0160 0.0579  7   ARG B NH2 
1043 N N   . ASN B 9  ? 0.0781 0.0707 0.0941 0.0182  0.0062  0.0011  8   ASN B N   
1044 C CA  . ASN B 9  ? 0.0750 0.0842 0.0876 0.0112  0.0098  0.0052  8   ASN B CA  
1045 C C   . ASN B 9  ? 0.0720 0.0724 0.1006 0.0055  0.0074  -0.0012 8   ASN B C   
1046 O O   . ASN B 9  ? 0.0661 0.0788 0.1251 0.0066  -0.0014 0.0069  8   ASN B O   
1047 C CB  . ASN B 9  ? 0.0770 0.0610 0.0939 0.0272  0.0080  0.0244  8   ASN B CB  
1048 C CG  . ASN B 9  ? 0.0618 0.0822 0.0709 0.0071  -0.0044 0.0049  8   ASN B CG  
1049 O OD1 . ASN B 9  ? 0.0693 0.0670 0.0925 0.0001  -0.0070 -0.0106 8   ASN B OD1 
1050 N ND2 . ASN B 9  ? 0.0696 0.0745 0.0657 0.0012  0.0165  -0.0019 8   ASN B ND2 
1057 N N   . ARG B 10 ? 0.0583 0.0733 0.0990 -0.0002 0.0000  -0.0099 9   ARG B N   
1058 C CA  . ARG B 10 ? 0.0656 0.0907 0.1035 0.0319  -0.0011 -0.0166 9   ARG B CA  
1059 C C   . ARG B 10 ? 0.0578 0.0917 0.1219 0.0217  -0.0025 -0.0051 9   ARG B C   
1060 O O   . ARG B 10 ? 0.0594 0.0868 0.1194 0.0212  -0.0073 -0.0062 9   ARG B O   
1061 C CB  . ARG B 10 ? 0.0448 0.1365 0.1308 0.0207  -0.0043 -0.0243 9   ARG B CB  
1062 C CG  . ARG B 10 ? 0.0832 0.1301 0.1580 0.0080  0.0003  -0.0280 9   ARG B CG  
1063 C CD  . ARG B 10 ? 0.1003 0.1836 0.2094 0.0076  0.0124  0.0081  9   ARG B CD  
1064 N NE  . ARG B 10 ? 0.1315 0.2151 0.3044 0.0015  0.0746  -0.0169 9   ARG B NE  
1065 C CZ  . ARG B 10 ? 0.1705 0.2886 0.3425 -0.0163 0.0622  0.0180  9   ARG B CZ  
1066 N NH1 . ARG B 10 ? 0.1778 0.3500 0.3066 -0.0157 0.0654  0.0189  9   ARG B NH1 
1067 N NH2 . ARG B 10 ? 0.2433 0.2663 0.3768 -0.0212 0.0734  0.0249  9   ARG B NH2 
1081 N N   . PRO B 11 ? 0.0701 0.0812 0.1088 0.0245  -0.0269 -0.0092 10  PRO B N   
1082 C CA  . PRO B 11 ? 0.0747 0.0928 0.1188 0.0211  -0.0199 -0.0273 10  PRO B CA  
1083 C C   . PRO B 11 ? 0.0642 0.1113 0.1368 0.0102  0.0044  -0.0177 10  PRO B C   
1084 O O   . PRO B 11 ? 0.0639 0.1651 0.1446 0.0070  0.0021  -0.0157 10  PRO B O   
1085 C CB  . PRO B 11 ? 0.1143 0.1076 0.1521 0.0181  0.0004  -0.0392 10  PRO B CB  
1086 C CG  . PRO B 11 ? 0.1028 0.1069 0.1561 0.0171  -0.0120 -0.0194 10  PRO B CG  
1087 C CD  . PRO B 11 ? 0.0920 0.0581 0.1306 0.0314  -0.0252 -0.0142 10  PRO B CD  
1095 N N   . ARG B 12 ? 0.0719 0.1337 0.1066 0.0283  0.0292  -0.0095 11  ARG B N   
1096 C CA  . ARG B 12 ? 0.1016 0.1320 0.1284 0.0155  0.0339  -0.0210 11  ARG B CA  
1097 C C   . ARG B 12 ? 0.0726 0.1811 0.1169 -0.0020 -0.0033 0.0014  11  ARG B C   
1098 O O   . ARG B 12 ? 0.0842 0.1843 0.1238 -0.0246 0.0329  -0.0383 11  ARG B O   
1099 C CB  . ARG B 12 ? 0.1139 0.1649 0.1489 0.0135  0.0102  -0.0089 11  ARG B CB  
1100 C CG  . ARG B 12 ? 0.1927 0.1763 0.2335 -0.0023 0.0156  0.0035  11  ARG B CG  
1101 C CD  . ARG B 12 ? 0.2367 0.1475 0.2886 -0.0154 0.0368  0.0011  11  ARG B CD  
1102 N NE  . ARG B 12 ? 0.2633 0.1483 0.3074 -0.0279 0.0467  -0.0014 11  ARG B NE  
1103 C CZ  . ARG B 12 ? 0.3223 0.2419 0.2925 -0.0217 0.0880  -0.0469 11  ARG B CZ  
1104 N NH1 . ARG B 12 ? 0.2831 0.3057 0.2866 -0.0295 0.0812  -0.0331 11  ARG B NH1 
1105 N NH2 . ARG B 12 ? 0.3870 0.2381 0.3250 -0.0167 0.1375  -0.0659 11  ARG B NH2 
1119 N N   . LEU B 13 ? 0.0754 0.1446 0.1393 -0.0002 0.0154  -0.0182 12  LEU B N   
1120 C CA  . LEU B 13 ? 0.0939 0.1516 0.1345 0.0285  0.0153  -0.0227 12  LEU B CA  
1121 C C   . LEU B 13 ? 0.1888 0.1649 0.1357 0.0335  -0.0046 -0.0255 12  LEU B C   
1122 O O   . LEU B 13 ? 0.1735 0.2291 0.1765 0.0253  -0.0195 -0.0162 12  LEU B O   
1123 C CB  . LEU B 13 ? 0.1368 0.1788 0.1659 0.0478  0.0244  -0.0197 12  LEU B CB  
1124 C CG  . LEU B 13 ? 0.1668 0.2463 0.1478 0.0354  -0.0202 -0.0284 12  LEU B CG  
1125 C CD1 . LEU B 13 ? 0.1793 0.2924 0.1768 0.0683  -0.0026 -0.0259 12  LEU B CD1 
1126 C CD2 . LEU B 13 ? 0.2223 0.2435 0.1935 0.0127  -0.0250 0.0045  12  LEU B CD2 
1127 O OXT . LEU B 13 ? 0.2168 0.1992 0.2122 0.0607  0.0094  -0.0089 12  LEU B OXT 
1139 S S   . SO4 C .  ? 0.2866 0.2248 0.2417 -0.0941 0.0405  -0.0294 201 SO4 A S   
1140 O O1  . SO4 C .  ? 0.2669 0.3471 0.2801 -0.1374 0.0010  -0.0162 201 SO4 A O1  
1141 O O2  . SO4 C .  ? 0.2914 0.2625 0.2073 -0.1234 0.0288  0.0092  201 SO4 A O2  
1142 O O3  . SO4 C .  ? 0.3092 0.2296 0.3166 -0.0275 0.0672  -0.0065 201 SO4 A O3  
1143 O O4  . SO4 C .  ? 0.3251 0.2030 0.2169 -0.0964 0.0871  -0.0885 201 SO4 A O4  
# 
